data_1MNB
# 
_entry.id   1MNB 
# 
_audit_conform.dict_name       mmcif_pdbx.dic 
_audit_conform.dict_version    5.392 
_audit_conform.dict_location   http://mmcif.pdb.org/dictionaries/ascii/mmcif_pdbx.dic 
# 
loop_
_database_2.database_id 
_database_2.database_code 
_database_2.pdbx_database_accession 
_database_2.pdbx_DOI 
PDB   1MNB         pdb_00001mnb 10.2210/pdb1mnb/pdb 
WWPDB D_1000175081 ?            ?                   
# 
loop_
_pdbx_audit_revision_history.ordinal 
_pdbx_audit_revision_history.data_content_type 
_pdbx_audit_revision_history.major_revision 
_pdbx_audit_revision_history.minor_revision 
_pdbx_audit_revision_history.revision_date 
1 'Structure model' 1 0 1997-01-27 
2 'Structure model' 1 1 2008-03-24 
3 'Structure model' 1 2 2011-07-13 
4 'Structure model' 1 3 2022-02-23 
5 'Structure model' 1 4 2024-05-22 
# 
_pdbx_audit_revision_details.ordinal             1 
_pdbx_audit_revision_details.revision_ordinal    1 
_pdbx_audit_revision_details.data_content_type   'Structure model' 
_pdbx_audit_revision_details.provider            repository 
_pdbx_audit_revision_details.type                'Initial release' 
_pdbx_audit_revision_details.description         ? 
_pdbx_audit_revision_details.details             ? 
# 
loop_
_pdbx_audit_revision_group.ordinal 
_pdbx_audit_revision_group.revision_ordinal 
_pdbx_audit_revision_group.data_content_type 
_pdbx_audit_revision_group.group 
1 2 'Structure model' 'Version format compliance' 
2 3 'Structure model' 'Version format compliance' 
3 4 'Structure model' 'Database references'       
4 4 'Structure model' 'Derived calculations'      
5 4 'Structure model' Other                       
6 5 'Structure model' 'Data collection'           
# 
loop_
_pdbx_audit_revision_category.ordinal 
_pdbx_audit_revision_category.revision_ordinal 
_pdbx_audit_revision_category.data_content_type 
_pdbx_audit_revision_category.category 
1 4 'Structure model' database_2            
2 4 'Structure model' pdbx_database_status  
3 4 'Structure model' pdbx_struct_assembly  
4 4 'Structure model' pdbx_struct_oper_list 
5 5 'Structure model' chem_comp_atom        
6 5 'Structure model' chem_comp_bond        
# 
loop_
_pdbx_audit_revision_item.ordinal 
_pdbx_audit_revision_item.revision_ordinal 
_pdbx_audit_revision_item.data_content_type 
_pdbx_audit_revision_item.item 
1 4 'Structure model' '_database_2.pdbx_DOI'                
2 4 'Structure model' '_database_2.pdbx_database_accession' 
3 4 'Structure model' '_pdbx_database_status.process_site'  
# 
_pdbx_database_status.status_code                     REL 
_pdbx_database_status.entry_id                        1MNB 
_pdbx_database_status.recvd_initial_deposition_date   1996-07-25 
_pdbx_database_status.deposit_site                    ? 
_pdbx_database_status.process_site                    BNL 
_pdbx_database_status.SG_entry                        . 
_pdbx_database_status.pdb_format_compatible           Y 
_pdbx_database_status.status_code_mr                  ? 
_pdbx_database_status.status_code_sf                  ? 
_pdbx_database_status.status_code_cs                  ? 
_pdbx_database_status.status_code_nmr_data            ? 
_pdbx_database_status.methods_development_category    ? 
# 
loop_
_audit_author.name 
_audit_author.pdbx_ordinal 
'Puglisi, J.D.' 1 
'Chen, L.'      2 
'Blanchard, S.' 3 
'Frankel, A.D.' 4 
# 
_citation.id                        primary 
_citation.title                     'Solution structure of a bovine immunodeficiency virus Tat-TAR peptide-RNA complex.' 
_citation.journal_abbrev            Science 
_citation.journal_volume            270 
_citation.page_first                1200 
_citation.page_last                 1203 
_citation.year                      1995 
_citation.journal_id_ASTM           SCIEAS 
_citation.country                   US 
_citation.journal_id_ISSN           0036-8075 
_citation.journal_id_CSD            0038 
_citation.book_publisher            ? 
_citation.pdbx_database_id_PubMed   7502045 
_citation.pdbx_database_id_DOI      ? 
# 
loop_
_citation_author.citation_id 
_citation_author.name 
_citation_author.ordinal 
_citation_author.identifier_ORCID 
primary 'Puglisi, J.D.' 1 ? 
primary 'Chen, L.'      2 ? 
primary 'Blanchard, S.' 3 ? 
primary 'Frankel, A.D.' 4 ? 
# 
loop_
_entity.id 
_entity.type 
_entity.src_method 
_entity.pdbx_description 
_entity.formula_weight 
_entity.pdbx_number_of_molecules 
_entity.pdbx_ec 
_entity.pdbx_mutation 
_entity.pdbx_fragment 
_entity.details 
1 polymer syn 'BIV TAR RNA'     8923.310 1 ? ? 'RESIDUES 4 - 32'  ? 
2 polymer man 'BIV TAT PEPTIDE' 1730.083 1 ? ? 'RESIDUES 68 - 81' ? 
# 
loop_
_entity_poly.entity_id 
_entity_poly.type 
_entity_poly.nstd_linkage 
_entity_poly.nstd_monomer 
_entity_poly.pdbx_seq_one_letter_code 
_entity_poly.pdbx_seq_one_letter_code_can 
_entity_poly.pdbx_strand_id 
_entity_poly.pdbx_target_identifier 
1 polyribonucleotide no no GGCUCGUGUAGCUCAUUAGCUCCGAGCC GGCUCGUGUAGCUCAUUAGCUCCGAGCC B ? 
2 'polypeptide(L)'   no no RPRGTRGKGRRIRR               RPRGTRGKGRRIRR               A ? 
# 
loop_
_entity_poly_seq.entity_id 
_entity_poly_seq.num 
_entity_poly_seq.mon_id 
_entity_poly_seq.hetero 
1 1  G   n 
1 2  G   n 
1 3  C   n 
1 4  U   n 
1 5  C   n 
1 6  G   n 
1 7  U   n 
1 8  G   n 
1 9  U   n 
1 10 A   n 
1 11 G   n 
1 12 C   n 
1 13 U   n 
1 14 C   n 
1 15 A   n 
1 16 U   n 
1 17 U   n 
1 18 A   n 
1 19 G   n 
1 20 C   n 
1 21 U   n 
1 22 C   n 
1 23 C   n 
1 24 G   n 
1 25 A   n 
1 26 G   n 
1 27 C   n 
1 28 C   n 
2 1  ARG n 
2 2  PRO n 
2 3  ARG n 
2 4  GLY n 
2 5  THR n 
2 6  ARG n 
2 7  GLY n 
2 8  LYS n 
2 9  GLY n 
2 10 ARG n 
2 11 ARG n 
2 12 ILE n 
2 13 ARG n 
2 14 ARG n 
# 
loop_
_chem_comp.id 
_chem_comp.type 
_chem_comp.mon_nstd_flag 
_chem_comp.name 
_chem_comp.pdbx_synonyms 
_chem_comp.formula 
_chem_comp.formula_weight 
A   'RNA linking'       y "ADENOSINE-5'-MONOPHOSPHATE" ? 'C10 H14 N5 O7 P' 347.221 
ARG 'L-peptide linking' y ARGININE                     ? 'C6 H15 N4 O2 1'  175.209 
C   'RNA linking'       y "CYTIDINE-5'-MONOPHOSPHATE"  ? 'C9 H14 N3 O8 P'  323.197 
G   'RNA linking'       y "GUANOSINE-5'-MONOPHOSPHATE" ? 'C10 H14 N5 O8 P' 363.221 
GLY 'peptide linking'   y GLYCINE                      ? 'C2 H5 N O2'      75.067  
ILE 'L-peptide linking' y ISOLEUCINE                   ? 'C6 H13 N O2'     131.173 
LYS 'L-peptide linking' y LYSINE                       ? 'C6 H15 N2 O2 1'  147.195 
PRO 'L-peptide linking' y PROLINE                      ? 'C5 H9 N O2'      115.130 
THR 'L-peptide linking' y THREONINE                    ? 'C4 H9 N O3'      119.119 
U   'RNA linking'       y "URIDINE-5'-MONOPHOSPHATE"   ? 'C9 H13 N2 O9 P'  324.181 
# 
loop_
_pdbx_poly_seq_scheme.asym_id 
_pdbx_poly_seq_scheme.entity_id 
_pdbx_poly_seq_scheme.seq_id 
_pdbx_poly_seq_scheme.mon_id 
_pdbx_poly_seq_scheme.ndb_seq_num 
_pdbx_poly_seq_scheme.pdb_seq_num 
_pdbx_poly_seq_scheme.auth_seq_num 
_pdbx_poly_seq_scheme.pdb_mon_id 
_pdbx_poly_seq_scheme.auth_mon_id 
_pdbx_poly_seq_scheme.pdb_strand_id 
_pdbx_poly_seq_scheme.pdb_ins_code 
_pdbx_poly_seq_scheme.hetero 
A 1 1  G   1  1  1  G   G   B . n 
A 1 2  G   2  2  2  G   G   B . n 
A 1 3  C   3  3  3  C   C   B . n 
A 1 4  U   4  4  4  U   U   B . n 
A 1 5  C   5  5  5  C   C   B . n 
A 1 6  G   6  6  6  G   G   B . n 
A 1 7  U   7  7  7  U   U   B . n 
A 1 8  G   8  8  8  G   G   B . n 
A 1 9  U   9  9  9  U   U   B . n 
A 1 10 A   10 10 10 A   A   B . n 
A 1 11 G   11 11 11 G   G   B . n 
A 1 12 C   12 12 12 C   C   B . n 
A 1 13 U   13 13 13 U   U   B . n 
A 1 14 C   14 14 14 C   C   B . n 
A 1 15 A   15 15 15 A   A   B . n 
A 1 16 U   16 16 16 U   U   B . n 
A 1 17 U   17 17 17 U   U   B . n 
A 1 18 A   18 18 18 A   A   B . n 
A 1 19 G   19 19 19 G   G   B . n 
A 1 20 C   20 20 20 C   C   B . n 
A 1 21 U   21 21 21 U   U   B . n 
A 1 22 C   22 22 22 C   C   B . n 
A 1 23 C   23 23 23 C   C   B . n 
A 1 24 G   24 24 24 G   G   B . n 
A 1 25 A   25 25 25 A   A   B . n 
A 1 26 G   26 26 26 G   G   B . n 
A 1 27 C   27 27 27 C   C   B . n 
A 1 28 C   28 28 28 C   C   B . n 
B 2 1  ARG 1  1  1  ARG ARG A . n 
B 2 2  PRO 2  2  2  PRO PRO A . n 
B 2 3  ARG 3  3  3  ARG ARG A . n 
B 2 4  GLY 4  4  4  GLY GLY A . n 
B 2 5  THR 5  5  5  THR THR A . n 
B 2 6  ARG 6  6  6  ARG ARG A . n 
B 2 7  GLY 7  7  7  GLY GLY A . n 
B 2 8  LYS 8  8  8  LYS LYS A . n 
B 2 9  GLY 9  9  9  GLY GLY A . n 
B 2 10 ARG 10 10 10 ARG ARG A . n 
B 2 11 ARG 11 11 11 ARG ARG A . n 
B 2 12 ILE 12 12 12 ILE ILE A . n 
B 2 13 ARG 13 13 13 ARG ARG A . n 
B 2 14 ARG 14 14 14 ARG ARG A . n 
# 
_cell.entry_id           1MNB 
_cell.length_a           1.000 
_cell.length_b           1.000 
_cell.length_c           1.000 
_cell.angle_alpha        90.00 
_cell.angle_beta         90.00 
_cell.angle_gamma        90.00 
_cell.Z_PDB              1 
_cell.pdbx_unique_axis   ? 
# 
_symmetry.entry_id                         1MNB 
_symmetry.space_group_name_H-M             'P 1' 
_symmetry.pdbx_full_space_group_name_H-M   ? 
_symmetry.cell_setting                     ? 
_symmetry.Int_Tables_number                1 
# 
_exptl.entry_id          1MNB 
_exptl.method            'SOLUTION NMR' 
_exptl.crystals_number   ? 
# 
_struct.entry_id                  1MNB 
_struct.title                     'BIV TAT PEPTIDE (RESIDUES 68-81), NMR, MINIMIZED AVERAGE STRUCTURE' 
_struct.pdbx_model_details        ? 
_struct.pdbx_CASP_flag            ? 
_struct.pdbx_model_type_details   ? 
# 
_struct_keywords.entry_id        1MNB 
_struct_keywords.pdbx_keywords   'Viral protein/RNA' 
_struct_keywords.text            'COMPLEX (REGULATORY PROTEIN-RNA), TRANSCRIPTION REGULATION, Viral protein-RNA COMPLEX' 
# 
loop_
_struct_asym.id 
_struct_asym.pdbx_blank_PDB_chainid_flag 
_struct_asym.pdbx_modified 
_struct_asym.entity_id 
_struct_asym.details 
A N N 1 ? 
B N N 2 ? 
# 
loop_
_struct_ref.id 
_struct_ref.db_name 
_struct_ref.db_code 
_struct_ref.entity_id 
_struct_ref.pdbx_seq_one_letter_code 
_struct_ref.pdbx_align_begin 
_struct_ref.pdbx_db_accession 
_struct_ref.pdbx_db_isoform 
1 UNP TAT_BIV06 2 ? ? P19564 ? 
2 PDB 1MNB      1 ? ? 1MNB   ? 
# 
loop_
_struct_ref_seq.align_id 
_struct_ref_seq.ref_id 
_struct_ref_seq.pdbx_PDB_id_code 
_struct_ref_seq.pdbx_strand_id 
_struct_ref_seq.seq_align_beg 
_struct_ref_seq.pdbx_seq_align_beg_ins_code 
_struct_ref_seq.seq_align_end 
_struct_ref_seq.pdbx_seq_align_end_ins_code 
_struct_ref_seq.pdbx_db_accession 
_struct_ref_seq.db_align_beg 
_struct_ref_seq.pdbx_db_align_beg_ins_code 
_struct_ref_seq.db_align_end 
_struct_ref_seq.pdbx_db_align_end_ins_code 
_struct_ref_seq.pdbx_auth_seq_align_beg 
_struct_ref_seq.pdbx_auth_seq_align_end 
1 1 1MNB A 1 ? 14 ? P19564 68 ? 81 ? 1 14 
2 2 1MNB B 1 ? 28 ? 1MNB   1  ? 28 ? 1 28 
# 
_pdbx_struct_assembly.id                   1 
_pdbx_struct_assembly.details              author_defined_assembly 
_pdbx_struct_assembly.method_details       ? 
_pdbx_struct_assembly.oligomeric_details   dimeric 
_pdbx_struct_assembly.oligomeric_count     2 
# 
_pdbx_struct_assembly_gen.assembly_id       1 
_pdbx_struct_assembly_gen.oper_expression   1 
_pdbx_struct_assembly_gen.asym_id_list      A,B 
# 
_pdbx_struct_oper_list.id                   1 
_pdbx_struct_oper_list.type                 'identity operation' 
_pdbx_struct_oper_list.name                 1_555 
_pdbx_struct_oper_list.symmetry_operation   x,y,z 
_pdbx_struct_oper_list.matrix[1][1]         1.0000000000 
_pdbx_struct_oper_list.matrix[1][2]         0.0000000000 
_pdbx_struct_oper_list.matrix[1][3]         0.0000000000 
_pdbx_struct_oper_list.vector[1]            0.0000000000 
_pdbx_struct_oper_list.matrix[2][1]         0.0000000000 
_pdbx_struct_oper_list.matrix[2][2]         1.0000000000 
_pdbx_struct_oper_list.matrix[2][3]         0.0000000000 
_pdbx_struct_oper_list.vector[2]            0.0000000000 
_pdbx_struct_oper_list.matrix[3][1]         0.0000000000 
_pdbx_struct_oper_list.matrix[3][2]         0.0000000000 
_pdbx_struct_oper_list.matrix[3][3]         1.0000000000 
_pdbx_struct_oper_list.vector[3]            0.0000000000 
# 
_struct_biol.id   1 
# 
loop_
_struct_conn.id 
_struct_conn.conn_type_id 
_struct_conn.pdbx_leaving_atom_flag 
_struct_conn.pdbx_PDB_id 
_struct_conn.ptnr1_label_asym_id 
_struct_conn.ptnr1_label_comp_id 
_struct_conn.ptnr1_label_seq_id 
_struct_conn.ptnr1_label_atom_id 
_struct_conn.pdbx_ptnr1_label_alt_id 
_struct_conn.pdbx_ptnr1_PDB_ins_code 
_struct_conn.pdbx_ptnr1_standard_comp_id 
_struct_conn.ptnr1_symmetry 
_struct_conn.ptnr2_label_asym_id 
_struct_conn.ptnr2_label_comp_id 
_struct_conn.ptnr2_label_seq_id 
_struct_conn.ptnr2_label_atom_id 
_struct_conn.pdbx_ptnr2_label_alt_id 
_struct_conn.pdbx_ptnr2_PDB_ins_code 
_struct_conn.ptnr1_auth_asym_id 
_struct_conn.ptnr1_auth_comp_id 
_struct_conn.ptnr1_auth_seq_id 
_struct_conn.ptnr2_auth_asym_id 
_struct_conn.ptnr2_auth_comp_id 
_struct_conn.ptnr2_auth_seq_id 
_struct_conn.ptnr2_symmetry 
_struct_conn.pdbx_ptnr3_label_atom_id 
_struct_conn.pdbx_ptnr3_label_seq_id 
_struct_conn.pdbx_ptnr3_label_comp_id 
_struct_conn.pdbx_ptnr3_label_asym_id 
_struct_conn.pdbx_ptnr3_label_alt_id 
_struct_conn.pdbx_ptnr3_PDB_ins_code 
_struct_conn.details 
_struct_conn.pdbx_dist_value 
_struct_conn.pdbx_value_order 
_struct_conn.pdbx_role 
hydrog1  hydrog ? ? A G 1  O6 ? ? ? 1_555 A C 27 N4 ? ? B G 1  B C 27 1_555 ? ? ? ? ? ? 'G-C PAIR'   ? ? ? 
hydrog2  hydrog ? ? A G 1  N1 ? ? ? 1_555 A C 28 N3 ? ? B G 1  B C 28 1_555 ? ? ? ? ? ? WATSON-CRICK ? ? ? 
hydrog3  hydrog ? ? A G 1  N2 ? ? ? 1_555 A C 28 O2 ? ? B G 1  B C 28 1_555 ? ? ? ? ? ? WATSON-CRICK ? ? ? 
hydrog4  hydrog ? ? A G 1  O6 ? ? ? 1_555 A C 28 N4 ? ? B G 1  B C 28 1_555 ? ? ? ? ? ? WATSON-CRICK ? ? ? 
hydrog5  hydrog ? ? A G 2  N1 ? ? ? 1_555 A C 27 N3 ? ? B G 2  B C 27 1_555 ? ? ? ? ? ? WATSON-CRICK ? ? ? 
hydrog6  hydrog ? ? A G 2  N2 ? ? ? 1_555 A C 27 O2 ? ? B G 2  B C 27 1_555 ? ? ? ? ? ? WATSON-CRICK ? ? ? 
hydrog7  hydrog ? ? A G 2  O6 ? ? ? 1_555 A C 27 N4 ? ? B G 2  B C 27 1_555 ? ? ? ? ? ? WATSON-CRICK ? ? ? 
hydrog8  hydrog ? ? A C 3  N3 ? ? ? 1_555 A G 26 N1 ? ? B C 3  B G 26 1_555 ? ? ? ? ? ? WATSON-CRICK ? ? ? 
hydrog9  hydrog ? ? A C 3  N4 ? ? ? 1_555 A G 26 O6 ? ? B C 3  B G 26 1_555 ? ? ? ? ? ? WATSON-CRICK ? ? ? 
hydrog10 hydrog ? ? A C 3  O2 ? ? ? 1_555 A G 26 N2 ? ? B C 3  B G 26 1_555 ? ? ? ? ? ? WATSON-CRICK ? ? ? 
hydrog11 hydrog ? ? A U 4  N3 ? ? ? 1_555 A A 25 N1 ? ? B U 4  B A 25 1_555 ? ? ? ? ? ? WATSON-CRICK ? ? ? 
hydrog12 hydrog ? ? A U 4  O4 ? ? ? 1_555 A A 25 N6 ? ? B U 4  B A 25 1_555 ? ? ? ? ? ? WATSON-CRICK ? ? ? 
hydrog13 hydrog ? ? A C 5  N3 ? ? ? 1_555 A G 24 N1 ? ? B C 5  B G 24 1_555 ? ? ? ? ? ? WATSON-CRICK ? ? ? 
hydrog14 hydrog ? ? A C 5  N4 ? ? ? 1_555 A G 24 O6 ? ? B C 5  B G 24 1_555 ? ? ? ? ? ? WATSON-CRICK ? ? ? 
hydrog15 hydrog ? ? A C 5  O2 ? ? ? 1_555 A G 24 N2 ? ? B C 5  B G 24 1_555 ? ? ? ? ? ? WATSON-CRICK ? ? ? 
hydrog16 hydrog ? ? A G 6  N1 ? ? ? 1_555 A C 23 N3 ? ? B G 6  B C 23 1_555 ? ? ? ? ? ? WATSON-CRICK ? ? ? 
hydrog17 hydrog ? ? A G 6  N2 ? ? ? 1_555 A C 23 O2 ? ? B G 6  B C 23 1_555 ? ? ? ? ? ? WATSON-CRICK ? ? ? 
hydrog18 hydrog ? ? A G 6  O6 ? ? ? 1_555 A C 23 N4 ? ? B G 6  B C 23 1_555 ? ? ? ? ? ? WATSON-CRICK ? ? ? 
hydrog19 hydrog ? ? A U 7  N3 ? ? ? 1_555 A A 10 N7 ? ? B U 7  B A 10 1_555 ? ? ? ? ? ? 'U-A PAIR'   ? ? ? 
hydrog20 hydrog ? ? A G 8  N1 ? ? ? 1_555 A C 22 N3 ? ? B G 8  B C 22 1_555 ? ? ? ? ? ? WATSON-CRICK ? ? ? 
hydrog21 hydrog ? ? A G 8  N2 ? ? ? 1_555 A C 22 O2 ? ? B G 8  B C 22 1_555 ? ? ? ? ? ? WATSON-CRICK ? ? ? 
hydrog22 hydrog ? ? A G 8  O6 ? ? ? 1_555 A C 22 N4 ? ? B G 8  B C 22 1_555 ? ? ? ? ? ? WATSON-CRICK ? ? ? 
hydrog23 hydrog ? ? A G 8  N1 ? ? ? 1_555 A C 23 O2 ? ? B G 8  B C 23 1_555 ? ? ? ? ? ? 'G-C PAIR'   ? ? ? 
hydrog24 hydrog ? ? A A 10 N1 ? ? ? 1_555 A U 21 N3 ? ? B A 10 B U 21 1_555 ? ? ? ? ? ? WATSON-CRICK ? ? ? 
hydrog25 hydrog ? ? A A 10 N6 ? ? ? 1_555 A U 21 O4 ? ? B A 10 B U 21 1_555 ? ? ? ? ? ? WATSON-CRICK ? ? ? 
hydrog26 hydrog ? ? A G 11 N1 ? ? ? 1_555 A C 20 N3 ? ? B G 11 B C 20 1_555 ? ? ? ? ? ? WATSON-CRICK ? ? ? 
hydrog27 hydrog ? ? A G 11 N2 ? ? ? 1_555 A C 20 O2 ? ? B G 11 B C 20 1_555 ? ? ? ? ? ? WATSON-CRICK ? ? ? 
hydrog28 hydrog ? ? A G 11 O6 ? ? ? 1_555 A C 20 N4 ? ? B G 11 B C 20 1_555 ? ? ? ? ? ? WATSON-CRICK ? ? ? 
hydrog29 hydrog ? ? A C 12 N3 ? ? ? 1_555 A G 19 N1 ? ? B C 12 B G 19 1_555 ? ? ? ? ? ? WATSON-CRICK ? ? ? 
hydrog30 hydrog ? ? A C 12 N4 ? ? ? 1_555 A G 19 O6 ? ? B C 12 B G 19 1_555 ? ? ? ? ? ? WATSON-CRICK ? ? ? 
hydrog31 hydrog ? ? A C 12 O2 ? ? ? 1_555 A G 19 N2 ? ? B C 12 B G 19 1_555 ? ? ? ? ? ? WATSON-CRICK ? ? ? 
hydrog32 hydrog ? ? A U 13 N3 ? ? ? 1_555 A A 18 N1 ? ? B U 13 B A 18 1_555 ? ? ? ? ? ? WATSON-CRICK ? ? ? 
hydrog33 hydrog ? ? A U 13 O4 ? ? ? 1_555 A A 18 N6 ? ? B U 13 B A 18 1_555 ? ? ? ? ? ? WATSON-CRICK ? ? ? 
# 
_struct_conn_type.id          hydrog 
_struct_conn_type.criteria    ? 
_struct_conn_type.reference   ? 
# 
loop_
_pdbx_validate_rmsd_bond.id 
_pdbx_validate_rmsd_bond.PDB_model_num 
_pdbx_validate_rmsd_bond.auth_atom_id_1 
_pdbx_validate_rmsd_bond.auth_asym_id_1 
_pdbx_validate_rmsd_bond.auth_comp_id_1 
_pdbx_validate_rmsd_bond.auth_seq_id_1 
_pdbx_validate_rmsd_bond.PDB_ins_code_1 
_pdbx_validate_rmsd_bond.label_alt_id_1 
_pdbx_validate_rmsd_bond.auth_atom_id_2 
_pdbx_validate_rmsd_bond.auth_asym_id_2 
_pdbx_validate_rmsd_bond.auth_comp_id_2 
_pdbx_validate_rmsd_bond.auth_seq_id_2 
_pdbx_validate_rmsd_bond.PDB_ins_code_2 
_pdbx_validate_rmsd_bond.label_alt_id_2 
_pdbx_validate_rmsd_bond.bond_value 
_pdbx_validate_rmsd_bond.bond_target_value 
_pdbx_validate_rmsd_bond.bond_deviation 
_pdbx_validate_rmsd_bond.bond_standard_deviation 
_pdbx_validate_rmsd_bond.linker_flag 
1   1 N1 B G 1  ? ? C2 B G 1  ? ? 1.473 1.373 0.100  0.008 N 
2   1 N3 B G 1  ? ? C4 B G 1  ? ? 1.450 1.350 0.100  0.007 N 
3   1 C4 B G 1  ? ? C5 B G 1  ? ? 1.442 1.379 0.063  0.007 N 
4   1 C5 B G 1  ? ? C6 B G 1  ? ? 1.545 1.419 0.126  0.010 N 
5   1 N7 B G 1  ? ? C8 B G 1  ? ? 1.375 1.305 0.070  0.006 N 
6   1 C2 B G 1  ? ? N2 B G 1  ? ? 1.409 1.341 0.068  0.010 N 
7   1 N1 B G 2  ? ? C2 B G 2  ? ? 1.474 1.373 0.101  0.008 N 
8   1 N3 B G 2  ? ? C4 B G 2  ? ? 1.446 1.350 0.096  0.007 N 
9   1 C4 B G 2  ? ? C5 B G 2  ? ? 1.438 1.379 0.059  0.007 N 
10  1 C5 B G 2  ? ? C6 B G 2  ? ? 1.543 1.419 0.124  0.010 N 
11  1 N7 B G 2  ? ? C8 B G 2  ? ? 1.376 1.305 0.071  0.006 N 
12  1 C2 B G 2  ? ? N2 B G 2  ? ? 1.408 1.341 0.067  0.010 N 
13  1 C4 B C 3  ? ? N4 B C 3  ? ? 1.408 1.335 0.073  0.009 N 
14  1 N1 B C 3  ? ? C6 B C 3  ? ? 1.495 1.367 0.128  0.006 N 
15  1 C2 B C 3  ? ? N3 B C 3  ? ? 1.472 1.353 0.119  0.008 N 
16  1 C4 B C 3  ? ? C5 B C 3  ? ? 1.368 1.425 -0.057 0.008 N 
17  1 N1 B U 4  ? ? C6 B U 4  ? ? 1.495 1.375 0.120  0.009 N 
18  1 C4 B U 4  ? ? C5 B U 4  ? ? 1.539 1.431 0.108  0.009 N 
19  1 C4 B C 5  ? ? N4 B C 5  ? ? 1.406 1.335 0.071  0.009 N 
20  1 N1 B C 5  ? ? C6 B C 5  ? ? 1.501 1.367 0.134  0.006 N 
21  1 C2 B C 5  ? ? N3 B C 5  ? ? 1.468 1.353 0.115  0.008 N 
22  1 C4 B C 5  ? ? C5 B C 5  ? ? 1.367 1.425 -0.058 0.008 N 
23  1 N1 B G 6  ? ? C2 B G 6  ? ? 1.476 1.373 0.103  0.008 N 
24  1 N3 B G 6  ? ? C4 B G 6  ? ? 1.446 1.350 0.096  0.007 N 
25  1 C4 B G 6  ? ? C5 B G 6  ? ? 1.438 1.379 0.059  0.007 N 
26  1 C5 B G 6  ? ? C6 B G 6  ? ? 1.545 1.419 0.126  0.010 N 
27  1 N7 B G 6  ? ? C8 B G 6  ? ? 1.373 1.305 0.068  0.006 N 
28  1 C2 B G 6  ? ? N2 B G 6  ? ? 1.402 1.341 0.061  0.010 N 
29  1 N1 B U 7  ? ? C6 B U 7  ? ? 1.490 1.375 0.115  0.009 N 
30  1 C4 B U 7  ? ? C5 B U 7  ? ? 1.548 1.431 0.117  0.009 N 
31  1 N1 B G 8  ? ? C2 B G 8  ? ? 1.472 1.373 0.099  0.008 N 
32  1 N3 B G 8  ? ? C4 B G 8  ? ? 1.451 1.350 0.101  0.007 N 
33  1 C4 B G 8  ? ? C5 B G 8  ? ? 1.439 1.379 0.060  0.007 N 
34  1 C5 B G 8  ? ? C6 B G 8  ? ? 1.545 1.419 0.126  0.010 N 
35  1 N7 B G 8  ? ? C8 B G 8  ? ? 1.371 1.305 0.066  0.006 N 
36  1 C2 B G 8  ? ? N2 B G 8  ? ? 1.410 1.341 0.069  0.010 N 
37  1 N1 B U 9  ? ? C6 B U 9  ? ? 1.492 1.375 0.117  0.009 N 
38  1 C4 B U 9  ? ? C5 B U 9  ? ? 1.550 1.431 0.119  0.009 N 
39  1 N3 B A 10 ? ? C4 B A 10 ? ? 1.466 1.344 0.122  0.006 N 
40  1 C4 B A 10 ? ? C5 B A 10 ? ? 1.461 1.383 0.078  0.007 N 
41  1 N7 B A 10 ? ? C8 B A 10 ? ? 1.379 1.311 0.068  0.007 N 
42  1 N1 B G 11 ? ? C2 B G 11 ? ? 1.474 1.373 0.101  0.008 N 
43  1 N3 B G 11 ? ? C4 B G 11 ? ? 1.446 1.350 0.096  0.007 N 
44  1 C4 B G 11 ? ? C5 B G 11 ? ? 1.437 1.379 0.058  0.007 N 
45  1 C5 B G 11 ? ? C6 B G 11 ? ? 1.546 1.419 0.127  0.010 N 
46  1 N7 B G 11 ? ? C8 B G 11 ? ? 1.381 1.305 0.076  0.006 N 
47  1 C2 B G 11 ? ? N2 B G 11 ? ? 1.409 1.341 0.068  0.010 N 
48  1 C4 B C 12 ? ? N4 B C 12 ? ? 1.411 1.335 0.076  0.009 N 
49  1 N1 B C 12 ? ? C6 B C 12 ? ? 1.501 1.367 0.134  0.006 N 
50  1 C2 B C 12 ? ? N3 B C 12 ? ? 1.467 1.353 0.114  0.008 N 
51  1 C4 B C 12 ? ? C5 B C 12 ? ? 1.368 1.425 -0.057 0.008 N 
52  1 N1 B U 13 ? ? C6 B U 13 ? ? 1.490 1.375 0.115  0.009 N 
53  1 C4 B U 13 ? ? C5 B U 13 ? ? 1.541 1.431 0.110  0.009 N 
54  1 C4 B C 14 ? ? N4 B C 14 ? ? 1.411 1.335 0.076  0.009 N 
55  1 N1 B C 14 ? ? C6 B C 14 ? ? 1.492 1.367 0.125  0.006 N 
56  1 C2 B C 14 ? ? N3 B C 14 ? ? 1.480 1.353 0.127  0.008 N 
57  1 C4 B C 14 ? ? C5 B C 14 ? ? 1.370 1.425 -0.055 0.008 N 
58  1 N3 B A 15 ? ? C4 B A 15 ? ? 1.462 1.344 0.118  0.006 N 
59  1 C4 B A 15 ? ? C5 B A 15 ? ? 1.457 1.383 0.074  0.007 N 
60  1 N7 B A 15 ? ? C8 B A 15 ? ? 1.382 1.311 0.071  0.007 N 
61  1 N1 B U 16 ? ? C6 B U 16 ? ? 1.480 1.375 0.105  0.009 N 
62  1 C4 B U 16 ? ? C5 B U 16 ? ? 1.551 1.431 0.120  0.009 N 
63  1 N1 B U 17 ? ? C6 B U 17 ? ? 1.488 1.375 0.113  0.009 N 
64  1 C4 B U 17 ? ? C5 B U 17 ? ? 1.550 1.431 0.119  0.009 N 
65  1 N3 B A 18 ? ? C4 B A 18 ? ? 1.473 1.344 0.129  0.006 N 
66  1 C4 B A 18 ? ? C5 B A 18 ? ? 1.462 1.383 0.079  0.007 N 
67  1 N7 B A 18 ? ? C8 B A 18 ? ? 1.375 1.311 0.064  0.007 N 
68  1 N1 B G 19 ? ? C2 B G 19 ? ? 1.476 1.373 0.103  0.008 N 
69  1 N3 B G 19 ? ? C4 B G 19 ? ? 1.444 1.350 0.094  0.007 N 
70  1 C4 B G 19 ? ? C5 B G 19 ? ? 1.435 1.379 0.056  0.007 N 
71  1 C5 B G 19 ? ? C6 B G 19 ? ? 1.546 1.419 0.127  0.010 N 
72  1 N7 B G 19 ? ? C8 B G 19 ? ? 1.383 1.305 0.078  0.006 N 
73  1 C2 B G 19 ? ? N2 B G 19 ? ? 1.405 1.341 0.064  0.010 N 
74  1 C4 B C 20 ? ? N4 B C 20 ? ? 1.411 1.335 0.076  0.009 N 
75  1 N1 B C 20 ? ? C6 B C 20 ? ? 1.502 1.367 0.135  0.006 N 
76  1 C2 B C 20 ? ? N3 B C 20 ? ? 1.468 1.353 0.115  0.008 N 
77  1 C4 B C 20 ? ? C5 B C 20 ? ? 1.366 1.425 -0.059 0.008 N 
78  1 N1 B U 21 ? ? C6 B U 21 ? ? 1.496 1.375 0.121  0.009 N 
79  1 C4 B U 21 ? ? C5 B U 21 ? ? 1.535 1.431 0.104  0.009 N 
80  1 C4 B C 22 ? ? N4 B C 22 ? ? 1.395 1.335 0.060  0.009 N 
81  1 N1 B C 22 ? ? C6 B C 22 ? ? 1.506 1.367 0.139  0.006 N 
82  1 C2 B C 22 ? ? N3 B C 22 ? ? 1.463 1.353 0.110  0.008 N 
83  1 C4 B C 22 ? ? C5 B C 22 ? ? 1.363 1.425 -0.062 0.008 N 
84  1 C4 B C 23 ? ? N4 B C 23 ? ? 1.408 1.335 0.073  0.009 N 
85  1 N1 B C 23 ? ? C6 B C 23 ? ? 1.503 1.367 0.136  0.006 N 
86  1 C2 B C 23 ? ? N3 B C 23 ? ? 1.465 1.353 0.112  0.008 N 
87  1 C4 B C 23 ? ? C5 B C 23 ? ? 1.368 1.425 -0.057 0.008 N 
88  1 N1 B G 24 ? ? C2 B G 24 ? ? 1.475 1.373 0.102  0.008 N 
89  1 N3 B G 24 ? ? C4 B G 24 ? ? 1.452 1.350 0.102  0.007 N 
90  1 C4 B G 24 ? ? C5 B G 24 ? ? 1.438 1.379 0.059  0.007 N 
91  1 C5 B G 24 ? ? C6 B G 24 ? ? 1.541 1.419 0.122  0.010 N 
92  1 N7 B G 24 ? ? C8 B G 24 ? ? 1.369 1.305 0.064  0.006 N 
93  1 C2 B G 24 ? ? N2 B G 24 ? ? 1.411 1.341 0.070  0.010 N 
94  1 N3 B A 25 ? ? C4 B A 25 ? ? 1.467 1.344 0.123  0.006 N 
95  1 C4 B A 25 ? ? C5 B A 25 ? ? 1.461 1.383 0.078  0.007 N 
96  1 N7 B A 25 ? ? C8 B A 25 ? ? 1.378 1.311 0.067  0.007 N 
97  1 N1 B G 26 ? ? C2 B G 26 ? ? 1.471 1.373 0.098  0.008 N 
98  1 N3 B G 26 ? ? C4 B G 26 ? ? 1.448 1.350 0.098  0.007 N 
99  1 C4 B G 26 ? ? C5 B G 26 ? ? 1.438 1.379 0.059  0.007 N 
100 1 C5 B G 26 ? ? C6 B G 26 ? ? 1.545 1.419 0.126  0.010 N 
101 1 N7 B G 26 ? ? C8 B G 26 ? ? 1.377 1.305 0.072  0.006 N 
102 1 C2 B G 26 ? ? N2 B G 26 ? ? 1.407 1.341 0.066  0.010 N 
103 1 C4 B C 27 ? ? N4 B C 27 ? ? 1.410 1.335 0.075  0.009 N 
104 1 N1 B C 27 ? ? C6 B C 27 ? ? 1.499 1.367 0.132  0.006 N 
105 1 C2 B C 27 ? ? N3 B C 27 ? ? 1.470 1.353 0.117  0.008 N 
106 1 C4 B C 27 ? ? C5 B C 27 ? ? 1.367 1.425 -0.058 0.008 N 
107 1 C4 B C 28 ? ? N4 B C 28 ? ? 1.411 1.335 0.076  0.009 N 
108 1 N1 B C 28 ? ? C6 B C 28 ? ? 1.500 1.367 0.133  0.006 N 
109 1 C2 B C 28 ? ? N3 B C 28 ? ? 1.469 1.353 0.116  0.008 N 
110 1 C4 B C 28 ? ? C5 B C 28 ? ? 1.369 1.425 -0.056 0.008 N 
# 
loop_
_pdbx_validate_rmsd_angle.id 
_pdbx_validate_rmsd_angle.PDB_model_num 
_pdbx_validate_rmsd_angle.auth_atom_id_1 
_pdbx_validate_rmsd_angle.auth_asym_id_1 
_pdbx_validate_rmsd_angle.auth_comp_id_1 
_pdbx_validate_rmsd_angle.auth_seq_id_1 
_pdbx_validate_rmsd_angle.PDB_ins_code_1 
_pdbx_validate_rmsd_angle.label_alt_id_1 
_pdbx_validate_rmsd_angle.auth_atom_id_2 
_pdbx_validate_rmsd_angle.auth_asym_id_2 
_pdbx_validate_rmsd_angle.auth_comp_id_2 
_pdbx_validate_rmsd_angle.auth_seq_id_2 
_pdbx_validate_rmsd_angle.PDB_ins_code_2 
_pdbx_validate_rmsd_angle.label_alt_id_2 
_pdbx_validate_rmsd_angle.auth_atom_id_3 
_pdbx_validate_rmsd_angle.auth_asym_id_3 
_pdbx_validate_rmsd_angle.auth_comp_id_3 
_pdbx_validate_rmsd_angle.auth_seq_id_3 
_pdbx_validate_rmsd_angle.PDB_ins_code_3 
_pdbx_validate_rmsd_angle.label_alt_id_3 
_pdbx_validate_rmsd_angle.angle_value 
_pdbx_validate_rmsd_angle.angle_target_value 
_pdbx_validate_rmsd_angle.angle_deviation 
_pdbx_validate_rmsd_angle.angle_standard_deviation 
_pdbx_validate_rmsd_angle.linker_flag 
1   1 OP1   B G   1  ? ? P     B G   1  ? ? OP2 B G   1  ? ? 109.42 119.60 -10.18 1.50 N 
2   1 C2    B G   1  ? ? N3    B G   1  ? ? C4  B G   1  ? ? 123.12 111.90 11.22  0.50 N 
3   1 N3    B G   1  ? ? C4    B G   1  ? ? C5  B G   1  ? ? 117.35 128.60 -11.25 0.50 N 
4   1 C5    B G   1  ? ? C6    B G   1  ? ? N1  B G   1  ? ? 114.80 111.50 3.30   0.50 N 
5   1 C4    B G   1  ? ? C5    B G   1  ? ? N7  B G   1  ? ? 113.34 110.80 2.54   0.40 N 
6   1 C5    B G   1  ? ? N7    B G   1  ? ? C8  B G   1  ? ? 97.26  104.30 -7.04  0.50 N 
7   1 N7    B G   1  ? ? C8    B G   1  ? ? N9  B G   1  ? ? 122.08 113.10 8.98   0.50 N 
8   1 C8    B G   1  ? ? N9    B G   1  ? ? C4  B G   1  ? ? 99.25  106.40 -7.15  0.40 N 
9   1 N9    B G   1  ? ? C4    B G   1  ? ? C5  B G   1  ? ? 108.05 105.40 2.65   0.40 N 
10  1 N3    B G   1  ? ? C4    B G   1  ? ? N9  B G   1  ? ? 134.61 126.00 8.61   0.60 N 
11  1 C6    B G   1  ? ? C5    B G   1  ? ? N7  B G   1  ? ? 126.31 130.40 -4.09  0.60 N 
12  1 C5    B G   1  ? ? C6    B G   1  ? ? O6  B G   1  ? ? 123.67 128.60 -4.93  0.60 N 
13  1 OP1   B G   2  ? ? P     B G   2  ? ? OP2 B G   2  ? ? 109.01 119.60 -10.59 1.50 N 
14  1 C2    B G   2  ? ? N3    B G   2  ? ? C4  B G   2  ? ? 123.07 111.90 11.17  0.50 N 
15  1 N3    B G   2  ? ? C4    B G   2  ? ? C5  B G   2  ? ? 117.59 128.60 -11.01 0.50 N 
16  1 C5    B G   2  ? ? C6    B G   2  ? ? N1  B G   2  ? ? 114.76 111.50 3.26   0.50 N 
17  1 C5    B G   2  ? ? N7    B G   2  ? ? C8  B G   2  ? ? 97.11  104.30 -7.19  0.50 N 
18  1 N7    B G   2  ? ? C8    B G   2  ? ? N9  B G   2  ? ? 122.12 113.10 9.02   0.50 N 
19  1 C8    B G   2  ? ? N9    B G   2  ? ? C4  B G   2  ? ? 99.16  106.40 -7.24  0.40 N 
20  1 N9    B G   2  ? ? C4    B G   2  ? ? C5  B G   2  ? ? 108.37 105.40 2.97   0.40 N 
21  1 N3    B G   2  ? ? C4    B G   2  ? ? N9  B G   2  ? ? 134.03 126.00 8.03   0.60 N 
22  1 C6    B G   2  ? ? C5    B G   2  ? ? N7  B G   2  ? ? 126.47 130.40 -3.93  0.60 N 
23  1 C5    B G   2  ? ? C6    B G   2  ? ? O6  B G   2  ? ? 123.37 128.60 -5.23  0.60 N 
24  1 OP1   B C   3  ? ? P     B C   3  ? ? OP2 B C   3  ? ? 108.99 119.60 -10.61 1.50 N 
25  1 C6    B C   3  ? ? N1    B C   3  ? ? C2  B C   3  ? ? 116.84 120.30 -3.46  0.40 N 
26  1 C4    B C   3  ? ? C5    B C   3  ? ? C6  B C   3  ? ? 120.97 117.40 3.57   0.50 N 
27  1 OP1   B U   4  ? ? P     B U   4  ? ? OP2 B U   4  ? ? 109.03 119.60 -10.57 1.50 N 
28  1 N1    B U   4  ? ? C2    B U   4  ? ? N3  B U   4  ? ? 120.62 114.90 5.72   0.60 N 
29  1 N3    B U   4  ? ? C2    B U   4  ? ? O2  B U   4  ? ? 116.55 122.20 -5.65  0.70 N 
30  1 C5    B U   4  ? ? C4    B U   4  ? ? O4  B U   4  ? ? 121.32 125.90 -4.58  0.60 N 
31  1 OP1   B C   5  ? ? P     B C   5  ? ? OP2 B C   5  ? ? 109.00 119.60 -10.60 1.50 N 
32  1 C6    B C   5  ? ? N1    B C   5  ? ? C2  B C   5  ? ? 116.88 120.30 -3.42  0.40 N 
33  1 C4    B C   5  ? ? C5    B C   5  ? ? C6  B C   5  ? ? 120.81 117.40 3.41   0.50 N 
34  1 OP1   B G   6  ? ? P     B G   6  ? ? OP2 B G   6  ? ? 108.78 119.60 -10.82 1.50 N 
35  1 C2    B G   6  ? ? N3    B G   6  ? ? C4  B G   6  ? ? 123.02 111.90 11.12  0.50 N 
36  1 N3    B G   6  ? ? C4    B G   6  ? ? C5  B G   6  ? ? 117.63 128.60 -10.97 0.50 N 
37  1 C5    B G   6  ? ? C6    B G   6  ? ? N1  B G   6  ? ? 114.95 111.50 3.45   0.50 N 
38  1 C4    B G   6  ? ? C5    B G   6  ? ? N7  B G   6  ? ? 113.36 110.80 2.56   0.40 N 
39  1 C5    B G   6  ? ? N7    B G   6  ? ? C8  B G   6  ? ? 97.06  104.30 -7.24  0.50 N 
40  1 N7    B G   6  ? ? C8    B G   6  ? ? N9  B G   6  ? ? 122.11 113.10 9.01   0.50 N 
41  1 C8    B G   6  ? ? N9    B G   6  ? ? C4  B G   6  ? ? 99.26  106.40 -7.14  0.40 N 
42  1 N9    B G   6  ? ? C4    B G   6  ? ? C5  B G   6  ? ? 108.20 105.40 2.80   0.40 N 
43  1 N3    B G   6  ? ? C4    B G   6  ? ? N9  B G   6  ? ? 134.16 126.00 8.16   0.60 N 
44  1 C6    B G   6  ? ? C5    B G   6  ? ? N7  B G   6  ? ? 126.46 130.40 -3.94  0.60 N 
45  1 C5    B G   6  ? ? C6    B G   6  ? ? O6  B G   6  ? ? 124.09 128.60 -4.51  0.60 N 
46  1 OP1   B U   7  ? ? P     B U   7  ? ? OP2 B U   7  ? ? 109.25 119.60 -10.35 1.50 N 
47  1 "O4'" B U   7  ? ? "C1'" B U   7  ? ? N1  B U   7  ? ? 113.02 108.50 4.52   0.70 N 
48  1 N1    B U   7  ? ? C2    B U   7  ? ? N3  B U   7  ? ? 120.49 114.90 5.59   0.60 N 
49  1 C5    B U   7  ? ? C6    B U   7  ? ? N1  B U   7  ? ? 119.69 122.70 -3.01  0.50 N 
50  1 N3    B U   7  ? ? C2    B U   7  ? ? O2  B U   7  ? ? 117.11 122.20 -5.09  0.70 N 
51  1 C5    B U   7  ? ? C4    B U   7  ? ? O4  B U   7  ? ? 122.02 125.90 -3.88  0.60 N 
52  1 "C3'" B U   7  ? ? "O3'" B U   7  ? ? P   B G   8  ? ? 129.77 119.70 10.07  1.20 Y 
53  1 OP1   B G   8  ? ? P     B G   8  ? ? OP2 B G   8  ? ? 108.68 119.60 -10.92 1.50 N 
54  1 C2    B G   8  ? ? N3    B G   8  ? ? C4  B G   8  ? ? 123.03 111.90 11.13  0.50 N 
55  1 N3    B G   8  ? ? C4    B G   8  ? ? C5  B G   8  ? ? 117.36 128.60 -11.24 0.50 N 
56  1 C5    B G   8  ? ? C6    B G   8  ? ? N1  B G   8  ? ? 114.72 111.50 3.22   0.50 N 
57  1 C5    B G   8  ? ? N7    B G   8  ? ? C8  B G   8  ? ? 97.58  104.30 -6.72  0.50 N 
58  1 N7    B G   8  ? ? C8    B G   8  ? ? N9  B G   8  ? ? 121.79 113.10 8.69   0.50 N 
59  1 C8    B G   8  ? ? N9    B G   8  ? ? C4  B G   8  ? ? 99.69  106.40 -6.71  0.40 N 
60  1 N3    B G   8  ? ? C4    B G   8  ? ? N9  B G   8  ? ? 134.83 126.00 8.83   0.60 N 
61  1 C6    B G   8  ? ? C5    B G   8  ? ? N7  B G   8  ? ? 126.38 130.40 -4.02  0.60 N 
62  1 C5    B G   8  ? ? C6    B G   8  ? ? O6  B G   8  ? ? 123.96 128.60 -4.64  0.60 N 
63  1 OP1   B U   9  ? ? P     B U   9  ? ? OP2 B U   9  ? ? 108.57 119.60 -11.03 1.50 N 
64  1 N1    B U   9  ? ? C2    B U   9  ? ? N3  B U   9  ? ? 120.48 114.90 5.58   0.60 N 
65  1 N3    B U   9  ? ? C2    B U   9  ? ? O2  B U   9  ? ? 116.89 122.20 -5.31  0.70 N 
66  1 C5    B U   9  ? ? C4    B U   9  ? ? O4  B U   9  ? ? 121.85 125.90 -4.05  0.60 N 
67  1 OP1   B A   10 ? ? P     B A   10 ? ? OP2 B A   10 ? ? 108.85 119.60 -10.75 1.50 N 
68  1 C2    B A   10 ? ? N3    B A   10 ? ? C4  B A   10 ? ? 115.53 110.60 4.93   0.50 N 
69  1 N3    B A   10 ? ? C4    B A   10 ? ? C5  B A   10 ? ? 117.63 126.80 -9.17  0.70 N 
70  1 C5    B A   10 ? ? N7    B A   10 ? ? C8  B A   10 ? ? 97.93  103.90 -5.97  0.50 N 
71  1 N7    B A   10 ? ? C8    B A   10 ? ? N9  B A   10 ? ? 121.71 113.80 7.91   0.50 N 
72  1 C8    B A   10 ? ? N9    B A   10 ? ? C4  B A   10 ? ? 100.02 105.80 -5.78  0.40 N 
73  1 N9    B A   10 ? ? C4    B A   10 ? ? C5  B A   10 ? ? 108.22 105.80 2.42   0.40 N 
74  1 N3    B A   10 ? ? C4    B A   10 ? ? N9  B A   10 ? ? 134.09 127.40 6.69   0.80 N 
75  1 OP1   B G   11 ? ? P     B G   11 ? ? OP2 B G   11 ? ? 109.10 119.60 -10.50 1.50 N 
76  1 C2    B G   11 ? ? N3    B G   11 ? ? C4  B G   11 ? ? 123.21 111.90 11.31  0.50 N 
77  1 N3    B G   11 ? ? C4    B G   11 ? ? C5  B G   11 ? ? 117.88 128.60 -10.72 0.50 N 
78  1 C5    B G   11 ? ? C6    B G   11 ? ? N1  B G   11 ? ? 114.92 111.50 3.42   0.50 N 
79  1 C5    B G   11 ? ? N7    B G   11 ? ? C8  B G   11 ? ? 97.40  104.30 -6.90  0.50 N 
80  1 N7    B G   11 ? ? C8    B G   11 ? ? N9  B G   11 ? ? 121.36 113.10 8.26   0.50 N 
81  1 C8    B G   11 ? ? N9    B G   11 ? ? C4  B G   11 ? ? 99.90  106.40 -6.50  0.40 N 
82  1 N9    B G   11 ? ? C4    B G   11 ? ? C5  B G   11 ? ? 108.40 105.40 3.00   0.40 N 
83  1 N3    B G   11 ? ? C4    B G   11 ? ? N9  B G   11 ? ? 133.55 126.00 7.55   0.60 N 
84  1 C5    B G   11 ? ? C6    B G   11 ? ? O6  B G   11 ? ? 123.98 128.60 -4.62  0.60 N 
85  1 OP1   B C   12 ? ? P     B C   12 ? ? OP2 B C   12 ? ? 109.12 119.60 -10.48 1.50 N 
86  1 C6    B C   12 ? ? N1    B C   12 ? ? C2  B C   12 ? ? 117.22 120.30 -3.08  0.40 N 
87  1 C4    B C   12 ? ? C5    B C   12 ? ? C6  B C   12 ? ? 121.50 117.40 4.10   0.50 N 
88  1 OP1   B U   13 ? ? P     B U   13 ? ? OP2 B U   13 ? ? 109.10 119.60 -10.50 1.50 N 
89  1 N1    B U   13 ? ? C2    B U   13 ? ? N3  B U   13 ? ? 120.71 114.90 5.81   0.60 N 
90  1 N3    B U   13 ? ? C2    B U   13 ? ? O2  B U   13 ? ? 115.59 122.20 -6.61  0.70 N 
91  1 C5    B U   13 ? ? C4    B U   13 ? ? O4  B U   13 ? ? 120.45 125.90 -5.45  0.60 N 
92  1 OP1   B C   14 ? ? P     B C   14 ? ? OP2 B C   14 ? ? 108.86 119.60 -10.74 1.50 N 
93  1 "O4'" B C   14 ? ? "C1'" B C   14 ? ? N1  B C   14 ? ? 112.96 108.50 4.46   0.70 N 
94  1 C6    B C   14 ? ? N1    B C   14 ? ? C2  B C   14 ? ? 117.15 120.30 -3.15  0.40 N 
95  1 C4    B C   14 ? ? C5    B C   14 ? ? C6  B C   14 ? ? 121.07 117.40 3.67   0.50 N 
96  1 OP1   B A   15 ? ? P     B A   15 ? ? OP2 B A   15 ? ? 108.93 119.60 -10.67 1.50 N 
97  1 C2    B A   15 ? ? N3    B A   15 ? ? C4  B A   15 ? ? 115.85 110.60 5.25   0.50 N 
98  1 N3    B A   15 ? ? C4    B A   15 ? ? C5  B A   15 ? ? 117.68 126.80 -9.12  0.70 N 
99  1 C5    B A   15 ? ? N7    B A   15 ? ? C8  B A   15 ? ? 97.54  103.90 -6.36  0.50 N 
100 1 N7    B A   15 ? ? C8    B A   15 ? ? N9  B A   15 ? ? 121.81 113.80 8.01   0.50 N 
101 1 C8    B A   15 ? ? N9    B A   15 ? ? C4  B A   15 ? ? 100.00 105.80 -5.80  0.40 N 
102 1 N9    B A   15 ? ? C4    B A   15 ? ? C5  B A   15 ? ? 108.31 105.80 2.51   0.40 N 
103 1 N3    B A   15 ? ? C4    B A   15 ? ? N9  B A   15 ? ? 133.96 127.40 6.56   0.80 N 
104 1 OP1   B U   16 ? ? P     B U   16 ? ? OP2 B U   16 ? ? 109.29 119.60 -10.31 1.50 N 
105 1 "O4'" B U   16 ? ? "C1'" B U   16 ? ? N1  B U   16 ? ? 112.88 108.50 4.38   0.70 N 
106 1 N1    B U   16 ? ? C2    B U   16 ? ? N3  B U   16 ? ? 120.36 114.90 5.46   0.60 N 
107 1 N3    B U   16 ? ? C2    B U   16 ? ? O2  B U   16 ? ? 117.25 122.20 -4.95  0.70 N 
108 1 C5    B U   16 ? ? C4    B U   16 ? ? O4  B U   16 ? ? 121.93 125.90 -3.97  0.60 N 
109 1 OP1   B U   17 ? ? P     B U   17 ? ? OP2 B U   17 ? ? 109.52 119.60 -10.08 1.50 N 
110 1 N1    B U   17 ? ? C2    B U   17 ? ? N3  B U   17 ? ? 120.48 114.90 5.58   0.60 N 
111 1 N3    B U   17 ? ? C2    B U   17 ? ? O2  B U   17 ? ? 117.20 122.20 -5.00  0.70 N 
112 1 C5    B U   17 ? ? C4    B U   17 ? ? O4  B U   17 ? ? 122.09 125.90 -3.81  0.60 N 
113 1 OP1   B A   18 ? ? P     B A   18 ? ? OP2 B A   18 ? ? 109.00 119.60 -10.60 1.50 N 
114 1 C2    B A   18 ? ? N3    B A   18 ? ? C4  B A   18 ? ? 115.38 110.60 4.78   0.50 N 
115 1 N3    B A   18 ? ? C4    B A   18 ? ? C5  B A   18 ? ? 117.27 126.80 -9.53  0.70 N 
116 1 C5    B A   18 ? ? N7    B A   18 ? ? C8  B A   18 ? ? 97.28  103.90 -6.62  0.50 N 
117 1 N7    B A   18 ? ? C8    B A   18 ? ? N9  B A   18 ? ? 122.42 113.80 8.62   0.50 N 
118 1 C8    B A   18 ? ? N9    B A   18 ? ? C4  B A   18 ? ? 99.87  105.80 -5.93  0.40 N 
119 1 N3    B A   18 ? ? C4    B A   18 ? ? N9  B A   18 ? ? 135.14 127.40 7.74   0.80 N 
120 1 "C3'" B A   18 ? ? "O3'" B A   18 ? ? P   B G   19 ? ? 131.67 119.70 11.97  1.20 Y 
121 1 OP1   B G   19 ? ? P     B G   19 ? ? OP2 B G   19 ? ? 108.97 119.60 -10.63 1.50 N 
122 1 C2    B G   19 ? ? N3    B G   19 ? ? C4  B G   19 ? ? 123.13 111.90 11.23  0.50 N 
123 1 N3    B G   19 ? ? C4    B G   19 ? ? C5  B G   19 ? ? 117.81 128.60 -10.79 0.50 N 
124 1 C5    B G   19 ? ? C6    B G   19 ? ? N1  B G   19 ? ? 114.71 111.50 3.21   0.50 N 
125 1 C5    B G   19 ? ? N7    B G   19 ? ? C8  B G   19 ? ? 97.68  104.30 -6.62  0.50 N 
126 1 N7    B G   19 ? ? C8    B G   19 ? ? N9  B G   19 ? ? 121.12 113.10 8.02   0.50 N 
127 1 C8    B G   19 ? ? N9    B G   19 ? ? C4  B G   19 ? ? 99.74  106.40 -6.66  0.40 N 
128 1 N9    B G   19 ? ? C4    B G   19 ? ? C5  B G   19 ? ? 108.73 105.40 3.33   0.40 N 
129 1 N3    B G   19 ? ? C4    B G   19 ? ? N9  B G   19 ? ? 133.43 126.00 7.43   0.60 N 
130 1 C5    B G   19 ? ? C6    B G   19 ? ? O6  B G   19 ? ? 123.74 128.60 -4.86  0.60 N 
131 1 "C3'" B G   19 ? ? "O3'" B G   19 ? ? P   B C   20 ? ? 130.56 119.70 10.86  1.20 Y 
132 1 OP1   B C   20 ? ? P     B C   20 ? ? OP2 B C   20 ? ? 109.01 119.60 -10.59 1.50 N 
133 1 C6    B C   20 ? ? N1    B C   20 ? ? C2  B C   20 ? ? 116.90 120.30 -3.40  0.40 N 
134 1 C4    B C   20 ? ? C5    B C   20 ? ? C6  B C   20 ? ? 121.90 117.40 4.50   0.50 N 
135 1 OP1   B U   21 ? ? P     B U   21 ? ? OP2 B U   21 ? ? 108.84 119.60 -10.76 1.50 N 
136 1 "O4'" B U   21 ? ? "C1'" B U   21 ? ? N1  B U   21 ? ? 112.76 108.50 4.26   0.70 N 
137 1 N1    B U   21 ? ? C2    B U   21 ? ? N3  B U   21 ? ? 120.31 114.90 5.41   0.60 N 
138 1 N3    B U   21 ? ? C2    B U   21 ? ? O2  B U   21 ? ? 116.78 122.20 -5.42  0.70 N 
139 1 C5    B U   21 ? ? C4    B U   21 ? ? O4  B U   21 ? ? 121.85 125.90 -4.05  0.60 N 
140 1 OP1   B C   22 ? ? P     B C   22 ? ? OP2 B C   22 ? ? 109.22 119.60 -10.38 1.50 N 
141 1 C6    B C   22 ? ? N1    B C   22 ? ? C2  B C   22 ? ? 116.94 120.30 -3.36  0.40 N 
142 1 C4    B C   22 ? ? C5    B C   22 ? ? C6  B C   22 ? ? 121.23 117.40 3.83   0.50 N 
143 1 OP1   B C   23 ? ? P     B C   23 ? ? OP2 B C   23 ? ? 109.03 119.60 -10.57 1.50 N 
144 1 C6    B C   23 ? ? N1    B C   23 ? ? C2  B C   23 ? ? 116.61 120.30 -3.69  0.40 N 
145 1 C4    B C   23 ? ? C5    B C   23 ? ? C6  B C   23 ? ? 120.83 117.40 3.43   0.50 N 
146 1 OP1   B G   24 ? ? P     B G   24 ? ? OP2 B G   24 ? ? 109.00 119.60 -10.60 1.50 N 
147 1 C2    B G   24 ? ? N3    B G   24 ? ? C4  B G   24 ? ? 123.05 111.90 11.15  0.50 N 
148 1 N3    B G   24 ? ? C4    B G   24 ? ? C5  B G   24 ? ? 117.47 128.60 -11.13 0.50 N 
149 1 C5    B G   24 ? ? C6    B G   24 ? ? N1  B G   24 ? ? 114.82 111.50 3.32   0.50 N 
150 1 C4    B G   24 ? ? C5    B G   24 ? ? N7  B G   24 ? ? 113.72 110.80 2.92   0.40 N 
151 1 C5    B G   24 ? ? N7    B G   24 ? ? C8  B G   24 ? ? 96.98  104.30 -7.32  0.50 N 
152 1 N7    B G   24 ? ? C8    B G   24 ? ? N9  B G   24 ? ? 122.30 113.10 9.20   0.50 N 
153 1 C8    B G   24 ? ? N9    B G   24 ? ? C4  B G   24 ? ? 99.17  106.40 -7.23  0.40 N 
154 1 N9    B G   24 ? ? C4    B G   24 ? ? C5  B G   24 ? ? 107.82 105.40 2.42   0.40 N 
155 1 N3    B G   24 ? ? C4    B G   24 ? ? N9  B G   24 ? ? 134.70 126.00 8.70   0.60 N 
156 1 C6    B G   24 ? ? C5    B G   24 ? ? N7  B G   24 ? ? 125.85 130.40 -4.55  0.60 N 
157 1 C5    B G   24 ? ? C6    B G   24 ? ? O6  B G   24 ? ? 123.10 128.60 -5.50  0.60 N 
158 1 OP1   B A   25 ? ? P     B A   25 ? ? OP2 B A   25 ? ? 109.06 119.60 -10.54 1.50 N 
159 1 C2    B A   25 ? ? N3    B A   25 ? ? C4  B A   25 ? ? 115.59 110.60 4.99   0.50 N 
160 1 N3    B A   25 ? ? C4    B A   25 ? ? C5  B A   25 ? ? 117.45 126.80 -9.35  0.70 N 
161 1 C5    B A   25 ? ? N7    B A   25 ? ? C8  B A   25 ? ? 97.57  103.90 -6.33  0.50 N 
162 1 N7    B A   25 ? ? C8    B A   25 ? ? N9  B A   25 ? ? 122.25 113.80 8.45   0.50 N 
163 1 C8    B A   25 ? ? N9    B A   25 ? ? C4  B A   25 ? ? 99.53  105.80 -6.27  0.40 N 
164 1 N9    B A   25 ? ? C4    B A   25 ? ? C5  B A   25 ? ? 108.21 105.80 2.40   0.40 N 
165 1 N3    B A   25 ? ? C4    B A   25 ? ? N9  B A   25 ? ? 134.34 127.40 6.94   0.80 N 
166 1 OP1   B G   26 ? ? P     B G   26 ? ? OP2 B G   26 ? ? 109.02 119.60 -10.58 1.50 N 
167 1 C2    B G   26 ? ? N3    B G   26 ? ? C4  B G   26 ? ? 123.03 111.90 11.13  0.50 N 
168 1 N3    B G   26 ? ? C4    B G   26 ? ? C5  B G   26 ? ? 117.63 128.60 -10.97 0.50 N 
169 1 C5    B G   26 ? ? C6    B G   26 ? ? N1  B G   26 ? ? 115.03 111.50 3.53   0.50 N 
170 1 C4    B G   26 ? ? C5    B G   26 ? ? N7  B G   26 ? ? 113.26 110.80 2.46   0.40 N 
171 1 C5    B G   26 ? ? N7    B G   26 ? ? C8  B G   26 ? ? 97.27  104.30 -7.03  0.50 N 
172 1 N7    B G   26 ? ? C8    B G   26 ? ? N9  B G   26 ? ? 121.76 113.10 8.66   0.50 N 
173 1 C8    B G   26 ? ? N9    B G   26 ? ? C4  B G   26 ? ? 99.51  106.40 -6.89  0.40 N 
174 1 N9    B G   26 ? ? C4    B G   26 ? ? C5  B G   26 ? ? 108.19 105.40 2.79   0.40 N 
175 1 N3    B G   26 ? ? C4    B G   26 ? ? N9  B G   26 ? ? 134.18 126.00 8.18   0.60 N 
176 1 C6    B G   26 ? ? C5    B G   26 ? ? N7  B G   26 ? ? 126.67 130.40 -3.73  0.60 N 
177 1 C5    B G   26 ? ? C6    B G   26 ? ? O6  B G   26 ? ? 123.58 128.60 -5.02  0.60 N 
178 1 OP1   B C   27 ? ? P     B C   27 ? ? OP2 B C   27 ? ? 109.05 119.60 -10.55 1.50 N 
179 1 C6    B C   27 ? ? N1    B C   27 ? ? C2  B C   27 ? ? 116.94 120.30 -3.36  0.40 N 
180 1 C4    B C   27 ? ? C5    B C   27 ? ? C6  B C   27 ? ? 121.24 117.40 3.84   0.50 N 
181 1 OP1   B C   28 ? ? P     B C   28 ? ? OP2 B C   28 ? ? 109.05 119.60 -10.55 1.50 N 
182 1 C6    B C   28 ? ? N1    B C   28 ? ? C2  B C   28 ? ? 117.04 120.30 -3.26  0.40 N 
183 1 C4    B C   28 ? ? C5    B C   28 ? ? C6  B C   28 ? ? 121.20 117.40 3.80   0.50 N 
184 1 NE    A ARG 1  ? ? CZ    A ARG 1  ? ? NH1 A ARG 1  ? ? 124.01 120.30 3.71   0.50 N 
185 1 NE    A ARG 3  ? ? CZ    A ARG 3  ? ? NH1 A ARG 3  ? ? 124.04 120.30 3.74   0.50 N 
186 1 NE    A ARG 6  ? ? CZ    A ARG 6  ? ? NH1 A ARG 6  ? ? 123.97 120.30 3.67   0.50 N 
187 1 NE    A ARG 10 ? ? CZ    A ARG 10 ? ? NH1 A ARG 10 ? ? 124.01 120.30 3.71   0.50 N 
188 1 NE    A ARG 11 ? ? CZ    A ARG 11 ? ? NH1 A ARG 11 ? ? 124.13 120.30 3.83   0.50 N 
189 1 NE    A ARG 13 ? ? CZ    A ARG 13 ? ? NH1 A ARG 13 ? ? 123.94 120.30 3.64   0.50 N 
190 1 NE    A ARG 14 ? ? CZ    A ARG 14 ? ? NH1 A ARG 14 ? ? 124.00 120.30 3.70   0.50 N 
# 
_pdbx_validate_torsion.id              1 
_pdbx_validate_torsion.PDB_model_num   1 
_pdbx_validate_torsion.auth_comp_id    PRO 
_pdbx_validate_torsion.auth_asym_id    A 
_pdbx_validate_torsion.auth_seq_id     2 
_pdbx_validate_torsion.PDB_ins_code    ? 
_pdbx_validate_torsion.label_alt_id    ? 
_pdbx_validate_torsion.phi             -75.42 
_pdbx_validate_torsion.psi             -167.70 
# 
loop_
_pdbx_validate_planes.id 
_pdbx_validate_planes.PDB_model_num 
_pdbx_validate_planes.auth_comp_id 
_pdbx_validate_planes.auth_asym_id 
_pdbx_validate_planes.auth_seq_id 
_pdbx_validate_planes.PDB_ins_code 
_pdbx_validate_planes.label_alt_id 
_pdbx_validate_planes.rmsd 
_pdbx_validate_planes.type 
1 1 G B 2  ? ? 0.078 'SIDE CHAIN' 
2 1 U B 7  ? ? 0.066 'SIDE CHAIN' 
3 1 A B 10 ? ? 0.078 'SIDE CHAIN' 
4 1 C B 14 ? ? 0.120 'SIDE CHAIN' 
5 1 U B 16 ? ? 0.078 'SIDE CHAIN' 
# 
_pdbx_nmr_ensemble.entry_id                             1MNB 
_pdbx_nmr_ensemble.conformers_calculated_total_number   ? 
_pdbx_nmr_ensemble.conformers_submitted_total_number    1 
_pdbx_nmr_ensemble.conformer_selection_criteria         ? 
# 
_pdbx_nmr_exptl_sample_conditions.conditions_id       1 
_pdbx_nmr_exptl_sample_conditions.temperature         298 
_pdbx_nmr_exptl_sample_conditions.pressure            ? 
_pdbx_nmr_exptl_sample_conditions.pH                  6.4 
_pdbx_nmr_exptl_sample_conditions.ionic_strength      ? 
_pdbx_nmr_exptl_sample_conditions.pressure_units      . 
_pdbx_nmr_exptl_sample_conditions.temperature_units   K 
# 
_pdbx_nmr_details.entry_id   1MNB 
_pdbx_nmr_details.text       '50 MM NACL 10MM NA PHOSPHATE' 
# 
_pdbx_nmr_software.classification   refinement 
_pdbx_nmr_software.name             'NMRARCHITECT, DISCOVER' 
_pdbx_nmr_software.version          DISCOVER 
_pdbx_nmr_software.authors          BIOSYM 
_pdbx_nmr_software.ordinal          1 
# 
loop_
_chem_comp_atom.comp_id 
_chem_comp_atom.atom_id 
_chem_comp_atom.type_symbol 
_chem_comp_atom.pdbx_aromatic_flag 
_chem_comp_atom.pdbx_stereo_config 
_chem_comp_atom.pdbx_ordinal 
A   OP3    O N N 1   
A   P      P N N 2   
A   OP1    O N N 3   
A   OP2    O N N 4   
A   "O5'"  O N N 5   
A   "C5'"  C N N 6   
A   "C4'"  C N R 7   
A   "O4'"  O N N 8   
A   "C3'"  C N S 9   
A   "O3'"  O N N 10  
A   "C2'"  C N R 11  
A   "O2'"  O N N 12  
A   "C1'"  C N R 13  
A   N9     N Y N 14  
A   C8     C Y N 15  
A   N7     N Y N 16  
A   C5     C Y N 17  
A   C6     C Y N 18  
A   N6     N N N 19  
A   N1     N Y N 20  
A   C2     C Y N 21  
A   N3     N Y N 22  
A   C4     C Y N 23  
A   HOP3   H N N 24  
A   HOP2   H N N 25  
A   "H5'"  H N N 26  
A   "H5''" H N N 27  
A   "H4'"  H N N 28  
A   "H3'"  H N N 29  
A   "HO3'" H N N 30  
A   "H2'"  H N N 31  
A   "HO2'" H N N 32  
A   "H1'"  H N N 33  
A   H8     H N N 34  
A   H61    H N N 35  
A   H62    H N N 36  
A   H2     H N N 37  
ARG N      N N N 38  
ARG CA     C N S 39  
ARG C      C N N 40  
ARG O      O N N 41  
ARG CB     C N N 42  
ARG CG     C N N 43  
ARG CD     C N N 44  
ARG NE     N N N 45  
ARG CZ     C N N 46  
ARG NH1    N N N 47  
ARG NH2    N N N 48  
ARG OXT    O N N 49  
ARG H      H N N 50  
ARG H2     H N N 51  
ARG HA     H N N 52  
ARG HB2    H N N 53  
ARG HB3    H N N 54  
ARG HG2    H N N 55  
ARG HG3    H N N 56  
ARG HD2    H N N 57  
ARG HD3    H N N 58  
ARG HE     H N N 59  
ARG HH11   H N N 60  
ARG HH12   H N N 61  
ARG HH21   H N N 62  
ARG HH22   H N N 63  
ARG HXT    H N N 64  
C   OP3    O N N 65  
C   P      P N N 66  
C   OP1    O N N 67  
C   OP2    O N N 68  
C   "O5'"  O N N 69  
C   "C5'"  C N N 70  
C   "C4'"  C N R 71  
C   "O4'"  O N N 72  
C   "C3'"  C N S 73  
C   "O3'"  O N N 74  
C   "C2'"  C N R 75  
C   "O2'"  O N N 76  
C   "C1'"  C N R 77  
C   N1     N N N 78  
C   C2     C N N 79  
C   O2     O N N 80  
C   N3     N N N 81  
C   C4     C N N 82  
C   N4     N N N 83  
C   C5     C N N 84  
C   C6     C N N 85  
C   HOP3   H N N 86  
C   HOP2   H N N 87  
C   "H5'"  H N N 88  
C   "H5''" H N N 89  
C   "H4'"  H N N 90  
C   "H3'"  H N N 91  
C   "HO3'" H N N 92  
C   "H2'"  H N N 93  
C   "HO2'" H N N 94  
C   "H1'"  H N N 95  
C   H41    H N N 96  
C   H42    H N N 97  
C   H5     H N N 98  
C   H6     H N N 99  
G   OP3    O N N 100 
G   P      P N N 101 
G   OP1    O N N 102 
G   OP2    O N N 103 
G   "O5'"  O N N 104 
G   "C5'"  C N N 105 
G   "C4'"  C N R 106 
G   "O4'"  O N N 107 
G   "C3'"  C N S 108 
G   "O3'"  O N N 109 
G   "C2'"  C N R 110 
G   "O2'"  O N N 111 
G   "C1'"  C N R 112 
G   N9     N Y N 113 
G   C8     C Y N 114 
G   N7     N Y N 115 
G   C5     C Y N 116 
G   C6     C N N 117 
G   O6     O N N 118 
G   N1     N N N 119 
G   C2     C N N 120 
G   N2     N N N 121 
G   N3     N N N 122 
G   C4     C Y N 123 
G   HOP3   H N N 124 
G   HOP2   H N N 125 
G   "H5'"  H N N 126 
G   "H5''" H N N 127 
G   "H4'"  H N N 128 
G   "H3'"  H N N 129 
G   "HO3'" H N N 130 
G   "H2'"  H N N 131 
G   "HO2'" H N N 132 
G   "H1'"  H N N 133 
G   H8     H N N 134 
G   H1     H N N 135 
G   H21    H N N 136 
G   H22    H N N 137 
GLY N      N N N 138 
GLY CA     C N N 139 
GLY C      C N N 140 
GLY O      O N N 141 
GLY OXT    O N N 142 
GLY H      H N N 143 
GLY H2     H N N 144 
GLY HA2    H N N 145 
GLY HA3    H N N 146 
GLY HXT    H N N 147 
ILE N      N N N 148 
ILE CA     C N S 149 
ILE C      C N N 150 
ILE O      O N N 151 
ILE CB     C N S 152 
ILE CG1    C N N 153 
ILE CG2    C N N 154 
ILE CD1    C N N 155 
ILE OXT    O N N 156 
ILE H      H N N 157 
ILE H2     H N N 158 
ILE HA     H N N 159 
ILE HB     H N N 160 
ILE HG12   H N N 161 
ILE HG13   H N N 162 
ILE HG21   H N N 163 
ILE HG22   H N N 164 
ILE HG23   H N N 165 
ILE HD11   H N N 166 
ILE HD12   H N N 167 
ILE HD13   H N N 168 
ILE HXT    H N N 169 
LYS N      N N N 170 
LYS CA     C N S 171 
LYS C      C N N 172 
LYS O      O N N 173 
LYS CB     C N N 174 
LYS CG     C N N 175 
LYS CD     C N N 176 
LYS CE     C N N 177 
LYS NZ     N N N 178 
LYS OXT    O N N 179 
LYS H      H N N 180 
LYS H2     H N N 181 
LYS HA     H N N 182 
LYS HB2    H N N 183 
LYS HB3    H N N 184 
LYS HG2    H N N 185 
LYS HG3    H N N 186 
LYS HD2    H N N 187 
LYS HD3    H N N 188 
LYS HE2    H N N 189 
LYS HE3    H N N 190 
LYS HZ1    H N N 191 
LYS HZ2    H N N 192 
LYS HZ3    H N N 193 
LYS HXT    H N N 194 
PRO N      N N N 195 
PRO CA     C N S 196 
PRO C      C N N 197 
PRO O      O N N 198 
PRO CB     C N N 199 
PRO CG     C N N 200 
PRO CD     C N N 201 
PRO OXT    O N N 202 
PRO H      H N N 203 
PRO HA     H N N 204 
PRO HB2    H N N 205 
PRO HB3    H N N 206 
PRO HG2    H N N 207 
PRO HG3    H N N 208 
PRO HD2    H N N 209 
PRO HD3    H N N 210 
PRO HXT    H N N 211 
THR N      N N N 212 
THR CA     C N S 213 
THR C      C N N 214 
THR O      O N N 215 
THR CB     C N R 216 
THR OG1    O N N 217 
THR CG2    C N N 218 
THR OXT    O N N 219 
THR H      H N N 220 
THR H2     H N N 221 
THR HA     H N N 222 
THR HB     H N N 223 
THR HG1    H N N 224 
THR HG21   H N N 225 
THR HG22   H N N 226 
THR HG23   H N N 227 
THR HXT    H N N 228 
U   OP3    O N N 229 
U   P      P N N 230 
U   OP1    O N N 231 
U   OP2    O N N 232 
U   "O5'"  O N N 233 
U   "C5'"  C N N 234 
U   "C4'"  C N R 235 
U   "O4'"  O N N 236 
U   "C3'"  C N S 237 
U   "O3'"  O N N 238 
U   "C2'"  C N R 239 
U   "O2'"  O N N 240 
U   "C1'"  C N R 241 
U   N1     N N N 242 
U   C2     C N N 243 
U   O2     O N N 244 
U   N3     N N N 245 
U   C4     C N N 246 
U   O4     O N N 247 
U   C5     C N N 248 
U   C6     C N N 249 
U   HOP3   H N N 250 
U   HOP2   H N N 251 
U   "H5'"  H N N 252 
U   "H5''" H N N 253 
U   "H4'"  H N N 254 
U   "H3'"  H N N 255 
U   "HO3'" H N N 256 
U   "H2'"  H N N 257 
U   "HO2'" H N N 258 
U   "H1'"  H N N 259 
U   H3     H N N 260 
U   H5     H N N 261 
U   H6     H N N 262 
# 
loop_
_chem_comp_bond.comp_id 
_chem_comp_bond.atom_id_1 
_chem_comp_bond.atom_id_2 
_chem_comp_bond.value_order 
_chem_comp_bond.pdbx_aromatic_flag 
_chem_comp_bond.pdbx_stereo_config 
_chem_comp_bond.pdbx_ordinal 
A   OP3   P      sing N N 1   
A   OP3   HOP3   sing N N 2   
A   P     OP1    doub N N 3   
A   P     OP2    sing N N 4   
A   P     "O5'"  sing N N 5   
A   OP2   HOP2   sing N N 6   
A   "O5'" "C5'"  sing N N 7   
A   "C5'" "C4'"  sing N N 8   
A   "C5'" "H5'"  sing N N 9   
A   "C5'" "H5''" sing N N 10  
A   "C4'" "O4'"  sing N N 11  
A   "C4'" "C3'"  sing N N 12  
A   "C4'" "H4'"  sing N N 13  
A   "O4'" "C1'"  sing N N 14  
A   "C3'" "O3'"  sing N N 15  
A   "C3'" "C2'"  sing N N 16  
A   "C3'" "H3'"  sing N N 17  
A   "O3'" "HO3'" sing N N 18  
A   "C2'" "O2'"  sing N N 19  
A   "C2'" "C1'"  sing N N 20  
A   "C2'" "H2'"  sing N N 21  
A   "O2'" "HO2'" sing N N 22  
A   "C1'" N9     sing N N 23  
A   "C1'" "H1'"  sing N N 24  
A   N9    C8     sing Y N 25  
A   N9    C4     sing Y N 26  
A   C8    N7     doub Y N 27  
A   C8    H8     sing N N 28  
A   N7    C5     sing Y N 29  
A   C5    C6     sing Y N 30  
A   C5    C4     doub Y N 31  
A   C6    N6     sing N N 32  
A   C6    N1     doub Y N 33  
A   N6    H61    sing N N 34  
A   N6    H62    sing N N 35  
A   N1    C2     sing Y N 36  
A   C2    N3     doub Y N 37  
A   C2    H2     sing N N 38  
A   N3    C4     sing Y N 39  
ARG N     CA     sing N N 40  
ARG N     H      sing N N 41  
ARG N     H2     sing N N 42  
ARG CA    C      sing N N 43  
ARG CA    CB     sing N N 44  
ARG CA    HA     sing N N 45  
ARG C     O      doub N N 46  
ARG C     OXT    sing N N 47  
ARG CB    CG     sing N N 48  
ARG CB    HB2    sing N N 49  
ARG CB    HB3    sing N N 50  
ARG CG    CD     sing N N 51  
ARG CG    HG2    sing N N 52  
ARG CG    HG3    sing N N 53  
ARG CD    NE     sing N N 54  
ARG CD    HD2    sing N N 55  
ARG CD    HD3    sing N N 56  
ARG NE    CZ     sing N N 57  
ARG NE    HE     sing N N 58  
ARG CZ    NH1    sing N N 59  
ARG CZ    NH2    doub N N 60  
ARG NH1   HH11   sing N N 61  
ARG NH1   HH12   sing N N 62  
ARG NH2   HH21   sing N N 63  
ARG NH2   HH22   sing N N 64  
ARG OXT   HXT    sing N N 65  
C   OP3   P      sing N N 66  
C   OP3   HOP3   sing N N 67  
C   P     OP1    doub N N 68  
C   P     OP2    sing N N 69  
C   P     "O5'"  sing N N 70  
C   OP2   HOP2   sing N N 71  
C   "O5'" "C5'"  sing N N 72  
C   "C5'" "C4'"  sing N N 73  
C   "C5'" "H5'"  sing N N 74  
C   "C5'" "H5''" sing N N 75  
C   "C4'" "O4'"  sing N N 76  
C   "C4'" "C3'"  sing N N 77  
C   "C4'" "H4'"  sing N N 78  
C   "O4'" "C1'"  sing N N 79  
C   "C3'" "O3'"  sing N N 80  
C   "C3'" "C2'"  sing N N 81  
C   "C3'" "H3'"  sing N N 82  
C   "O3'" "HO3'" sing N N 83  
C   "C2'" "O2'"  sing N N 84  
C   "C2'" "C1'"  sing N N 85  
C   "C2'" "H2'"  sing N N 86  
C   "O2'" "HO2'" sing N N 87  
C   "C1'" N1     sing N N 88  
C   "C1'" "H1'"  sing N N 89  
C   N1    C2     sing N N 90  
C   N1    C6     sing N N 91  
C   C2    O2     doub N N 92  
C   C2    N3     sing N N 93  
C   N3    C4     doub N N 94  
C   C4    N4     sing N N 95  
C   C4    C5     sing N N 96  
C   N4    H41    sing N N 97  
C   N4    H42    sing N N 98  
C   C5    C6     doub N N 99  
C   C5    H5     sing N N 100 
C   C6    H6     sing N N 101 
G   OP3   P      sing N N 102 
G   OP3   HOP3   sing N N 103 
G   P     OP1    doub N N 104 
G   P     OP2    sing N N 105 
G   P     "O5'"  sing N N 106 
G   OP2   HOP2   sing N N 107 
G   "O5'" "C5'"  sing N N 108 
G   "C5'" "C4'"  sing N N 109 
G   "C5'" "H5'"  sing N N 110 
G   "C5'" "H5''" sing N N 111 
G   "C4'" "O4'"  sing N N 112 
G   "C4'" "C3'"  sing N N 113 
G   "C4'" "H4'"  sing N N 114 
G   "O4'" "C1'"  sing N N 115 
G   "C3'" "O3'"  sing N N 116 
G   "C3'" "C2'"  sing N N 117 
G   "C3'" "H3'"  sing N N 118 
G   "O3'" "HO3'" sing N N 119 
G   "C2'" "O2'"  sing N N 120 
G   "C2'" "C1'"  sing N N 121 
G   "C2'" "H2'"  sing N N 122 
G   "O2'" "HO2'" sing N N 123 
G   "C1'" N9     sing N N 124 
G   "C1'" "H1'"  sing N N 125 
G   N9    C8     sing Y N 126 
G   N9    C4     sing Y N 127 
G   C8    N7     doub Y N 128 
G   C8    H8     sing N N 129 
G   N7    C5     sing Y N 130 
G   C5    C6     sing N N 131 
G   C5    C4     doub Y N 132 
G   C6    O6     doub N N 133 
G   C6    N1     sing N N 134 
G   N1    C2     sing N N 135 
G   N1    H1     sing N N 136 
G   C2    N2     sing N N 137 
G   C2    N3     doub N N 138 
G   N2    H21    sing N N 139 
G   N2    H22    sing N N 140 
G   N3    C4     sing N N 141 
GLY N     CA     sing N N 142 
GLY N     H      sing N N 143 
GLY N     H2     sing N N 144 
GLY CA    C      sing N N 145 
GLY CA    HA2    sing N N 146 
GLY CA    HA3    sing N N 147 
GLY C     O      doub N N 148 
GLY C     OXT    sing N N 149 
GLY OXT   HXT    sing N N 150 
ILE N     CA     sing N N 151 
ILE N     H      sing N N 152 
ILE N     H2     sing N N 153 
ILE CA    C      sing N N 154 
ILE CA    CB     sing N N 155 
ILE CA    HA     sing N N 156 
ILE C     O      doub N N 157 
ILE C     OXT    sing N N 158 
ILE CB    CG1    sing N N 159 
ILE CB    CG2    sing N N 160 
ILE CB    HB     sing N N 161 
ILE CG1   CD1    sing N N 162 
ILE CG1   HG12   sing N N 163 
ILE CG1   HG13   sing N N 164 
ILE CG2   HG21   sing N N 165 
ILE CG2   HG22   sing N N 166 
ILE CG2   HG23   sing N N 167 
ILE CD1   HD11   sing N N 168 
ILE CD1   HD12   sing N N 169 
ILE CD1   HD13   sing N N 170 
ILE OXT   HXT    sing N N 171 
LYS N     CA     sing N N 172 
LYS N     H      sing N N 173 
LYS N     H2     sing N N 174 
LYS CA    C      sing N N 175 
LYS CA    CB     sing N N 176 
LYS CA    HA     sing N N 177 
LYS C     O      doub N N 178 
LYS C     OXT    sing N N 179 
LYS CB    CG     sing N N 180 
LYS CB    HB2    sing N N 181 
LYS CB    HB3    sing N N 182 
LYS CG    CD     sing N N 183 
LYS CG    HG2    sing N N 184 
LYS CG    HG3    sing N N 185 
LYS CD    CE     sing N N 186 
LYS CD    HD2    sing N N 187 
LYS CD    HD3    sing N N 188 
LYS CE    NZ     sing N N 189 
LYS CE    HE2    sing N N 190 
LYS CE    HE3    sing N N 191 
LYS NZ    HZ1    sing N N 192 
LYS NZ    HZ2    sing N N 193 
LYS NZ    HZ3    sing N N 194 
LYS OXT   HXT    sing N N 195 
PRO N     CA     sing N N 196 
PRO N     CD     sing N N 197 
PRO N     H      sing N N 198 
PRO CA    C      sing N N 199 
PRO CA    CB     sing N N 200 
PRO CA    HA     sing N N 201 
PRO C     O      doub N N 202 
PRO C     OXT    sing N N 203 
PRO CB    CG     sing N N 204 
PRO CB    HB2    sing N N 205 
PRO CB    HB3    sing N N 206 
PRO CG    CD     sing N N 207 
PRO CG    HG2    sing N N 208 
PRO CG    HG3    sing N N 209 
PRO CD    HD2    sing N N 210 
PRO CD    HD3    sing N N 211 
PRO OXT   HXT    sing N N 212 
THR N     CA     sing N N 213 
THR N     H      sing N N 214 
THR N     H2     sing N N 215 
THR CA    C      sing N N 216 
THR CA    CB     sing N N 217 
THR CA    HA     sing N N 218 
THR C     O      doub N N 219 
THR C     OXT    sing N N 220 
THR CB    OG1    sing N N 221 
THR CB    CG2    sing N N 222 
THR CB    HB     sing N N 223 
THR OG1   HG1    sing N N 224 
THR CG2   HG21   sing N N 225 
THR CG2   HG22   sing N N 226 
THR CG2   HG23   sing N N 227 
THR OXT   HXT    sing N N 228 
U   OP3   P      sing N N 229 
U   OP3   HOP3   sing N N 230 
U   P     OP1    doub N N 231 
U   P     OP2    sing N N 232 
U   P     "O5'"  sing N N 233 
U   OP2   HOP2   sing N N 234 
U   "O5'" "C5'"  sing N N 235 
U   "C5'" "C4'"  sing N N 236 
U   "C5'" "H5'"  sing N N 237 
U   "C5'" "H5''" sing N N 238 
U   "C4'" "O4'"  sing N N 239 
U   "C4'" "C3'"  sing N N 240 
U   "C4'" "H4'"  sing N N 241 
U   "O4'" "C1'"  sing N N 242 
U   "C3'" "O3'"  sing N N 243 
U   "C3'" "C2'"  sing N N 244 
U   "C3'" "H3'"  sing N N 245 
U   "O3'" "HO3'" sing N N 246 
U   "C2'" "O2'"  sing N N 247 
U   "C2'" "C1'"  sing N N 248 
U   "C2'" "H2'"  sing N N 249 
U   "O2'" "HO2'" sing N N 250 
U   "C1'" N1     sing N N 251 
U   "C1'" "H1'"  sing N N 252 
U   N1    C2     sing N N 253 
U   N1    C6     sing N N 254 
U   C2    O2     doub N N 255 
U   C2    N3     sing N N 256 
U   N3    C4     sing N N 257 
U   N3    H3     sing N N 258 
U   C4    O4     doub N N 259 
U   C4    C5     sing N N 260 
U   C5    C6     doub N N 261 
U   C5    H5     sing N N 262 
U   C6    H6     sing N N 263 
# 
loop_
_ndb_struct_conf_na.entry_id 
_ndb_struct_conf_na.feature 
1MNB 'double helix'        
1MNB 'a-form double helix' 
1MNB 'hairpin loop'        
# 
loop_
_ndb_struct_na_base_pair.model_number 
_ndb_struct_na_base_pair.i_label_asym_id 
_ndb_struct_na_base_pair.i_label_comp_id 
_ndb_struct_na_base_pair.i_label_seq_id 
_ndb_struct_na_base_pair.i_symmetry 
_ndb_struct_na_base_pair.j_label_asym_id 
_ndb_struct_na_base_pair.j_label_comp_id 
_ndb_struct_na_base_pair.j_label_seq_id 
_ndb_struct_na_base_pair.j_symmetry 
_ndb_struct_na_base_pair.shear 
_ndb_struct_na_base_pair.stretch 
_ndb_struct_na_base_pair.stagger 
_ndb_struct_na_base_pair.buckle 
_ndb_struct_na_base_pair.propeller 
_ndb_struct_na_base_pair.opening 
_ndb_struct_na_base_pair.pair_number 
_ndb_struct_na_base_pair.pair_name 
_ndb_struct_na_base_pair.i_auth_asym_id 
_ndb_struct_na_base_pair.i_auth_seq_id 
_ndb_struct_na_base_pair.i_PDB_ins_code 
_ndb_struct_na_base_pair.j_auth_asym_id 
_ndb_struct_na_base_pair.j_auth_seq_id 
_ndb_struct_na_base_pair.j_PDB_ins_code 
_ndb_struct_na_base_pair.hbond_type_28 
_ndb_struct_na_base_pair.hbond_type_12 
1 A G 1  1_555 A C 28 1_555 0.061  0.057  1.081  17.393  -19.751 -8.112 1  B_G1:C28_B  B 1  ? B 28 ? 19 1 
1 A G 2  1_555 A C 27 1_555 0.057  0.086  0.898  17.764  -21.806 -6.235 2  B_G2:C27_B  B 2  ? B 27 ? 19 1 
1 A C 3  1_555 A G 26 1_555 0.058  0.045  0.627  9.323   -20.687 -6.940 3  B_C3:G26_B  B 3  ? B 26 ? 19 1 
1 A U 4  1_555 A A 25 1_555 -0.185 0.154  0.169  13.997  -19.738 -8.324 4  B_U4:A25_B  B 4  ? B 25 ? 20 1 
1 A C 5  1_555 A G 24 1_555 0.207  0.126  -0.377 22.866  -23.620 -5.276 5  B_C5:G24_B  B 5  ? B 24 ? 19 1 
1 A G 6  1_555 A C 23 1_555 0.068  -0.266 -1.780 -15.616 5.157   -5.634 6  B_G6:C23_B  B 6  ? B 23 ? 19 1 
1 A G 8  1_555 A C 22 1_555 0.015  0.044  -0.713 -0.350  18.587  -8.260 7  B_G8:C22_B  B 8  ? B 22 ? 19 1 
1 A A 10 1_555 A U 21 1_555 0.137  0.148  -0.107 20.572  3.216   1.809  8  B_A10:U21_B B 10 ? B 21 ? 20 1 
1 A G 11 1_555 A C 20 1_555 -0.234 0.065  -1.049 -18.152 -23.717 4.068  9  B_G11:C20_B B 11 ? B 20 ? 19 1 
1 A C 12 1_555 A G 19 1_555 0.103  0.100  -0.406 -20.226 -16.022 4.011  10 B_C12:G19_B B 12 ? B 19 ? 19 1 
1 A U 13 1_555 A A 18 1_555 -0.300 0.140  0.006  -7.792  10.467  -9.563 11 B_U13:A18_B B 13 ? B 18 ? 20 1 
# 
loop_
_ndb_struct_na_base_pair_step.model_number 
_ndb_struct_na_base_pair_step.i_label_asym_id_1 
_ndb_struct_na_base_pair_step.i_label_comp_id_1 
_ndb_struct_na_base_pair_step.i_label_seq_id_1 
_ndb_struct_na_base_pair_step.i_symmetry_1 
_ndb_struct_na_base_pair_step.j_label_asym_id_1 
_ndb_struct_na_base_pair_step.j_label_comp_id_1 
_ndb_struct_na_base_pair_step.j_label_seq_id_1 
_ndb_struct_na_base_pair_step.j_symmetry_1 
_ndb_struct_na_base_pair_step.i_label_asym_id_2 
_ndb_struct_na_base_pair_step.i_label_comp_id_2 
_ndb_struct_na_base_pair_step.i_label_seq_id_2 
_ndb_struct_na_base_pair_step.i_symmetry_2 
_ndb_struct_na_base_pair_step.j_label_asym_id_2 
_ndb_struct_na_base_pair_step.j_label_comp_id_2 
_ndb_struct_na_base_pair_step.j_label_seq_id_2 
_ndb_struct_na_base_pair_step.j_symmetry_2 
_ndb_struct_na_base_pair_step.shift 
_ndb_struct_na_base_pair_step.slide 
_ndb_struct_na_base_pair_step.rise 
_ndb_struct_na_base_pair_step.tilt 
_ndb_struct_na_base_pair_step.roll 
_ndb_struct_na_base_pair_step.twist 
_ndb_struct_na_base_pair_step.x_displacement 
_ndb_struct_na_base_pair_step.y_displacement 
_ndb_struct_na_base_pair_step.helical_rise 
_ndb_struct_na_base_pair_step.inclination 
_ndb_struct_na_base_pair_step.tip 
_ndb_struct_na_base_pair_step.helical_twist 
_ndb_struct_na_base_pair_step.step_number 
_ndb_struct_na_base_pair_step.step_name 
_ndb_struct_na_base_pair_step.i_auth_asym_id_1 
_ndb_struct_na_base_pair_step.i_auth_seq_id_1 
_ndb_struct_na_base_pair_step.i_PDB_ins_code_1 
_ndb_struct_na_base_pair_step.j_auth_asym_id_1 
_ndb_struct_na_base_pair_step.j_auth_seq_id_1 
_ndb_struct_na_base_pair_step.j_PDB_ins_code_1 
_ndb_struct_na_base_pair_step.i_auth_asym_id_2 
_ndb_struct_na_base_pair_step.i_auth_seq_id_2 
_ndb_struct_na_base_pair_step.i_PDB_ins_code_2 
_ndb_struct_na_base_pair_step.j_auth_asym_id_2 
_ndb_struct_na_base_pair_step.j_auth_seq_id_2 
_ndb_struct_na_base_pair_step.j_PDB_ins_code_2 
1 A G 1  1_555 A C 28 1_555 A G 2  1_555 A C 27 1_555 -0.141 -1.050 3.378 -1.186 2.070  34.774 -2.075 0.051  3.314 3.458  1.981   
34.853 1  BB_G1G2:C27C28_BB   B 1  ? B 28 ? B 2  ? B 27 ? 
1 A G 2  1_555 A C 27 1_555 A C 3  1_555 A G 26 1_555 -0.483 -1.080 3.551 -2.813 4.170  35.538 -2.394 0.352  3.434 6.790  4.580   
35.881 2  BB_G2C3:G26C27_BB   B 2  ? B 27 ? B 3  ? B 26 ? 
1 A C 3  1_555 A G 26 1_555 A U 4  1_555 A A 25 1_555 0.090  -1.079 3.256 1.783  0.802  30.972 -2.169 0.171  3.228 1.499  -3.334  
31.033 3  BB_C3U4:A25G26_BB   B 3  ? B 26 ? B 4  ? B 25 ? 
1 A U 4  1_555 A A 25 1_555 A C 5  1_555 A G 24 1_555 0.307  -1.124 3.190 2.157  0.810  33.411 -2.081 -0.187 3.176 1.406  -3.747  
33.489 4  BB_U4C5:G24A25_BB   B 4  ? B 25 ? B 5  ? B 24 ? 
1 A C 5  1_555 A G 24 1_555 A G 6  1_555 A C 23 1_555 -0.319 -1.395 4.790 2.703  18.279 39.583 -4.320 0.791  3.793 25.384 -3.753  
43.526 5  BB_C5G6:C23G24_BB   B 5  ? B 24 ? B 6  ? B 23 ? 
1 A G 6  1_555 A C 23 1_555 A G 8  1_555 A C 22 1_555 -2.174 -0.751 3.286 -7.605 4.392  38.738 -1.647 2.266  3.532 6.519  11.289  
39.684 6  BB_G6G8:C22C23_BB   B 6  ? B 23 ? B 8  ? B 22 ? 
1 A G 8  1_555 A C 22 1_555 A A 10 1_555 A U 21 1_555 -0.063 -1.547 3.314 -3.533 -1.312 26.219 -3.021 -0.823 3.365 -2.874 7.738   
26.484 7  BB_G8A10:U21C22_BB  B 8  ? B 22 ? B 10 ? B 21 ? 
1 A A 10 1_555 A U 21 1_555 A G 11 1_555 A C 20 1_555 0.229  -2.742 4.520 8.159  22.230 29.073 -7.607 0.863  1.996 37.429 -13.737 
37.334 8  BB_A10G11:C20U21_BB B 10 ? B 21 ? B 11 ? B 20 ? 
1 A G 11 1_555 A C 20 1_555 A C 12 1_555 A G 19 1_555 -0.381 -1.645 3.391 -2.224 7.899  31.421 -4.305 0.298  2.921 14.282 4.021   
32.448 9  BB_G11C12:G19C20_BB B 11 ? B 20 ? B 12 ? B 19 ? 
1 A C 12 1_555 A G 19 1_555 A U 13 1_555 A A 18 1_555 -0.959 -1.358 3.292 -2.469 14.813 20.908 -6.792 1.534  2.003 35.505 5.919   
25.694 10 BB_C12U13:A18G19_BB B 12 ? B 19 ? B 13 ? B 18 ? 
# 
_atom_sites.entry_id                    1MNB 
_atom_sites.fract_transf_matrix[1][1]   1.000000 
_atom_sites.fract_transf_matrix[1][2]   0.000000 
_atom_sites.fract_transf_matrix[1][3]   0.000000 
_atom_sites.fract_transf_matrix[2][1]   0.000000 
_atom_sites.fract_transf_matrix[2][2]   1.000000 
_atom_sites.fract_transf_matrix[2][3]   0.000000 
_atom_sites.fract_transf_matrix[3][1]   0.000000 
_atom_sites.fract_transf_matrix[3][2]   0.000000 
_atom_sites.fract_transf_matrix[3][3]   1.000000 
_atom_sites.fract_transf_vector[1]      0.00000 
_atom_sites.fract_transf_vector[2]      0.00000 
_atom_sites.fract_transf_vector[3]      0.00000 
# 
loop_
_atom_type.symbol 
C 
H 
N 
O 
P 
# 
loop_
_atom_site.group_PDB 
_atom_site.id 
_atom_site.type_symbol 
_atom_site.label_atom_id 
_atom_site.label_alt_id 
_atom_site.label_comp_id 
_atom_site.label_asym_id 
_atom_site.label_entity_id 
_atom_site.label_seq_id 
_atom_site.pdbx_PDB_ins_code 
_atom_site.Cartn_x 
_atom_site.Cartn_y 
_atom_site.Cartn_z 
_atom_site.occupancy 
_atom_site.B_iso_or_equiv 
_atom_site.pdbx_formal_charge 
_atom_site.auth_seq_id 
_atom_site.auth_comp_id 
_atom_site.auth_asym_id 
_atom_site.auth_atom_id 
_atom_site.pdbx_PDB_model_num 
ATOM 1    P P      . G   A 1 1  ? -11.117 -21.386 8.724   1.00 0.00 ? 1  G   B P      1 
ATOM 2    O OP1    . G   A 1 1  ? -11.682 -22.700 9.266   1.00 0.00 ? 1  G   B OP1    1 
ATOM 3    O OP2    . G   A 1 1  ? -10.053 -20.853 9.687   1.00 0.00 ? 1  G   B OP2    1 
ATOM 4    O "O5'"  . G   A 1 1  ? -10.461 -21.643 7.271   1.00 0.00 ? 1  G   B "O5'"  1 
ATOM 5    C "C5'"  . G   A 1 1  ? -9.933  -20.567 6.487   1.00 0.00 ? 1  G   B "C5'"  1 
ATOM 6    C "C4'"  . G   A 1 1  ? -9.408  -21.107 5.147   1.00 0.00 ? 1  G   B "C4'"  1 
ATOM 7    O "O4'"  . G   A 1 1  ? -10.489 -21.683 4.379   1.00 0.00 ? 1  G   B "O4'"  1 
ATOM 8    C "C3'"  . G   A 1 1  ? -8.805  -20.007 4.260   1.00 0.00 ? 1  G   B "C3'"  1 
ATOM 9    O "O3'"  . G   A 1 1  ? -7.426  -19.752 4.592   1.00 0.00 ? 1  G   B "O3'"  1 
ATOM 10   C "C2'"  . G   A 1 1  ? -9.007  -20.597 2.862   1.00 0.00 ? 1  G   B "C2'"  1 
ATOM 11   O "O2'"  . G   A 1 1  ? -7.981  -21.524 2.515   1.00 0.00 ? 1  G   B "O2'"  1 
ATOM 12   C "C1'"  . G   A 1 1  ? -10.359 -21.323 2.983   1.00 0.00 ? 1  G   B "C1'"  1 
ATOM 13   N N9     . G   A 1 1  ? -11.510 -20.461 2.545   1.00 0.00 ? 1  G   B N9     1 
ATOM 14   C C8     . G   A 1 1  ? -12.417 -19.718 3.294   1.00 0.00 ? 1  G   B C8     1 
ATOM 15   N N7     . G   A 1 1  ? -13.477 -19.060 2.716   1.00 0.00 ? 1  G   B N7     1 
ATOM 16   C C5     . G   A 1 1  ? -13.215 -19.421 1.412   1.00 0.00 ? 1  G   B C5     1 
ATOM 17   C C6     . G   A 1 1  ? -14.042 -19.023 0.169   1.00 0.00 ? 1  G   B C6     1 
ATOM 18   O O6     . G   A 1 1  ? -15.060 -18.333 0.219   1.00 0.00 ? 1  G   B O6     1 
ATOM 19   N N1     . G   A 1 1  ? -13.554 -19.485 -1.012  1.00 0.00 ? 1  G   B N1     1 
ATOM 20   C C2     . G   A 1 1  ? -12.333 -20.301 -1.127  1.00 0.00 ? 1  G   B C2     1 
ATOM 21   N N2     . G   A 1 1  ? -11.906 -20.705 -2.408  1.00 0.00 ? 1  G   B N2     1 
ATOM 22   N N3     . G   A 1 1  ? -11.660 -20.640 -0.070  1.00 0.00 ? 1  G   B N3     1 
ATOM 23   C C4     . G   A 1 1  ? -12.037 -20.241 1.272   1.00 0.00 ? 1  G   B C4     1 
ATOM 24   H "H5'"  . G   A 1 1  ? -9.118  -20.068 7.044   1.00 0.00 ? 1  G   B "H5'"  1 
ATOM 25   H "H5''" . G   A 1 1  ? -10.716 -19.804 6.321   1.00 0.00 ? 1  G   B "H5''" 1 
ATOM 26   H "H4'"  . G   A 1 1  ? -8.650  -21.892 5.335   1.00 0.00 ? 1  G   B "H4'"  1 
ATOM 27   H "H3'"  . G   A 1 1  ? -9.392  -19.069 4.329   1.00 0.00 ? 1  G   B "H3'"  1 
ATOM 28   H "H2'"  . G   A 1 1  ? -9.014  -19.804 2.100   1.00 0.00 ? 1  G   B "H2'"  1 
ATOM 29   H "HO2'" . G   A 1 1  ? -8.214  -21.863 1.647   1.00 0.00 ? 1  G   B "HO2'" 1 
ATOM 30   H "H1'"  . G   A 1 1  ? -10.362 -22.244 2.369   1.00 0.00 ? 1  G   B "H1'"  1 
ATOM 31   H H8     . G   A 1 1  ? -12.300 -19.663 4.368   1.00 0.00 ? 1  G   B H8     1 
ATOM 32   H H1     . G   A 1 1  ? -14.098 -19.210 -1.838  1.00 0.00 ? 1  G   B H1     1 
ATOM 33   H H21    . G   A 1 1  ? -12.452 -20.420 -3.228  1.00 0.00 ? 1  G   B H21    1 
ATOM 34   H H22    . G   A 1 1  ? -11.056 -21.273 -2.493  1.00 0.00 ? 1  G   B H22    1 
ATOM 35   P P      . G   A 1 2  ? -6.680  -18.344 4.271   1.00 0.00 ? 2  G   B P      1 
ATOM 36   O OP1    . G   A 1 2  ? -5.351  -18.296 5.029   1.00 0.00 ? 2  G   B OP1    1 
ATOM 37   O OP2    . G   A 1 2  ? -7.558  -17.176 4.728   1.00 0.00 ? 2  G   B OP2    1 
ATOM 38   O "O5'"  . G   A 1 2  ? -6.403  -18.214 2.685   1.00 0.00 ? 2  G   B "O5'"  1 
ATOM 39   C "C5'"  . G   A 1 2  ? -5.509  -19.094 1.989   1.00 0.00 ? 2  G   B "C5'"  1 
ATOM 40   C "C4'"  . G   A 1 2  ? -5.815  -19.127 0.483   1.00 0.00 ? 2  G   B "C4'"  1 
ATOM 41   O "O4'"  . G   A 1 2  ? -7.204  -19.468 0.277   1.00 0.00 ? 2  G   B "O4'"  1 
ATOM 42   C "C3'"  . G   A 1 2  ? -5.605  -17.779 -0.228  1.00 0.00 ? 2  G   B "C3'"  1 
ATOM 43   O "O3'"  . G   A 1 2  ? -4.236  -17.591 -0.635  1.00 0.00 ? 2  G   B "O3'"  1 
ATOM 44   C "C2'"  . G   A 1 2  ? -6.578  -17.906 -1.400  1.00 0.00 ? 2  G   B "C2'"  1 
ATOM 45   O "O2'"  . G   A 1 2  ? -6.014  -18.639 -2.485  1.00 0.00 ? 2  G   B "O2'"  1 
ATOM 46   C "C1'"  . G   A 1 2  ? -7.761  -18.680 -0.801  1.00 0.00 ? 2  G   B "C1'"  1 
ATOM 47   N N9     . G   A 1 2  ? -8.865  -17.789 -0.313  1.00 0.00 ? 2  G   B N9     1 
ATOM 48   C C8     . G   A 1 2  ? -9.243  -17.413 0.969   1.00 0.00 ? 2  G   B C8     1 
ATOM 49   N N7     . G   A 1 2  ? -10.455 -16.816 1.229   1.00 0.00 ? 2  G   B N7     1 
ATOM 50   C C5     . G   A 1 2  ? -10.907 -16.775 -0.073  1.00 0.00 ? 2  G   B C5     1 
ATOM 51   C C6     . G   A 1 2  ? -12.239 -16.168 -0.563  1.00 0.00 ? 2  G   B C6     1 
ATOM 52   O O6     . G   A 1 2  ? -13.094 -15.715 0.194   1.00 0.00 ? 2  G   B O6     1 
ATOM 53   N N1     . G   A 1 2  ? -12.409 -16.179 -1.913  1.00 0.00 ? 2  G   B N1     1 
ATOM 54   C C2     . G   A 1 2  ? -11.415 -16.731 -2.852  1.00 0.00 ? 2  G   B C2     1 
ATOM 55   N N2     . G   A 1 2  ? -11.661 -16.659 -4.236  1.00 0.00 ? 2  G   B N2     1 
ATOM 56   N N3     . G   A 1 2  ? -10.318 -17.264 -2.418  1.00 0.00 ? 2  G   B N3     1 
ATOM 57   C C4     . G   A 1 2  ? -9.970  -17.323 -1.016  1.00 0.00 ? 2  G   B C4     1 
ATOM 58   H "H5'"  . G   A 1 2  ? -5.601  -20.118 2.396   1.00 0.00 ? 2  G   B "H5'"  1 
ATOM 59   H "H5''" . G   A 1 2  ? -4.465  -18.780 2.168   1.00 0.00 ? 2  G   B "H5''" 1 
ATOM 60   H "H4'"  . G   A 1 2  ? -5.186  -19.896 -0.003  1.00 0.00 ? 2  G   B "H4'"  1 
ATOM 61   H "H3'"  . G   A 1 2  ? -5.932  -16.931 0.408   1.00 0.00 ? 2  G   B "H3'"  1 
ATOM 62   H "H2'"  . G   A 1 2  ? -6.866  -16.923 -1.792  1.00 0.00 ? 2  G   B "H2'"  1 
ATOM 63   H "HO2'" . G   A 1 2  ? -5.768  -19.495 -2.127  1.00 0.00 ? 2  G   B "HO2'" 1 
ATOM 64   H "H1'"  . G   A 1 2  ? -8.192  -19.335 -1.567  1.00 0.00 ? 2  G   B "H1'"  1 
ATOM 65   H H8     . G   A 1 2  ? -8.583  -17.617 1.797   1.00 0.00 ? 2  G   B H8     1 
ATOM 66   H H1     . G   A 1 2  ? -13.288 -15.764 -2.240  1.00 0.00 ? 2  G   B H1     1 
ATOM 67   H H21    . G   A 1 2  ? -12.532 -16.228 -4.566  1.00 0.00 ? 2  G   B H21    1 
ATOM 68   H H22    . G   A 1 2  ? -10.964 -17.036 -4.887  1.00 0.00 ? 2  G   B H22    1 
ATOM 69   P P      . C   A 1 3  ? -3.600  -16.127 -0.932  1.00 0.00 ? 3  C   B P      1 
ATOM 70   O OP1    . C   A 1 3  ? -2.102  -16.272 -1.209  1.00 0.00 ? 3  C   B OP1    1 
ATOM 71   O OP2    . C   A 1 3  ? -3.797  -15.228 0.291   1.00 0.00 ? 3  C   B OP2    1 
ATOM 72   O "O5'"  . C   A 1 3  ? -4.330  -15.450 -2.207  1.00 0.00 ? 3  C   B "O5'"  1 
ATOM 73   C "C5'"  . C   A 1 3  ? -4.113  -15.881 -3.559  1.00 0.00 ? 3  C   B "C5'"  1 
ATOM 74   C "C4'"  . C   A 1 3  ? -5.105  -15.215 -4.536  1.00 0.00 ? 3  C   B "C4'"  1 
ATOM 75   O "O4'"  . C   A 1 3  ? -6.463  -15.599 -4.224  1.00 0.00 ? 3  C   B "O4'"  1 
ATOM 76   C "C3'"  . C   A 1 3  ? -5.102  -13.680 -4.475  1.00 0.00 ? 3  C   B "C3'"  1 
ATOM 77   O "O3'"  . C   A 1 3  ? -4.026  -13.104 -5.242  1.00 0.00 ? 3  C   B "O3'"  1 
ATOM 78   C "C2'"  . C   A 1 3  ? -6.490  -13.354 -5.027  1.00 0.00 ? 3  C   B "C2'"  1 
ATOM 79   O "O2'"  . C   A 1 3  ? -6.513  -13.349 -6.452  1.00 0.00 ? 3  C   B "O2'"  1 
ATOM 80   C "C1'"  . C   A 1 3  ? -7.373  -14.494 -4.487  1.00 0.00 ? 3  C   B "C1'"  1 
ATOM 81   N N1     . C   A 1 3  ? -8.137  -14.104 -3.256  1.00 0.00 ? 3  C   B N1     1 
ATOM 82   C C2     . C   A 1 3  ? -9.401  -13.521 -3.340  1.00 0.00 ? 3  C   B C2     1 
ATOM 83   O O2     . C   A 1 3  ? -9.921  -13.252 -4.424  1.00 0.00 ? 3  C   B O2     1 
ATOM 84   N N3     . C   A 1 3  ? -10.112 -13.247 -2.081  1.00 0.00 ? 3  C   B N3     1 
ATOM 85   C C4     . C   A 1 3  ? -9.626  -13.573 -0.922  1.00 0.00 ? 3  C   B C4     1 
ATOM 86   N N4     . C   A 1 3  ? -10.391 -13.288 0.225   1.00 0.00 ? 3  C   B N4     1 
ATOM 87   C C5     . C   A 1 3  ? -8.403  -14.174 -0.797  1.00 0.00 ? 3  C   B C5     1 
ATOM 88   C C6     . C   A 1 3  ? -7.617  -14.393 -1.885  1.00 0.00 ? 3  C   B C6     1 
ATOM 89   H "H5'"  . C   A 1 3  ? -4.209  -16.981 -3.624  1.00 0.00 ? 3  C   B "H5'"  1 
ATOM 90   H "H5''" . C   A 1 3  ? -3.074  -15.648 -3.858  1.00 0.00 ? 3  C   B "H5''" 1 
ATOM 91   H "H4'"  . C   A 1 3  ? -4.874  -15.545 -5.568  1.00 0.00 ? 3  C   B "H4'"  1 
ATOM 92   H "H3'"  . C   A 1 3  ? -5.052  -13.321 -3.428  1.00 0.00 ? 3  C   B "H3'"  1 
ATOM 93   H "H2'"  . C   A 1 3  ? -6.818  -12.361 -4.683  1.00 0.00 ? 3  C   B "H2'"  1 
ATOM 94   H "HO2'" . C   A 1 3  ? -7.419  -13.149 -6.701  1.00 0.00 ? 3  C   B "HO2'" 1 
ATOM 95   H "H1'"  . C   A 1 3  ? -8.101  -14.816 -5.256  1.00 0.00 ? 3  C   B "H1'"  1 
ATOM 96   H H41    . C   A 1 3  ? -11.308 -12.840 0.114   1.00 0.00 ? 3  C   B H41    1 
ATOM 97   H H42    . C   A 1 3  ? -10.018 -13.536 1.148   1.00 0.00 ? 3  C   B H42    1 
ATOM 98   H H5     . C   A 1 3  ? -8.019  -14.524 0.162   1.00 0.00 ? 3  C   B H5     1 
ATOM 99   H H6     . C   A 1 3  ? -6.620  -14.798 -1.746  1.00 0.00 ? 3  C   B H6     1 
ATOM 100  P P      . U   A 1 4  ? -3.447  -11.614 -4.951  1.00 0.00 ? 4  U   B P      1 
ATOM 101  O OP1    . U   A 1 4  ? -2.193  -11.383 -5.797  1.00 0.00 ? 4  U   B OP1    1 
ATOM 102  O OP2    . U   A 1 4  ? -3.081  -11.485 -3.469  1.00 0.00 ? 4  U   B OP2    1 
ATOM 103  O "O5'"  . U   A 1 4  ? -4.565  -10.502 -5.319  1.00 0.00 ? 4  U   B "O5'"  1 
ATOM 104  C "C5'"  . U   A 1 4  ? -4.960  -10.223 -6.671  1.00 0.00 ? 4  U   B "C5'"  1 
ATOM 105  C "C4'"  . U   A 1 4  ? -6.320  -9.502  -6.728  1.00 0.00 ? 4  U   B "C4'"  1 
ATOM 106  O "O4'"  . U   A 1 4  ? -7.332  -10.285 -6.057  1.00 0.00 ? 4  U   B "O4'"  1 
ATOM 107  C "C3'"  . U   A 1 4  ? -6.346  -8.141  -6.018  1.00 0.00 ? 4  U   B "C3'"  1 
ATOM 108  O "O3'"  . U   A 1 4  ? -5.780  -7.083  -6.816  1.00 0.00 ? 4  U   B "O3'"  1 
ATOM 109  C "C2'"  . U   A 1 4  ? -7.845  -7.980  -5.762  1.00 0.00 ? 4  U   B "C2'"  1 
ATOM 110  O "O2'"  . U   A 1 4  ? -8.531  -7.475  -6.905  1.00 0.00 ? 4  U   B "O2'"  1 
ATOM 111  C "C1'"  . U   A 1 4  ? -8.321  -9.413  -5.450  1.00 0.00 ? 4  U   B "C1'"  1 
ATOM 112  N N1     . U   A 1 4  ? -8.472  -9.669  -3.975  1.00 0.00 ? 4  U   B N1     1 
ATOM 113  C C2     . U   A 1 4  ? -9.686  -9.400  -3.342  1.00 0.00 ? 4  U   B C2     1 
ATOM 114  O O2     . U   A 1 4  ? -10.658 -8.926  -3.934  1.00 0.00 ? 4  U   B O2     1 
ATOM 115  N N3     . U   A 1 4  ? -9.844  -9.642  -2.007  1.00 0.00 ? 4  U   B N3     1 
ATOM 116  C C4     . U   A 1 4  ? -8.864  -10.111 -1.184  1.00 0.00 ? 4  U   B C4     1 
ATOM 117  O O4     . U   A 1 4  ? -9.054  -10.282 0.017   1.00 0.00 ? 4  U   B O4     1 
ATOM 118  C C5     . U   A 1 4  ? -7.498  -10.404 -1.828  1.00 0.00 ? 4  U   B C5     1 
ATOM 119  C C6     . U   A 1 4  ? -7.335  -10.185 -3.153  1.00 0.00 ? 4  U   B C6     1 
ATOM 120  H "H5'"  . U   A 1 4  ? -5.025  -11.166 -7.245  1.00 0.00 ? 4  U   B "H5'"  1 
ATOM 121  H "H5''" . U   A 1 4  ? -4.180  -9.616  -7.168  1.00 0.00 ? 4  U   B "H5''" 1 
ATOM 122  H "H4'"  . U   A 1 4  ? -6.613  -9.370  -7.789  1.00 0.00 ? 4  U   B "H4'"  1 
ATOM 123  H "H3'"  . U   A 1 4  ? -5.827  -8.193  -5.041  1.00 0.00 ? 4  U   B "H3'"  1 
ATOM 124  H "H2'"  . U   A 1 4  ? -8.022  -7.284  -4.933  1.00 0.00 ? 4  U   B "H2'"  1 
ATOM 125  H "HO2'" . U   A 1 4  ? -8.374  -8.108  -7.610  1.00 0.00 ? 4  U   B "HO2'" 1 
ATOM 126  H "H1'"  . U   A 1 4  ? -9.298  -9.607  -5.935  1.00 0.00 ? 4  U   B "H1'"  1 
ATOM 127  H H3     . U   A 1 4  ? -10.755 -9.426  -1.588  1.00 0.00 ? 4  U   B H3     1 
ATOM 128  H H5     . U   A 1 4  ? -6.681  -10.788 -1.217  1.00 0.00 ? 4  U   B H5     1 
ATOM 129  H H6     . U   A 1 4  ? -6.373  -10.402 -3.609  1.00 0.00 ? 4  U   B H6     1 
ATOM 130  P P      . C   A 1 5  ? -5.214  -5.704  -6.161  1.00 0.00 ? 5  C   B P      1 
ATOM 131  O OP1    . C   A 1 5  ? -4.394  -4.945  -7.207  1.00 0.00 ? 5  C   B OP1    1 
ATOM 132  O OP2    . C   A 1 5  ? -4.314  -6.037  -4.969  1.00 0.00 ? 5  C   B OP2    1 
ATOM 133  O "O5'"  . C   A 1 5  ? -6.443  -4.776  -5.655  1.00 0.00 ? 5  C   B "O5'"  1 
ATOM 134  C "C5'"  . C   A 1 5  ? -7.343  -4.109  -6.556  1.00 0.00 ? 5  C   B "C5'"  1 
ATOM 135  C "C4'"  . C   A 1 5  ? -8.695  -3.788  -5.887  1.00 0.00 ? 5  C   B "C4'"  1 
ATOM 136  O "O4'"  . C   A 1 5  ? -9.261  -4.989  -5.320  1.00 0.00 ? 5  C   B "O4'"  1 
ATOM 137  C "C3'"  . C   A 1 5  ? -8.616  -2.799  -4.713  1.00 0.00 ? 5  C   B "C3'"  1 
ATOM 138  O "O3'"  . C   A 1 5  ? -8.557  -1.423  -5.135  1.00 0.00 ? 5  C   B "O3'"  1 
ATOM 139  C "C2'"  . C   A 1 5  ? -9.898  -3.141  -3.950  1.00 0.00 ? 5  C   B "C2'"  1 
ATOM 140  O "O2'"  . C   A 1 5  ? -11.042 -2.495  -4.500  1.00 0.00 ? 5  C   B "O2'"  1 
ATOM 141  C "C1'"  . C   A 1 5  ? -10.020 -4.669  -4.124  1.00 0.00 ? 5  C   B "C1'"  1 
ATOM 142  N N1     . C   A 1 5  ? -9.516  -5.412  -2.921  1.00 0.00 ? 5  C   B N1     1 
ATOM 143  C C2     . C   A 1 5  ? -10.360 -5.676  -1.843  1.00 0.00 ? 5  C   B C2     1 
ATOM 144  O O2     . C   A 1 5  ? -11.542 -5.319  -1.837  1.00 0.00 ? 5  C   B O2     1 
ATOM 145  N N3     . C   A 1 5  ? -9.783  -6.361  -0.680  1.00 0.00 ? 5  C   B N3     1 
ATOM 146  C C4     . C   A 1 5  ? -8.519  -6.647  -0.593  1.00 0.00 ? 5  C   B C4     1 
ATOM 147  N N4     . C   A 1 5  ? -8.059  -7.243  0.594   1.00 0.00 ? 5  C   B N4     1 
ATOM 148  C C5     . C   A 1 5  ? -7.647  -6.389  -1.613  1.00 0.00 ? 5  C   B C5     1 
ATOM 149  C C6     . C   A 1 5  ? -8.074  -5.800  -2.765  1.00 0.00 ? 5  C   B C6     1 
ATOM 150  H "H5'"  . C   A 1 5  ? -7.523  -4.746  -7.442  1.00 0.00 ? 5  C   B "H5'"  1 
ATOM 151  H "H5''" . C   A 1 5  ? -6.869  -3.185  -6.936  1.00 0.00 ? 5  C   B "H5''" 1 
ATOM 152  H "H4'"  . C   A 1 5  ? -9.389  -3.390  -6.653  1.00 0.00 ? 5  C   B "H4'"  1 
ATOM 153  H "H3'"  . C   A 1 5  ? -7.744  -3.023  -4.068  1.00 0.00 ? 5  C   B "H3'"  1 
ATOM 154  H "H2'"  . C   A 1 5  ? -9.811  -2.831  -2.895  1.00 0.00 ? 5  C   B "H2'"  1 
ATOM 155  H "HO2'" . C   A 1 5  ? -11.104 -2.794  -5.411  1.00 0.00 ? 5  C   B "HO2'" 1 
ATOM 156  H "H1'"  . C   A 1 5  ? -11.073 -4.963  -4.300  1.00 0.00 ? 5  C   B "H1'"  1 
ATOM 157  H H41    . C   A 1 5  ? -8.725  -7.421  1.353   1.00 0.00 ? 5  C   B H41    1 
ATOM 158  H H42    . C   A 1 5  ? -7.066  -7.487  0.676   1.00 0.00 ? 5  C   B H42    1 
ATOM 159  H H5     . C   A 1 5  ? -6.591  -6.653  -1.528  1.00 0.00 ? 5  C   B H5     1 
ATOM 160  H H6     . C   A 1 5  ? -7.360  -5.627  -3.565  1.00 0.00 ? 5  C   B H6     1 
ATOM 161  P P      . G   A 1 6  ? -8.060  -0.240  -4.134  1.00 0.00 ? 6  G   B P      1 
ATOM 162  O OP1    . G   A 1 6  ? -7.826  1.042   -4.937  1.00 0.00 ? 6  G   B OP1    1 
ATOM 163  O OP2    . G   A 1 6  ? -6.744  -0.653  -3.470  1.00 0.00 ? 6  G   B OP2    1 
ATOM 164  O "O5'"  . G   A 1 6  ? -9.169  0.027   -2.982  1.00 0.00 ? 6  G   B "O5'"  1 
ATOM 165  C "C5'"  . G   A 1 6  ? -10.375 0.774   -3.221  1.00 0.00 ? 6  G   B "C5'"  1 
ATOM 166  C "C4'"  . G   A 1 6  ? -11.157 1.053   -1.920  1.00 0.00 ? 6  G   B "C4'"  1 
ATOM 167  O "O4'"  . G   A 1 6  ? -11.680 -0.187  -1.404  1.00 0.00 ? 6  G   B "O4'"  1 
ATOM 168  C "C3'"  . G   A 1 6  ? -10.309 1.667   -0.783  1.00 0.00 ? 6  G   B "C3'"  1 
ATOM 169  O "O3'"  . G   A 1 6  ? -10.311 3.103   -0.792  1.00 0.00 ? 6  G   B "O3'"  1 
ATOM 170  C "C2'"  . G   A 1 6  ? -10.980 1.117   0.474   1.00 0.00 ? 6  G   B "C2'"  1 
ATOM 171  O "O2'"  . G   A 1 6  ? -12.056 1.943   0.915   1.00 0.00 ? 6  G   B "O2'"  1 
ATOM 172  C "C1'"  . G   A 1 6  ? -11.525 -0.253  0.029   1.00 0.00 ? 6  G   B "C1'"  1 
ATOM 173  N N9     . G   A 1 6  ? -10.609 -1.381  0.401   1.00 0.00 ? 6  G   B N9     1 
ATOM 174  C C8     . G   A 1 6  ? -9.723  -2.127  -0.367  1.00 0.00 ? 6  G   B C8     1 
ATOM 175  N N7     . G   A 1 6  ? -8.936  -3.112  0.178   1.00 0.00 ? 6  G   B N7     1 
ATOM 176  C C5     . G   A 1 6  ? -9.385  -2.991  1.472   1.00 0.00 ? 6  G   B C5     1 
ATOM 177  C C6     . G   A 1 6  ? -8.901  -3.807  2.691   1.00 0.00 ? 6  G   B C6     1 
ATOM 178  O O6     . G   A 1 6  ? -8.046  -4.686  2.636   1.00 0.00 ? 6  G   B O6     1 
ATOM 179  N N1     . G   A 1 6  ? -9.504  -3.494  3.865   1.00 0.00 ? 6  G   B N1     1 
ATOM 180  C C2     . G   A 1 6  ? -10.527 -2.438  3.995   1.00 0.00 ? 6  G   B C2     1 
ATOM 181  N N2     . G   A 1 6  ? -11.090 -2.177  5.252   1.00 0.00 ? 6  G   B N2     1 
ATOM 182  N N3     . G   A 1 6  ? -10.912 -1.756  2.964   1.00 0.00 ? 6  G   B N3     1 
ATOM 183  C C4     . G   A 1 6  ? -10.386 -1.971  1.635   1.00 0.00 ? 6  G   B C4     1 
ATOM 184  H "H5'"  . G   A 1 6  ? -11.016 0.227   -3.936  1.00 0.00 ? 6  G   B "H5'"  1 
ATOM 185  H "H5''" . G   A 1 6  ? -10.124 1.728   -3.718  1.00 0.00 ? 6  G   B "H5''" 1 
ATOM 186  H "H4'"  . G   A 1 6  ? -12.009 1.726   -2.136  1.00 0.00 ? 6  G   B "H4'"  1 
ATOM 187  H "H3'"  . G   A 1 6  ? -9.268  1.291   -0.795  1.00 0.00 ? 6  G   B "H3'"  1 
ATOM 188  H "H2'"  . G   A 1 6  ? -10.249 1.049   1.304   1.00 0.00 ? 6  G   B "H2'"  1 
ATOM 189  H "HO2'" . G   A 1 6  ? -11.662 2.786   1.153   1.00 0.00 ? 6  G   B "HO2'" 1 
ATOM 190  H "H1'"  . G   A 1 6  ? -12.507 -0.437  0.503   1.00 0.00 ? 6  G   B "H1'"  1 
ATOM 191  H H8     . G   A 1 6  ? -9.596  -1.884  -1.408  1.00 0.00 ? 6  G   B H8     1 
ATOM 192  H H1     . G   A 1 6  ? -9.167  -4.046  4.661   1.00 0.00 ? 6  G   B H1     1 
ATOM 193  H H21    . G   A 1 6  ? -10.774 -2.722  6.062   1.00 0.00 ? 6  G   B H21    1 
ATOM 194  H H22    . G   A 1 6  ? -11.802 -1.444  5.337   1.00 0.00 ? 6  G   B H22    1 
ATOM 195  P P      . U   A 1 7  ? -9.448  4.026   -1.808  1.00 0.00 ? 7  U   B P      1 
ATOM 196  O OP1    . U   A 1 7  ? -10.216 4.201   -3.122  1.00 0.00 ? 7  U   B OP1    1 
ATOM 197  O OP2    . U   A 1 7  ? -8.100  3.371   -2.096  1.00 0.00 ? 7  U   B OP2    1 
ATOM 198  O "O5'"  . U   A 1 7  ? -9.237  5.479   -1.115  1.00 0.00 ? 7  U   B "O5'"  1 
ATOM 199  C "C5'"  . U   A 1 7  ? -10.393 6.208   -0.675  1.00 0.00 ? 7  U   B "C5'"  1 
ATOM 200  C "C4'"  . U   A 1 7  ? -10.538 6.339   0.858   1.00 0.00 ? 7  U   B "C4'"  1 
ATOM 201  O "O4'"  . U   A 1 7  ? -10.051 5.120   1.478   1.00 0.00 ? 7  U   B "O4'"  1 
ATOM 202  C "C3'"  . U   A 1 7  ? -9.726  7.510   1.487   1.00 0.00 ? 7  U   B "C3'"  1 
ATOM 203  O "O3'"  . U   A 1 7  ? -10.425 8.268   2.517   1.00 0.00 ? 7  U   B "O3'"  1 
ATOM 204  C "C2'"  . U   A 1 7  ? -8.521  6.818   2.104   1.00 0.00 ? 7  U   B "C2'"  1 
ATOM 205  O "O2'"  . U   A 1 7  ? -7.983  7.508   3.231   1.00 0.00 ? 7  U   B "O2'"  1 
ATOM 206  C "C1'"  . U   A 1 7  ? -9.096  5.452   2.503   1.00 0.00 ? 7  U   B "C1'"  1 
ATOM 207  N N1     . U   A 1 7  ? -7.993  4.452   2.619   1.00 0.00 ? 7  U   B N1     1 
ATOM 208  C C2     . U   A 1 7  ? -7.471  4.120   3.866   1.00 0.00 ? 7  U   B C2     1 
ATOM 209  O O2     . U   A 1 7  ? -7.975  4.516   4.919   1.00 0.00 ? 7  U   B O2     1 
ATOM 210  N N3     . U   A 1 7  ? -6.341  3.356   3.964   1.00 0.00 ? 7  U   B N3     1 
ATOM 211  C C4     . U   A 1 7  ? -5.599  2.940   2.900   1.00 0.00 ? 7  U   B C4     1 
ATOM 212  O O4     . U   A 1 7  ? -4.543  2.334   3.061   1.00 0.00 ? 7  U   B O4     1 
ATOM 213  C C5     . U   A 1 7  ? -6.124  3.314   1.493   1.00 0.00 ? 7  U   B C5     1 
ATOM 214  C C6     . U   A 1 7  ? -7.270  4.029   1.386   1.00 0.00 ? 7  U   B C6     1 
ATOM 215  H "H5'"  . U   A 1 7  ? -11.307 5.725   -1.062  1.00 0.00 ? 7  U   B "H5'"  1 
ATOM 216  H "H5''" . U   A 1 7  ? -10.365 7.206   -1.143  1.00 0.00 ? 7  U   B "H5''" 1 
ATOM 217  H "H4'"  . U   A 1 7  ? -11.611 6.470   1.074   1.00 0.00 ? 7  U   B "H4'"  1 
ATOM 218  H "H3'"  . U   A 1 7  ? -9.397  8.227   0.711   1.00 0.00 ? 7  U   B "H3'"  1 
ATOM 219  H "H2'"  . U   A 1 7  ? -7.740  6.720   1.323   1.00 0.00 ? 7  U   B "H2'"  1 
ATOM 220  H "HO2'" . U   A 1 7  ? -8.697  7.565   3.870   1.00 0.00 ? 7  U   B "HO2'" 1 
ATOM 221  H "H1'"  . U   A 1 7  ? -9.680  5.506   3.451   1.00 0.00 ? 7  U   B "H1'"  1 
ATOM 222  H H3     . U   A 1 7  ? -5.988  3.147   4.905   1.00 0.00 ? 7  U   B H3     1 
ATOM 223  H H5     . U   A 1 7  ? -5.550  3.014   0.619   1.00 0.00 ? 7  U   B H5     1 
ATOM 224  H H6     . U   A 1 7  ? -7.668  4.350   0.421   1.00 0.00 ? 7  U   B H6     1 
ATOM 225  P P      . G   A 1 8  ? -11.778 7.901   3.340   1.00 0.00 ? 8  G   B P      1 
ATOM 226  O OP1    . G   A 1 8  ? -12.985 8.100   2.417   1.00 0.00 ? 8  G   B OP1    1 
ATOM 227  O OP2    . G   A 1 8  ? -11.900 8.863   4.518   1.00 0.00 ? 8  G   B OP2    1 
ATOM 228  O "O5'"  . G   A 1 8  ? -11.731 6.366   3.900   1.00 0.00 ? 8  G   B "O5'"  1 
ATOM 229  C "C5'"  . G   A 1 8  ? -12.929 5.627   4.174   1.00 0.00 ? 8  G   B "C5'"  1 
ATOM 230  C "C4'"  . G   A 1 8  ? -13.044 4.967   5.576   1.00 0.00 ? 8  G   B "C4'"  1 
ATOM 231  O "O4'"  . G   A 1 8  ? -12.557 3.610   5.507   1.00 0.00 ? 8  G   B "O4'"  1 
ATOM 232  C "C3'"  . G   A 1 8  ? -12.229 5.668   6.690   1.00 0.00 ? 8  G   B "C3'"  1 
ATOM 233  O "O3'"  . G   A 1 8  ? -12.893 5.597   7.979   1.00 0.00 ? 8  G   B "O3'"  1 
ATOM 234  C "C2'"  . G   A 1 8  ? -10.944 4.828   6.686   1.00 0.00 ? 8  G   B "C2'"  1 
ATOM 235  O "O2'"  . G   A 1 8  ? -10.206 4.938   7.898   1.00 0.00 ? 8  G   B "O2'"  1 
ATOM 236  C "C1'"  . G   A 1 8  ? -11.494 3.422   6.456   1.00 0.00 ? 8  G   B "C1'"  1 
ATOM 237  N N9     . G   A 1 8  ? -10.470 2.474   5.933   1.00 0.00 ? 8  G   B N9     1 
ATOM 238  C C8     . G   A 1 8  ? -10.156 2.166   4.621   1.00 0.00 ? 8  G   B C8     1 
ATOM 239  N N7     . G   A 1 8  ? -9.274  1.164   4.305   1.00 0.00 ? 8  G   B N7     1 
ATOM 240  C C5     . G   A 1 8  ? -8.961  0.786   5.592   1.00 0.00 ? 8  G   B C5     1 
ATOM 241  C C6     . G   A 1 8  ? -8.017  -0.367  6.004   1.00 0.00 ? 8  G   B C6     1 
ATOM 242  O O6     . G   A 1 8  ? -7.419  -1.082  5.206   1.00 0.00 ? 8  G   B O6     1 
ATOM 243  N N1     . G   A 1 8  ? -7.907  -0.558  7.343   1.00 0.00 ? 8  G   B N1     1 
ATOM 244  C C2     . G   A 1 8  ? -8.631  0.242   8.345   1.00 0.00 ? 8  G   B C2     1 
ATOM 245  N N2     . G   A 1 8  ? -8.444  -0.061  9.709   1.00 0.00 ? 8  G   B N2     1 
ATOM 246  N N3     . G   A 1 8  ? -9.426  1.201   7.980   1.00 0.00 ? 8  G   B N3     1 
ATOM 247  C C4     . G   A 1 8  ? -9.661  1.548   6.591   1.00 0.00 ? 8  G   B C4     1 
ATOM 248  H "H5'"  . G   A 1 8  ? -13.074 4.868   3.383   1.00 0.00 ? 8  G   B "H5'"  1 
ATOM 249  H "H5''" . G   A 1 8  ? -13.760 6.313   4.046   1.00 0.00 ? 8  G   B "H5''" 1 
ATOM 250  H "H4'"  . G   A 1 8  ? -14.109 4.938   5.861   1.00 0.00 ? 8  G   B "H4'"  1 
ATOM 251  H "H3'"  . G   A 1 8  ? -11.972 6.717   6.466   1.00 0.00 ? 8  G   B "H3'"  1 
ATOM 252  H "H2'"  . G   A 1 8  ? -10.308 5.130   5.828   1.00 0.00 ? 8  G   B "H2'"  1 
ATOM 253  H "HO2'" . G   A 1 8  ? -10.806 4.670   8.597   1.00 0.00 ? 8  G   B "HO2'" 1 
ATOM 254  H "H1'"  . G   A 1 8  ? -11.917 3.006   7.393   1.00 0.00 ? 8  G   B "H1'"  1 
ATOM 255  H H8     . G   A 1 8  ? -10.555 2.790   3.831   1.00 0.00 ? 8  G   B H8     1 
ATOM 256  H H1     . G   A 1 8  ? -7.282  -1.326  7.616   1.00 0.00 ? 8  G   B H1     1 
ATOM 257  H H21    . G   A 1 8  ? -7.808  -0.823  9.968   1.00 0.00 ? 8  G   B H21    1 
ATOM 258  H H22    . G   A 1 8  ? -8.943  0.493   10.415  1.00 0.00 ? 8  G   B H22    1 
ATOM 259  P P      . U   A 1 9  ? -14.185 6.484   8.454   1.00 0.00 ? 9  U   B P      1 
ATOM 260  O OP1    . U   A 1 9  ? -14.602 6.013   9.848   1.00 0.00 ? 9  U   B OP1    1 
ATOM 261  O OP2    . U   A 1 9  ? -15.363 6.278   7.497   1.00 0.00 ? 9  U   B OP2    1 
ATOM 262  O "O5'"  . U   A 1 9  ? -13.827 8.065   8.538   1.00 0.00 ? 9  U   B "O5'"  1 
ATOM 263  C "C5'"  . U   A 1 9  ? -13.615 8.896   7.382   1.00 0.00 ? 9  U   B "C5'"  1 
ATOM 264  C "C4'"  . U   A 1 9  ? -12.441 9.889   7.574   1.00 0.00 ? 9  U   B "C4'"  1 
ATOM 265  O "O4'"  . U   A 1 9  ? -12.960 11.045  8.261   1.00 0.00 ? 9  U   B "O4'"  1 
ATOM 266  C "C3'"  . U   A 1 9  ? -11.266 9.332   8.419   1.00 0.00 ? 9  U   B "C3'"  1 
ATOM 267  O "O3'"  . U   A 1 9  ? -9.983  9.678   7.849   1.00 0.00 ? 9  U   B "O3'"  1 
ATOM 268  C "C2'"  . U   A 1 9  ? -11.487 10.004  9.786   1.00 0.00 ? 9  U   B "C2'"  1 
ATOM 269  O "O2'"  . U   A 1 9  ? -10.284 10.268  10.497  1.00 0.00 ? 9  U   B "O2'"  1 
ATOM 270  C "C1'"  . U   A 1 9  ? -12.185 11.323  9.435   1.00 0.00 ? 9  U   B "C1'"  1 
ATOM 271  N N1     . U   A 1 9  ? -13.055 11.825  10.546  1.00 0.00 ? 9  U   B N1     1 
ATOM 272  C C2     . U   A 1 9  ? -12.714 12.971  11.261  1.00 0.00 ? 9  U   B C2     1 
ATOM 273  O O2     . U   A 1 9  ? -11.697 13.627  11.021  1.00 0.00 ? 9  U   B O2     1 
ATOM 274  N N3     . U   A 1 9  ? -13.513 13.417  12.281  1.00 0.00 ? 9  U   B N3     1 
ATOM 275  C C4     . U   A 1 9  ? -14.666 12.803  12.682  1.00 0.00 ? 9  U   B C4     1 
ATOM 276  O O4     . U   A 1 9  ? -15.341 13.255  13.604  1.00 0.00 ? 9  U   B O4     1 
ATOM 277  C C5     . U   A 1 9  ? -15.074 11.514  11.924  1.00 0.00 ? 9  U   B C5     1 
ATOM 278  C C6     . U   A 1 9  ? -14.287 11.070  10.916  1.00 0.00 ? 9  U   B C6     1 
ATOM 279  H "H5'"  . U   A 1 9  ? -14.548 9.442   7.150   1.00 0.00 ? 9  U   B "H5'"  1 
ATOM 280  H "H5''" . U   A 1 9  ? -13.435 8.274   6.490   1.00 0.00 ? 9  U   B "H5''" 1 
ATOM 281  H "H4'"  . U   A 1 9  ? -12.060 10.212  6.589   1.00 0.00 ? 9  U   B "H4'"  1 
ATOM 282  H "H3'"  . U   A 1 9  ? -11.321 8.232   8.533   1.00 0.00 ? 9  U   B "H3'"  1 
ATOM 283  H "H2'"  . U   A 1 9  ? -12.139 9.348   10.395  1.00 0.00 ? 9  U   B "H2'"  1 
ATOM 284  H "HO2'" . U   A 1 9  ? -9.878  9.413   10.656  1.00 0.00 ? 9  U   B "HO2'" 1 
ATOM 285  H "H1'"  . U   A 1 9  ? -11.434 12.092  9.160   1.00 0.00 ? 9  U   B "H1'"  1 
ATOM 286  H H3     . U   A 1 9  ? -13.224 14.265  12.781  1.00 0.00 ? 9  U   B H3     1 
ATOM 287  H H5     . U   A 1 9  ? -15.978 10.976  12.210  1.00 0.00 ? 9  U   B H5     1 
ATOM 288  H H6     . U   A 1 9  ? -14.537 10.155  10.379  1.00 0.00 ? 9  U   B H6     1 
ATOM 289  P P      . A   A 1 10 ? -8.907  8.567   7.305   1.00 0.00 ? 10 A   B P      1 
ATOM 290  O OP1    . A   A 1 10 ? -7.623  9.287   6.891   1.00 0.00 ? 10 A   B OP1    1 
ATOM 291  O OP2    . A   A 1 10 ? -9.484  7.844   6.085   1.00 0.00 ? 10 A   B OP2    1 
ATOM 292  O "O5'"  . A   A 1 10 ? -8.543  7.467   8.454   1.00 0.00 ? 10 A   B "O5'"  1 
ATOM 293  C "C5'"  . A   A 1 10 ? -8.623  7.793   9.846   1.00 0.00 ? 10 A   B "C5'"  1 
ATOM 294  C "C4'"  . A   A 1 10 ? -7.949  6.807   10.800  1.00 0.00 ? 10 A   B "C4'"  1 
ATOM 295  O "O4'"  . A   A 1 10 ? -8.386  5.461   10.531  1.00 0.00 ? 10 A   B "O4'"  1 
ATOM 296  C "C3'"  . A   A 1 10 ? -6.423  6.776   10.683  1.00 0.00 ? 10 A   B "C3'"  1 
ATOM 297  O "O3'"  . A   A 1 10 ? -5.793  7.895   11.327  1.00 0.00 ? 10 A   B "O3'"  1 
ATOM 298  C "C2'"  . A   A 1 10 ? -6.135  5.425   11.343  1.00 0.00 ? 10 A   B "C2'"  1 
ATOM 299  O "O2'"  . A   A 1 10 ? -6.186  5.475   12.767  1.00 0.00 ? 10 A   B "O2'"  1 
ATOM 300  C "C1'"  . A   A 1 10 ? -7.293  4.557   10.813  1.00 0.00 ? 10 A   B "C1'"  1 
ATOM 301  N N9     . A   A 1 10 ? -6.885  3.814   9.582   1.00 0.00 ? 10 A   B N9     1 
ATOM 302  C C8     . A   A 1 10 ? -6.931  4.205   8.251   1.00 0.00 ? 10 A   B C8     1 
ATOM 303  N N7     . A   A 1 10 ? -6.223  3.538   7.274   1.00 0.00 ? 10 A   B N7     1 
ATOM 304  C C5     . A   A 1 10 ? -5.644  2.572   8.084   1.00 0.00 ? 10 A   B C5     1 
ATOM 305  C C6     . A   A 1 10 ? -4.734  1.509   7.755   1.00 0.00 ? 10 A   B C6     1 
ATOM 306  N N6     . A   A 1 10 ? -4.299  1.321   6.514   1.00 0.00 ? 10 A   B N6     1 
ATOM 307  N N1     . A   A 1 10 ? -4.300  0.705   8.704   1.00 0.00 ? 10 A   B N1     1 
ATOM 308  C C2     . A   A 1 10 ? -4.668  0.874   9.955   1.00 0.00 ? 10 A   B C2     1 
ATOM 309  N N3     . A   A 1 10 ? -5.470  1.778   10.451  1.00 0.00 ? 10 A   B N3     1 
ATOM 310  C C4     . A   A 1 10 ? -6.041  2.717   9.482   1.00 0.00 ? 10 A   B C4     1 
ATOM 311  H "H5'"  . A   A 1 10 ? -9.688  7.816   10.124  1.00 0.00 ? 10 A   B "H5'"  1 
ATOM 312  H "H5''" . A   A 1 10 ? -8.208  8.802   10.013  1.00 0.00 ? 10 A   B "H5''" 1 
ATOM 313  H "H4'"  . A   A 1 10 ? -8.228  7.075   11.840  1.00 0.00 ? 10 A   B "H4'"  1 
ATOM 314  H "H3'"  . A   A 1 10 ? -6.101  6.736   9.624   1.00 0.00 ? 10 A   B "H3'"  1 
ATOM 315  H "H2'"  . A   A 1 10 ? -5.129  5.062   11.053  1.00 0.00 ? 10 A   B "H2'"  1 
ATOM 316  H "HO2'" . A   A 1 10 ? -7.058  5.809   12.989  1.00 0.00 ? 10 A   B "HO2'" 1 
ATOM 317  H "H1'"  . A   A 1 10 ? -7.616  3.823   11.576  1.00 0.00 ? 10 A   B "H1'"  1 
ATOM 318  H H8     . A   A 1 10 ? -7.485  5.105   7.995   1.00 0.00 ? 10 A   B H8     1 
ATOM 319  H H61    . A   A 1 10 ? -3.643  0.544   6.371   1.00 0.00 ? 10 A   B H61    1 
ATOM 320  H H62    . A   A 1 10 ? -4.646  1.970   5.800   1.00 0.00 ? 10 A   B H62    1 
ATOM 321  H H2     . A   A 1 10 ? -4.253  0.174   10.671  1.00 0.00 ? 10 A   B H2     1 
ATOM 322  P P      . G   A 1 11 ? -4.248  8.302   11.028  1.00 0.00 ? 11 G   B P      1 
ATOM 323  O OP1    . G   A 1 11 ? -3.961  9.675   11.641  1.00 0.00 ? 11 G   B OP1    1 
ATOM 324  O OP2    . G   A 1 11 ? -4.007  8.367   9.518   1.00 0.00 ? 11 G   B OP2    1 
ATOM 325  O "O5'"  . G   A 1 11 ? -3.267  7.199   11.682  1.00 0.00 ? 11 G   B "O5'"  1 
ATOM 326  C "C5'"  . G   A 1 11 ? -3.251  6.988   13.099  1.00 0.00 ? 11 G   B "C5'"  1 
ATOM 327  C "C4'"  . G   A 1 11 ? -2.447  5.743   13.495  1.00 0.00 ? 11 G   B "C4'"  1 
ATOM 328  O "O4'"  . G   A 1 11 ? -2.930  4.579   12.791  1.00 0.00 ? 11 G   B "O4'"  1 
ATOM 329  C "C3'"  . G   A 1 11 ? -0.962  5.863   13.142  1.00 0.00 ? 11 G   B "C3'"  1 
ATOM 330  O "O3'"  . G   A 1 11 ? -0.238  6.586   14.152  1.00 0.00 ? 11 G   B "O3'"  1 
ATOM 331  C "C2'"  . G   A 1 11 ? -0.558  4.396   13.022  1.00 0.00 ? 11 G   B "C2'"  1 
ATOM 332  O "O2'"  . G   A 1 11 ? -0.287  3.799   14.287  1.00 0.00 ? 11 G   B "O2'"  1 
ATOM 333  C "C1'"  . G   A 1 11 ? -1.813  3.749   12.397  1.00 0.00 ? 11 G   B "C1'"  1 
ATOM 334  N N9     . G   A 1 11 ? -1.712  3.650   10.908  1.00 0.00 ? 11 G   B N9     1 
ATOM 335  C C8     . G   A 1 11 ? -2.366  4.338   9.895   1.00 0.00 ? 11 G   B C8     1 
ATOM 336  N N7     . G   A 1 11 ? -2.091  4.089   8.565   1.00 0.00 ? 11 G   B N7     1 
ATOM 337  C C5     . G   A 1 11 ? -1.123  3.120   8.761   1.00 0.00 ? 11 G   B C5     1 
ATOM 338  C C6     . G   A 1 11 ? -0.248  2.448   7.677   1.00 0.00 ? 11 G   B C6     1 
ATOM 339  O O6     . G   A 1 11 ? -0.378  2.643   6.472   1.00 0.00 ? 11 G   B O6     1 
ATOM 340  N N1     . G   A 1 11 ? 0.725   1.625   8.155   1.00 0.00 ? 11 G   B N1     1 
ATOM 341  C C2     . G   A 1 11 ? 0.947   1.374   9.591   1.00 0.00 ? 11 G   B C2     1 
ATOM 342  N N2     . G   A 1 11 ? 1.997   0.528   10.001  1.00 0.00 ? 11 G   B N2     1 
ATOM 343  N N3     . G   A 1 11 ? 0.191   1.928   10.479  1.00 0.00 ? 11 G   B N3     1 
ATOM 344  C C4     . G   A 1 11 ? -0.875  2.849   10.150  1.00 0.00 ? 11 G   B C4     1 
ATOM 345  H "H5'"  . G   A 1 11 ? -4.284  6.879   13.465  1.00 0.00 ? 11 G   B "H5'"  1 
ATOM 346  H "H5''" . G   A 1 11 ? -2.836  7.882   13.593  1.00 0.00 ? 11 G   B "H5''" 1 
ATOM 347  H "H4'"  . G   A 1 11 ? -2.559  5.568   14.583  1.00 0.00 ? 11 G   B "H4'"  1 
ATOM 348  H "H3'"  . G   A 1 11 ? -0.819  6.343   12.153  1.00 0.00 ? 11 G   B "H3'"  1 
ATOM 349  H "H2'"  . G   A 1 11 ? 0.352   4.296   12.399  1.00 0.00 ? 11 G   B "H2'"  1 
ATOM 350  H "HO2'" . G   A 1 11 ? 0.475   4.264   14.639  1.00 0.00 ? 11 G   B "HO2'" 1 
ATOM 351  H "H1'"  . G   A 1 11 ? -1.947  2.725   12.787  1.00 0.00 ? 11 G   B "H1'"  1 
ATOM 352  H H8     . G   A 1 11 ? -3.060  5.125   10.171  1.00 0.00 ? 11 G   B H8     1 
ATOM 353  H H1     . G   A 1 11 ? 1.312   1.202   7.428   1.00 0.00 ? 11 G   B H1     1 
ATOM 354  H H21    . G   A 1 11 ? 2.589   0.085   9.289   1.00 0.00 ? 11 G   B H21    1 
ATOM 355  H H22    . G   A 1 11 ? 2.141   0.365   11.003  1.00 0.00 ? 11 G   B H22    1 
ATOM 356  P P      . C   A 1 12 ? 1.124   7.393   13.816  1.00 0.00 ? 12 C   B P      1 
ATOM 357  O OP1    . C   A 1 12 ? 1.600   8.135   15.066  1.00 0.00 ? 12 C   B OP1    1 
ATOM 358  O OP2    . C   A 1 12 ? 0.860   8.408   12.700  1.00 0.00 ? 12 C   B OP2    1 
ATOM 359  O "O5'"  . C   A 1 12 ? 2.256   6.350   13.329  1.00 0.00 ? 12 C   B "O5'"  1 
ATOM 360  C "C5'"  . C   A 1 12 ? 2.836   5.390   14.225  1.00 0.00 ? 12 C   B "C5'"  1 
ATOM 361  C "C4'"  . C   A 1 12 ? 3.908   4.538   13.528  1.00 0.00 ? 12 C   B "C4'"  1 
ATOM 362  O "O4'"  . C   A 1 12 ? 3.324   3.758   12.476  1.00 0.00 ? 12 C   B "O4'"  1 
ATOM 363  C "C3'"  . C   A 1 12 ? 4.996   5.386   12.863  1.00 0.00 ? 12 C   B "C3'"  1 
ATOM 364  O "O3'"  . C   A 1 12 ? 6.003   5.753   13.823  1.00 0.00 ? 12 C   B "O3'"  1 
ATOM 365  C "C2'"  . C   A 1 12 ? 5.498   4.471   11.747  1.00 0.00 ? 12 C   B "C2'"  1 
ATOM 366  O "O2'"  . C   A 1 12 ? 6.577   3.645   12.178  1.00 0.00 ? 12 C   B "O2'"  1 
ATOM 367  C "C1'"  . C   A 1 12 ? 4.275   3.590   11.398  1.00 0.00 ? 12 C   B "C1'"  1 
ATOM 368  N N1     . C   A 1 12 ? 3.656   3.938   10.081  1.00 0.00 ? 12 C   B N1     1 
ATOM 369  C C2     . C   A 1 12 ? 4.171   3.404   8.904   1.00 0.00 ? 12 C   B C2     1 
ATOM 370  O O2     . C   A 1 12 ? 5.143   2.648   8.913   1.00 0.00 ? 12 C   B O2     1 
ATOM 371  N N3     . C   A 1 12 ? 3.523   3.778   7.642   1.00 0.00 ? 12 C   B N3     1 
ATOM 372  C C4     . C   A 1 12 ? 2.531   4.612   7.586   1.00 0.00 ? 12 C   B C4     1 
ATOM 373  N N4     . C   A 1 12 ? 2.024   4.953   6.314   1.00 0.00 ? 12 C   B N4     1 
ATOM 374  C C5     . C   A 1 12 ? 1.981   5.147   8.718   1.00 0.00 ? 12 C   B C5     1 
ATOM 375  C C6     . C   A 1 12 ? 2.469   4.848   9.959   1.00 0.00 ? 12 C   B C6     1 
ATOM 376  H "H5'"  . C   A 1 12 ? 2.048   4.733   14.629  1.00 0.00 ? 12 C   B "H5'"  1 
ATOM 377  H "H5''" . C   A 1 12 ? 3.282   5.916   15.087  1.00 0.00 ? 12 C   B "H5''" 1 
ATOM 378  H "H4'"  . C   A 1 12 ? 4.366   3.849   14.264  1.00 0.00 ? 12 C   B "H4'"  1 
ATOM 379  H "H3'"  . C   A 1 12 ? 4.572   6.293   12.388  1.00 0.00 ? 12 C   B "H3'"  1 
ATOM 380  H "H2'"  . C   A 1 12 ? 5.856   5.075   10.893  1.00 0.00 ? 12 C   B "H2'"  1 
ATOM 381  H "HO2'" . C   A 1 12 ? 6.238   3.125   12.909  1.00 0.00 ? 12 C   B "HO2'" 1 
ATOM 382  H "H1'"  . C   A 1 12 ? 4.580   2.530   11.359  1.00 0.00 ? 12 C   B "H1'"  1 
ATOM 383  H H41    . C   A 1 12 ? 2.446   4.529   5.480   1.00 0.00 ? 12 C   B H41    1 
ATOM 384  H H42    . C   A 1 12 ? 1.245   5.616   6.249   1.00 0.00 ? 12 C   B H42    1 
ATOM 385  H H5     . C   A 1 12 ? 1.128   5.827   8.653   1.00 0.00 ? 12 C   B H5     1 
ATOM 386  H H6     . C   A 1 12 ? 1.999   5.249   10.865  1.00 0.00 ? 12 C   B H6     1 
ATOM 387  P P      . U   A 1 13 ? 6.916   7.075   13.657  1.00 0.00 ? 13 U   B P      1 
ATOM 388  O OP1    . U   A 1 13 ? 7.763   7.276   14.916  1.00 0.00 ? 13 U   B OP1    1 
ATOM 389  O OP2    . U   A 1 13 ? 6.019   8.299   13.456  1.00 0.00 ? 13 U   B OP2    1 
ATOM 390  O "O5'"  . U   A 1 13 ? 7.870   6.899   12.369  1.00 0.00 ? 13 U   B "O5'"  1 
ATOM 391  C "C5'"  . U   A 1 13 ? 9.047   6.074   12.378  1.00 0.00 ? 13 U   B "C5'"  1 
ATOM 392  C "C4'"  . U   A 1 13 ? 9.703   6.061   10.985  1.00 0.00 ? 13 U   B "C4'"  1 
ATOM 393  O "O4'"  . U   A 1 13 ? 8.819   5.474   10.018  1.00 0.00 ? 13 U   B "O4'"  1 
ATOM 394  C "C3'"  . U   A 1 13 ? 10.013  7.476   10.469  1.00 0.00 ? 13 U   B "C3'"  1 
ATOM 395  O "O3'"  . U   A 1 13 ? 11.346  7.868   10.865  1.00 0.00 ? 13 U   B "O3'"  1 
ATOM 396  C "C2'"  . U   A 1 13 ? 9.807   7.359   8.954   1.00 0.00 ? 13 U   B "C2'"  1 
ATOM 397  O "O2'"  . U   A 1 13 ? 11.029  7.425   8.241   1.00 0.00 ? 13 U   B "O2'"  1 
ATOM 398  C "C1'"  . U   A 1 13 ? 9.178   5.975   8.713   1.00 0.00 ? 13 U   B "C1'"  1 
ATOM 399  N N1     . U   A 1 13 ? 7.992   6.008   7.806   1.00 0.00 ? 13 U   B N1     1 
ATOM 400  C C2     . U   A 1 13 ? 8.107   5.617   6.473   1.00 0.00 ? 13 U   B C2     1 
ATOM 401  O O2     . U   A 1 13 ? 9.157   5.217   5.966   1.00 0.00 ? 13 U   B O2     1 
ATOM 402  N N3     . U   A 1 13 ? 7.034   5.670   5.637   1.00 0.00 ? 13 U   B N3     1 
ATOM 403  C C4     . U   A 1 13 ? 5.796   6.124   6.006   1.00 0.00 ? 13 U   B C4     1 
ATOM 404  O O4     . U   A 1 13 ? 4.853   6.174   5.224   1.00 0.00 ? 13 U   B O4     1 
ATOM 405  C C5     . U   A 1 13 ? 5.618   6.558   7.474   1.00 0.00 ? 13 U   B C5     1 
ATOM 406  C C6     . U   A 1 13 ? 6.673   6.476   8.316   1.00 0.00 ? 13 U   B C6     1 
ATOM 407  H "H5'"  . U   A 1 13 ? 8.791   5.045   12.691  1.00 0.00 ? 13 U   B "H5'"  1 
ATOM 408  H "H5''" . U   A 1 13 ? 9.764   6.458   13.128  1.00 0.00 ? 13 U   B "H5''" 1 
ATOM 409  H "H4'"  . U   A 1 13 ? 10.632  5.460   11.023  1.00 0.00 ? 13 U   B "H4'"  1 
ATOM 410  H "H3'"  . U   A 1 13 ? 9.284   8.216   10.852  1.00 0.00 ? 13 U   B "H3'"  1 
ATOM 411  H "H2'"  . U   A 1 13 ? 9.146   8.185   8.630   1.00 0.00 ? 13 U   B "H2'"  1 
ATOM 412  H "HO2'" . U   A 1 13 ? 10.790  7.502   7.315   1.00 0.00 ? 13 U   B "HO2'" 1 
ATOM 413  H "H1'"  . U   A 1 13 ? 9.948   5.323   8.265   1.00 0.00 ? 13 U   B "H1'"  1 
ATOM 414  H H3     . U   A 1 13 ? 7.186   5.289   4.686   1.00 0.00 ? 13 U   B H3     1 
ATOM 415  H H5     . U   A 1 13 ? 4.646   6.908   7.824   1.00 0.00 ? 13 U   B H5     1 
ATOM 416  H H6     . U   A 1 13 ? 6.554   6.743   9.366   1.00 0.00 ? 13 U   B H6     1 
ATOM 417  P P      . C   A 1 14 ? 11.882  9.400   10.778  1.00 0.00 ? 14 C   B P      1 
ATOM 418  O OP1    . C   A 1 14 ? 13.116  9.554   11.673  1.00 0.00 ? 14 C   B OP1    1 
ATOM 419  O OP2    . C   A 1 14 ? 10.794  10.360  11.266  1.00 0.00 ? 14 C   B OP2    1 
ATOM 420  O "O5'"  . C   A 1 14 ? 12.264  9.756   9.245   1.00 0.00 ? 14 C   B "O5'"  1 
ATOM 421  C "C5'"  . C   A 1 14 ? 13.534  9.408   8.664   1.00 0.00 ? 14 C   B "C5'"  1 
ATOM 422  C "C4'"  . C   A 1 14 ? 13.545  9.524   7.124   1.00 0.00 ? 14 C   B "C4'"  1 
ATOM 423  O "O4'"  . C   A 1 14 ? 12.753  8.481   6.518   1.00 0.00 ? 14 C   B "O4'"  1 
ATOM 424  C "C3'"  . C   A 1 14 ? 12.927  10.827  6.597   1.00 0.00 ? 14 C   B "C3'"  1 
ATOM 425  O "O3'"  . C   A 1 14 ? 13.879  11.911  6.598   1.00 0.00 ? 14 C   B "O3'"  1 
ATOM 426  C "C2'"  . C   A 1 14 ? 12.459  10.426  5.196   1.00 0.00 ? 14 C   B "C2'"  1 
ATOM 427  O "O2'"  . C   A 1 14 ? 13.328  10.910  4.179   1.00 0.00 ? 14 C   B "O2'"  1 
ATOM 428  C "C1'"  . C   A 1 14 ? 12.451  8.883   5.168   1.00 0.00 ? 14 C   B "C1'"  1 
ATOM 429  N N1     . C   A 1 14 ? 11.131  8.365   4.685   1.00 0.00 ? 14 C   B N1     1 
ATOM 430  C C2     . C   A 1 14 ? 10.958  7.915   3.377   1.00 0.00 ? 14 C   B C2     1 
ATOM 431  O O2     . C   A 1 14 ? 11.926  7.673   2.650   1.00 0.00 ? 14 C   B O2     1 
ATOM 432  N N3     . C   A 1 14 ? 9.574   7.784   2.868   1.00 0.00 ? 14 C   B N3     1 
ATOM 433  C C4     . C   A 1 14 ? 8.547   8.157   3.579   1.00 0.00 ? 14 C   B C4     1 
ATOM 434  N N4     . C   A 1 14 ? 7.270   8.150   2.978   1.00 0.00 ? 14 C   B N4     1 
ATOM 435  C C5     . C   A 1 14 ? 8.675   8.584   4.874   1.00 0.00 ? 14 C   B C5     1 
ATOM 436  C C6     . C   A 1 14 ? 9.899   8.683   5.463   1.00 0.00 ? 14 C   B C6     1 
ATOM 437  H "H5'"  . C   A 1 14 ? 13.818  8.382   8.961   1.00 0.00 ? 14 C   B "H5'"  1 
ATOM 438  H "H5''" . C   A 1 14 ? 14.311  10.072  9.089   1.00 0.00 ? 14 C   B "H5''" 1 
ATOM 439  H "H4'"  . C   A 1 14 ? 14.589  9.430   6.766   1.00 0.00 ? 14 C   B "H4'"  1 
ATOM 440  H "H3'"  . C   A 1 14 ? 12.031  11.106  7.185   1.00 0.00 ? 14 C   B "H3'"  1 
ATOM 441  H "H2'"  . C   A 1 14 ? 11.429  10.826  5.078   1.00 0.00 ? 14 C   B "H2'"  1 
ATOM 442  H "HO2'" . C   A 1 14 ? 13.367  11.861  4.298   1.00 0.00 ? 14 C   B "HO2'" 1 
ATOM 443  H "H1'"  . C   A 1 14 ? 13.263  8.494   4.521   1.00 0.00 ? 14 C   B "H1'"  1 
ATOM 444  H H41    . C   A 1 14 ? 7.175   7.827   2.009   1.00 0.00 ? 14 C   B H41    1 
ATOM 445  H H42    . C   A 1 14 ? 6.462   8.474   3.522   1.00 0.00 ? 14 C   B H42    1 
ATOM 446  H H5     . C   A 1 14 ? 7.798   8.864   5.461   1.00 0.00 ? 14 C   B H5     1 
ATOM 447  H H6     . C   A 1 14 ? 10.018  9.038   6.484   1.00 0.00 ? 14 C   B H6     1 
ATOM 448  P P      . A   A 1 15 ? 13.464  13.459  6.886   1.00 0.00 ? 15 A   B P      1 
ATOM 449  O OP1    . A   A 1 15 ? 14.735  14.302  7.019   1.00 0.00 ? 15 A   B OP1    1 
ATOM 450  O OP2    . A   A 1 15 ? 12.676  13.540  8.196   1.00 0.00 ? 15 A   B OP2    1 
ATOM 451  O "O5'"  . A   A 1 15 ? 12.548  14.045  5.676   1.00 0.00 ? 15 A   B "O5'"  1 
ATOM 452  C "C5'"  . A   A 1 15 ? 13.052  14.282  4.349   1.00 0.00 ? 15 A   B "C5'"  1 
ATOM 453  C "C4'"  . A   A 1 15 ? 12.092  13.660  3.317   1.00 0.00 ? 15 A   B "C4'"  1 
ATOM 454  O "O4'"  . A   A 1 15 ? 10.966  14.535  3.109   1.00 0.00 ? 15 A   B "O4'"  1 
ATOM 455  C "C3'"  . A   A 1 15 ? 12.731  13.444  1.929   1.00 0.00 ? 15 A   B "C3'"  1 
ATOM 456  O "O3'"  . A   A 1 15 ? 12.242  12.200  1.388   1.00 0.00 ? 15 A   B "O3'"  1 
ATOM 457  C "C2'"  . A   A 1 15 ? 12.244  14.650  1.130   1.00 0.00 ? 15 A   B "C2'"  1 
ATOM 458  O "O2'"  . A   A 1 15 ? 12.255  14.441  -0.274  1.00 0.00 ? 15 A   B "O2'"  1 
ATOM 459  C "C1'"  . A   A 1 15 ? 10.828  14.779  1.699   1.00 0.00 ? 15 A   B "C1'"  1 
ATOM 460  N N9     . A   A 1 15 ? 10.204  16.107  1.465   1.00 0.00 ? 15 A   B N9     1 
ATOM 461  C C8     . A   A 1 15 ? 10.635  17.389  1.781   1.00 0.00 ? 15 A   B C8     1 
ATOM 462  N N7     . A   A 1 15 ? 9.824   18.494  1.606   1.00 0.00 ? 15 A   B N7     1 
ATOM 463  C C5     . A   A 1 15 ? 8.699   17.822  1.138   1.00 0.00 ? 15 A   B C5     1 
ATOM 464  C C6     . A   A 1 15 ? 7.384   18.324  0.786   1.00 0.00 ? 15 A   B C6     1 
ATOM 465  N N6     . A   A 1 15 ? 7.102   19.623  0.831   1.00 0.00 ? 15 A   B N6     1 
ATOM 466  N N1     . A   A 1 15 ? 6.429   17.487  0.413   1.00 0.00 ? 15 A   B N1     1 
ATOM 467  C C2     . A   A 1 15 ? 6.672   16.194  0.371   1.00 0.00 ? 15 A   B C2     1 
ATOM 468  N N3     . A   A 1 15 ? 7.775   15.553  0.650   1.00 0.00 ? 15 A   B N3     1 
ATOM 469  C C4     . A   A 1 15 ? 8.907   16.382  1.060   1.00 0.00 ? 15 A   B C4     1 
ATOM 470  H "H5'"  . A   A 1 15 ? 14.064  13.849  4.244   1.00 0.00 ? 15 A   B "H5'"  1 
ATOM 471  H "H5''" . A   A 1 15 ? 13.163  15.370  4.174   1.00 0.00 ? 15 A   B "H5''" 1 
ATOM 472  H "H4'"  . A   A 1 15 ? 11.719  12.697  3.701   1.00 0.00 ? 15 A   B "H4'"  1 
ATOM 473  H "H3'"  . A   A 1 15 ? 13.839  13.427  1.949   1.00 0.00 ? 15 A   B "H3'"  1 
ATOM 474  H "H2'"  . A   A 1 15 ? 12.877  15.524  1.371   1.00 0.00 ? 15 A   B "H2'"  1 
ATOM 475  H "HO2'" . A   A 1 15 ? 11.723  13.656  -0.429  1.00 0.00 ? 15 A   B "HO2'" 1 
ATOM 476  H "H1'"  . A   A 1 15 ? 10.177  13.999  1.249   1.00 0.00 ? 15 A   B "H1'"  1 
ATOM 477  H H8     . A   A 1 15 ? 11.613  17.508  2.231   1.00 0.00 ? 15 A   B H8     1 
ATOM 478  H H61    . A   A 1 15 ? 6.148   19.895  0.570   1.00 0.00 ? 15 A   B H61    1 
ATOM 479  H H62    . A   A 1 15 ? 7.864   20.249  1.117   1.00 0.00 ? 15 A   B H62    1 
ATOM 480  H H2     . A   A 1 15 ? 5.855   15.560  0.053   1.00 0.00 ? 15 A   B H2     1 
ATOM 481  P P      . U   A 1 16 ? 13.152  11.114  0.616   1.00 0.00 ? 16 U   B P      1 
ATOM 482  O OP1    . U   A 1 16 ? 14.366  10.754  1.475   1.00 0.00 ? 16 U   B OP1    1 
ATOM 483  O OP2    . U   A 1 16 ? 13.630  11.689  -0.721  1.00 0.00 ? 16 U   B OP2    1 
ATOM 484  O "O5'"  . U   A 1 16 ? 12.268  9.781   0.373   1.00 0.00 ? 16 U   B "O5'"  1 
ATOM 485  C "C5'"  . U   A 1 16 ? 11.338  9.615   -0.706  1.00 0.00 ? 16 U   B "C5'"  1 
ATOM 486  C "C4'"  . U   A 1 16 ? 9.904   10.073  -0.349  1.00 0.00 ? 16 U   B "C4'"  1 
ATOM 487  O "O4'"  . U   A 1 16 ? 9.811   11.523  -0.333  1.00 0.00 ? 16 U   B "O4'"  1 
ATOM 488  C "C3'"  . U   A 1 16 ? 8.884   9.585   -1.395  1.00 0.00 ? 16 U   B "C3'"  1 
ATOM 489  O "O3'"  . U   A 1 16 ? 7.650   9.195   -0.767  1.00 0.00 ? 16 U   B "O3'"  1 
ATOM 490  C "C2'"  . U   A 1 16 ? 8.690   10.798  -2.292  1.00 0.00 ? 16 U   B "C2'"  1 
ATOM 491  O "O2'"  . U   A 1 16 ? 7.433   10.794  -2.962  1.00 0.00 ? 16 U   B "O2'"  1 
ATOM 492  C "C1'"  . U   A 1 16 ? 8.838   11.969  -1.313  1.00 0.00 ? 16 U   B "C1'"  1 
ATOM 493  N N1     . U   A 1 16 ? 9.274   13.193  -2.046  1.00 0.00 ? 16 U   B N1     1 
ATOM 494  C C2     . U   A 1 16 ? 8.343   14.129  -2.494  1.00 0.00 ? 16 U   B C2     1 
ATOM 495  O O2     . U   A 1 16 ? 7.163   14.111  -2.135  1.00 0.00 ? 16 U   B O2     1 
ATOM 496  N N3     . U   A 1 16 ? 8.709   15.090  -3.400  1.00 0.00 ? 16 U   B N3     1 
ATOM 497  C C4     . U   A 1 16 ? 9.948   15.167  -3.977  1.00 0.00 ? 16 U   B C4     1 
ATOM 498  O O4     . U   A 1 16 ? 10.217  16.040  -4.801  1.00 0.00 ? 16 U   B O4     1 
ATOM 499  C C5     . U   A 1 16 ? 10.982  14.092  -3.553  1.00 0.00 ? 16 U   B C5     1 
ATOM 500  C C6     . U   A 1 16 ? 10.646  13.200  -2.602  1.00 0.00 ? 16 U   B C6     1 
ATOM 501  H "H5'"  . U   A 1 16 ? 11.327  8.536   -0.954  1.00 0.00 ? 16 U   B "H5'"  1 
ATOM 502  H "H5''" . U   A 1 16 ? 11.703  10.119  -1.622  1.00 0.00 ? 16 U   B "H5''" 1 
ATOM 503  H "H4'"  . U   A 1 16 ? 9.642   9.671   0.648   1.00 0.00 ? 16 U   B "H4'"  1 
ATOM 504  H "H3'"  . U   A 1 16 ? 9.279   8.744   -1.991  1.00 0.00 ? 16 U   B "H3'"  1 
ATOM 505  H "H2'"  . U   A 1 16 ? 9.518   10.836  -3.035  1.00 0.00 ? 16 U   B "H2'"  1 
ATOM 506  H "HO2'" . U   A 1 16 ? 7.458   10.050  -3.568  1.00 0.00 ? 16 U   B "HO2'" 1 
ATOM 507  H "H1'"  . U   A 1 16 ? 7.887   12.173  -0.780  1.00 0.00 ? 16 U   B "H1'"  1 
ATOM 508  H H3     . U   A 1 16 ? 7.996   15.760  -3.706  1.00 0.00 ? 16 U   B H3     1 
ATOM 509  H H5     . U   A 1 16 ? 11.954  14.006  -4.021  1.00 0.00 ? 16 U   B H5     1 
ATOM 510  H H6     . U   A 1 16 ? 11.353  12.439  -2.273  1.00 0.00 ? 16 U   B H6     1 
ATOM 511  P P      . U   A 1 17 ? 7.067   7.685   -0.778  1.00 0.00 ? 17 U   B P      1 
ATOM 512  O OP1    . U   A 1 17 ? 5.863   7.645   0.160   1.00 0.00 ? 17 U   B OP1    1 
ATOM 513  O OP2    . U   A 1 17 ? 8.135   6.706   -0.282  1.00 0.00 ? 17 U   B OP2    1 
ATOM 514  O "O5'"  . U   A 1 17 ? 6.555   7.260   -2.258  1.00 0.00 ? 17 U   B "O5'"  1 
ATOM 515  C "C5'"  . U   A 1 17 ? 7.391   6.945   -3.381  1.00 0.00 ? 17 U   B "C5'"  1 
ATOM 516  C "C4'"  . U   A 1 17 ? 6.526   7.026   -4.665  1.00 0.00 ? 17 U   B "C4'"  1 
ATOM 517  O "O4'"  . U   A 1 17 ? 6.605   8.375   -5.168  1.00 0.00 ? 17 U   B "O4'"  1 
ATOM 518  C "C3'"  . U   A 1 17 ? 6.965   6.105   -5.824  1.00 0.00 ? 17 U   B "C3'"  1 
ATOM 519  O "O3'"  . U   A 1 17 ? 5.811   5.476   -6.426  1.00 0.00 ? 17 U   B "O3'"  1 
ATOM 520  C "C2'"  . U   A 1 17 ? 7.678   7.019   -6.842  1.00 0.00 ? 17 U   B "C2'"  1 
ATOM 521  O "O2'"  . U   A 1 17 ? 7.132   6.905   -8.154  1.00 0.00 ? 17 U   B "O2'"  1 
ATOM 522  C "C1'"  . U   A 1 17 ? 7.479   8.467   -6.317  1.00 0.00 ? 17 U   B "C1'"  1 
ATOM 523  N N1     . U   A 1 17 ? 8.758   9.154   -5.923  1.00 0.00 ? 17 U   B N1     1 
ATOM 524  C C2     . U   A 1 17 ? 8.932   10.525  -6.113  1.00 0.00 ? 17 U   B C2     1 
ATOM 525  O O2     . U   A 1 17 ? 8.049   11.242  -6.586  1.00 0.00 ? 17 U   B O2     1 
ATOM 526  N N3     . U   A 1 17 ? 10.116  11.133  -5.766  1.00 0.00 ? 17 U   B N3     1 
ATOM 527  C C4     . U   A 1 17 ? 11.181  10.483  -5.198  1.00 0.00 ? 17 U   B C4     1 
ATOM 528  O O4     . U   A 1 17 ? 12.216  11.078  -4.906  1.00 0.00 ? 17 U   B O4     1 
ATOM 529  C C5     . U   A 1 17 ? 10.996  8.969   -4.924  1.00 0.00 ? 17 U   B C5     1 
ATOM 530  C C6     . U   A 1 17 ? 9.850   8.376   -5.279  1.00 0.00 ? 17 U   B C6     1 
ATOM 531  H "H5'"  . U   A 1 17 ? 7.857   5.950   -3.245  1.00 0.00 ? 17 U   B "H5'"  1 
ATOM 532  H "H5''" . U   A 1 17 ? 8.234   7.649   -3.428  1.00 0.00 ? 17 U   B "H5''" 1 
ATOM 533  H "H4'"  . U   A 1 17 ? 5.477   6.793   -4.410  1.00 0.00 ? 17 U   B "H4'"  1 
ATOM 534  H "H3'"  . U   A 1 17 ? 7.667   5.320   -5.480  1.00 0.00 ? 17 U   B "H3'"  1 
ATOM 535  H "H2'"  . U   A 1 17 ? 8.754   6.744   -6.894  1.00 0.00 ? 17 U   B "H2'"  1 
ATOM 536  H "HO2'" . U   A 1 17 ? 7.276   5.995   -8.424  1.00 0.00 ? 17 U   B "HO2'" 1 
ATOM 537  H "H1'"  . U   A 1 17 ? 6.972   9.073   -7.093  1.00 0.00 ? 17 U   B "H1'"  1 
ATOM 538  H H3     . U   A 1 17 ? 10.201  12.143  -5.925  1.00 0.00 ? 17 U   B H3     1 
ATOM 539  H H5     . U   A 1 17 ? 11.708  8.309   -4.452  1.00 0.00 ? 17 U   B H5     1 
ATOM 540  H H6     . U   A 1 17 ? 9.745   7.311   -5.072  1.00 0.00 ? 17 U   B H6     1 
ATOM 541  P P      . A   A 1 18 ? 5.187   4.081   -5.884  1.00 0.00 ? 18 A   B P      1 
ATOM 542  O OP1    . A   A 1 18 ? 4.025   3.659   -6.785  1.00 0.00 ? 18 A   B OP1    1 
ATOM 543  O OP2    . A   A 1 18 ? 4.667   4.272   -4.456  1.00 0.00 ? 18 A   B OP2    1 
ATOM 544  O "O5'"  . A   A 1 18 ? 6.323   2.924   -5.907  1.00 0.00 ? 18 A   B "O5'"  1 
ATOM 545  C "C5'"  . A   A 1 18 ? 6.095   1.637   -5.307  1.00 0.00 ? 18 A   B "C5'"  1 
ATOM 546  C "C4'"  . A   A 1 18 ? 7.072   1.387   -4.137  1.00 0.00 ? 18 A   B "C4'"  1 
ATOM 547  O "O4'"  . A   A 1 18 ? 7.359   2.611   -3.423  1.00 0.00 ? 18 A   B "O4'"  1 
ATOM 548  C "C3'"  . A   A 1 18 ? 6.469   0.453   -3.077  1.00 0.00 ? 18 A   B "C3'"  1 
ATOM 549  O "O3'"  . A   A 1 18 ? 6.468   -0.952  -3.474  1.00 0.00 ? 18 A   B "O3'"  1 
ATOM 550  C "C2'"  . A   A 1 18 ? 7.296   0.829   -1.836  1.00 0.00 ? 18 A   B "C2'"  1 
ATOM 551  O "O2'"  . A   A 1 18 ? 8.527   0.131   -1.705  1.00 0.00 ? 18 A   B "O2'"  1 
ATOM 552  C "C1'"  . A   A 1 18 ? 7.635   2.311   -2.038  1.00 0.00 ? 18 A   B "C1'"  1 
ATOM 553  N N9     . A   A 1 18 ? 6.825   3.169   -1.127  1.00 0.00 ? 18 A   B N9     1 
ATOM 554  C C8     . A   A 1 18 ? 5.518   3.584   -1.274  1.00 0.00 ? 18 A   B C8     1 
ATOM 555  N N7     . A   A 1 18 ? 4.881   4.361   -0.335  1.00 0.00 ? 18 A   B N7     1 
ATOM 556  C C5     . A   A 1 18 ? 5.902   4.374   0.604   1.00 0.00 ? 18 A   B C5     1 
ATOM 557  C C6     . A   A 1 18 ? 5.933   4.945   1.923   1.00 0.00 ? 18 A   B C6     1 
ATOM 558  N N6     . A   A 1 18 ? 4.951   5.698   2.380   1.00 0.00 ? 18 A   B N6     1 
ATOM 559  N N1     . A   A 1 18 ? 6.962   4.734   2.711   1.00 0.00 ? 18 A   B N1     1 
ATOM 560  C C2     . A   A 1 18 ? 7.964   3.991   2.315   1.00 0.00 ? 18 A   B C2     1 
ATOM 561  N N3     . A   A 1 18 ? 8.154   3.421   1.150   1.00 0.00 ? 18 A   B N3     1 
ATOM 562  C C4     . A   A 1 18 ? 7.070   3.610   0.171   1.00 0.00 ? 18 A   B C4     1 
ATOM 563  H "H5'"  . A   A 1 18 ? 6.212   0.847   -6.069  1.00 0.00 ? 18 A   B "H5'"  1 
ATOM 564  H "H5''" . A   A 1 18 ? 5.042   1.563   -4.971  1.00 0.00 ? 18 A   B "H5''" 1 
ATOM 565  H "H4'"  . A   A 1 18 ? 8.023   0.981   -4.531  1.00 0.00 ? 18 A   B "H4'"  1 
ATOM 566  H "H3'"  . A   A 1 18 ? 5.422   0.747   -2.884  1.00 0.00 ? 18 A   B "H3'"  1 
ATOM 567  H "H2'"  . A   A 1 18 ? 6.652   0.659   -0.952  1.00 0.00 ? 18 A   B "H2'"  1 
ATOM 568  H "HO2'" . A   A 1 18 ? 8.956   0.497   -0.928  1.00 0.00 ? 18 A   B "HO2'" 1 
ATOM 569  H "H1'"  . A   A 1 18 ? 8.707   2.512   -1.845  1.00 0.00 ? 18 A   B "H1'"  1 
ATOM 570  H H8     . A   A 1 18 ? 4.945   3.053   -2.019  1.00 0.00 ? 18 A   B H8     1 
ATOM 571  H H61    . A   A 1 18 ? 5.063   6.076   3.328   1.00 0.00 ? 18 A   B H61    1 
ATOM 572  H H62    . A   A 1 18 ? 4.172   5.873   1.736   1.00 0.00 ? 18 A   B H62    1 
ATOM 573  H H2     . A   A 1 18 ? 8.642   3.742   3.117   1.00 0.00 ? 18 A   B H2     1 
ATOM 574  P P      . G   A 1 19 ? 7.643   -2.084  -3.464  1.00 0.00 ? 19 G   B P      1 
ATOM 575  O OP1    . G   A 1 19 ? 8.894   -1.543  -4.162  1.00 0.00 ? 19 G   B OP1    1 
ATOM 576  O OP2    . G   A 1 19 ? 7.148   -3.320  -4.218  1.00 0.00 ? 19 G   B OP2    1 
ATOM 577  O "O5'"  . G   A 1 19 ? 8.012   -2.504  -1.941  1.00 0.00 ? 19 G   B "O5'"  1 
ATOM 578  C "C5'"  . G   A 1 19 ? 7.026   -2.874  -0.964  1.00 0.00 ? 19 G   B "C5'"  1 
ATOM 579  C "C4'"  . G   A 1 19 ? 7.563   -2.552  0.442   1.00 0.00 ? 19 G   B "C4'"  1 
ATOM 580  O "O4'"  . G   A 1 19 ? 7.643   -1.122  0.619   1.00 0.00 ? 19 G   B "O4'"  1 
ATOM 581  C "C3'"  . G   A 1 19 ? 6.659   -3.026  1.588   1.00 0.00 ? 19 G   B "C3'"  1 
ATOM 582  O "O3'"  . G   A 1 19 ? 6.719   -4.466  1.800   1.00 0.00 ? 19 G   B "O3'"  1 
ATOM 583  C "C2'"  . G   A 1 19 ? 7.168   -2.117  2.725   1.00 0.00 ? 19 G   B "C2'"  1 
ATOM 584  O "O2'"  . G   A 1 19 ? 8.402   -2.518  3.311   1.00 0.00 ? 19 G   B "O2'"  1 
ATOM 585  C "C1'"  . G   A 1 19 ? 7.398   -0.779  1.999   1.00 0.00 ? 19 G   B "C1'"  1 
ATOM 586  N N9     . G   A 1 19 ? 6.225   0.137   2.161   1.00 0.00 ? 19 G   B N9     1 
ATOM 587  C C8     . G   A 1 19 ? 5.065   0.323   1.422   1.00 0.00 ? 19 G   B C8     1 
ATOM 588  N N7     . G   A 1 19 ? 4.100   1.229   1.821   1.00 0.00 ? 19 G   B N7     1 
ATOM 589  C C5     . G   A 1 19 ? 4.719   1.659   2.979   1.00 0.00 ? 19 G   B C5     1 
ATOM 590  C C6     . G   A 1 19 ? 4.190   2.702   3.991   1.00 0.00 ? 19 G   B C6     1 
ATOM 591  O O6     . G   A 1 19 ? 3.130   3.306   3.856   1.00 0.00 ? 19 G   B O6     1 
ATOM 592  N N1     . G   A 1 19 ? 4.990   2.902   5.073   1.00 0.00 ? 19 G   B N1     1 
ATOM 593  C C2     . G   A 1 19 ? 6.245   2.161   5.303   1.00 0.00 ? 19 G   B C2     1 
ATOM 594  N N2     . G   A 1 19 ? 6.966   2.366   6.490   1.00 0.00 ? 19 G   B N2     1 
ATOM 595  N N3     . G   A 1 19 ? 6.680   1.313   4.432   1.00 0.00 ? 19 G   B N3     1 
ATOM 596  C C4     . G   A 1 19 ? 5.973   1.002   3.213   1.00 0.00 ? 19 G   B C4     1 
ATOM 597  H "H5'"  . G   A 1 19 ? 6.793   -3.950  -1.066  1.00 0.00 ? 19 G   B "H5'"  1 
ATOM 598  H "H5''" . G   A 1 19 ? 6.083   -2.325  -1.144  1.00 0.00 ? 19 G   B "H5''" 1 
ATOM 599  H "H4'"  . G   A 1 19 ? 8.574   -2.990  0.556   1.00 0.00 ? 19 G   B "H4'"  1 
ATOM 600  H "H3'"  . G   A 1 19 ? 5.606   -2.752  1.393   1.00 0.00 ? 19 G   B "H3'"  1 
ATOM 601  H "H2'"  . G   A 1 19 ? 6.410   -2.062  3.521   1.00 0.00 ? 19 G   B "H2'"  1 
ATOM 602  H "HO2'" . G   A 1 19 ? 9.049   -2.505  2.602   1.00 0.00 ? 19 G   B "HO2'" 1 
ATOM 603  H "H1'"  . G   A 1 19 ? 8.286   -0.247  2.402   1.00 0.00 ? 19 G   B "H1'"  1 
ATOM 604  H H8     . G   A 1 19 ? 4.881   -0.300  0.552   1.00 0.00 ? 19 G   B H8     1 
ATOM 605  H H1     . G   A 1 19 ? 4.635   3.585   5.751   1.00 0.00 ? 19 G   B H1     1 
ATOM 606  H H21    . G   A 1 19 ? 6.615   3.043   7.177   1.00 0.00 ? 19 G   B H21    1 
ATOM 607  H H22    . G   A 1 19 ? 7.837   1.845   6.641   1.00 0.00 ? 19 G   B H22    1 
ATOM 608  P P      . C   A 1 20 ? 7.771   -5.367  2.655   1.00 0.00 ? 20 C   B P      1 
ATOM 609  O OP1    . C   A 1 20 ? 9.202   -5.080  2.194   1.00 0.00 ? 20 C   B OP1    1 
ATOM 610  O OP2    . C   A 1 20 ? 7.463   -6.849  2.426   1.00 0.00 ? 20 C   B OP2    1 
ATOM 611  O "O5'"  . C   A 1 20 ? 7.630   -5.025  4.231   1.00 0.00 ? 20 C   B "O5'"  1 
ATOM 612  C "C5'"  . C   A 1 20 ? 6.406   -5.203  4.957   1.00 0.00 ? 20 C   B "C5'"  1 
ATOM 613  C "C4'"  . C   A 1 20 ? 6.409   -4.278  6.185   1.00 0.00 ? 20 C   B "C4'"  1 
ATOM 614  O "O4'"  . C   A 1 20 ? 6.293   -2.905  5.772   1.00 0.00 ? 20 C   B "O4'"  1 
ATOM 615  C "C3'"  . C   A 1 20 ? 5.229   -4.523  7.131   1.00 0.00 ? 20 C   B "C3'"  1 
ATOM 616  O "O3'"  . C   A 1 20 ? 5.526   -5.625  8.027   1.00 0.00 ? 20 C   B "O3'"  1 
ATOM 617  C "C2'"  . C   A 1 20 ? 5.103   -3.154  7.814   1.00 0.00 ? 20 C   B "C2'"  1 
ATOM 618  O "O2'"  . C   A 1 20 ? 5.943   -3.059  8.962   1.00 0.00 ? 20 C   B "O2'"  1 
ATOM 619  C "C1'"  . C   A 1 20 ? 5.560   -2.134  6.751   1.00 0.00 ? 20 C   B "C1'"  1 
ATOM 620  N N1     . C   A 1 20 ? 4.420   -1.377  6.134   1.00 0.00 ? 20 C   B N1     1 
ATOM 621  C C2     . C   A 1 20 ? 3.864   -0.283  6.800   1.00 0.00 ? 20 C   B C2     1 
ATOM 622  O O2     . C   A 1 20 ? 4.283   0.092   7.894   1.00 0.00 ? 20 C   B O2     1 
ATOM 623  N N3     . C   A 1 20 ? 2.743   0.414   6.158   1.00 0.00 ? 20 C   B N3     1 
ATOM 624  C C4     . C   A 1 20 ? 2.245   0.038   5.022   1.00 0.00 ? 20 C   B C4     1 
ATOM 625  N N4     . C   A 1 20 ? 1.139   0.749   4.509   1.00 0.00 ? 20 C   B N4     1 
ATOM 626  C C5     . C   A 1 20 ? 2.769   -1.016  4.329   1.00 0.00 ? 20 C   B C5     1 
ATOM 627  C C6     . C   A 1 20 ? 3.821   -1.741  4.806   1.00 0.00 ? 20 C   B C6     1 
ATOM 628  H "H5'"  . C   A 1 20 ? 6.316   -6.261  5.262   1.00 0.00 ? 20 C   B "H5'"  1 
ATOM 629  H "H5''" . C   A 1 20 ? 5.533   -4.984  4.312   1.00 0.00 ? 20 C   B "H5''" 1 
ATOM 630  H "H4'"  . C   A 1 20 ? 7.359   -4.404  6.741   1.00 0.00 ? 20 C   B "H4'"  1 
ATOM 631  H "H3'"  . C   A 1 20 ? 4.290   -4.720  6.578   1.00 0.00 ? 20 C   B "H3'"  1 
ATOM 632  H "H2'"  . C   A 1 20 ? 4.063   -2.967  8.137   1.00 0.00 ? 20 C   B "H2'"  1 
ATOM 633  H "HO2'" . C   A 1 20 ? 5.830   -2.167  9.299   1.00 0.00 ? 20 C   B "HO2'" 1 
ATOM 634  H "H1'"  . C   A 1 20 ? 6.246   -1.394  7.201   1.00 0.00 ? 20 C   B "H1'"  1 
ATOM 635  H H41    . C   A 1 20 ? 0.747   1.523   5.057   1.00 0.00 ? 20 C   B H41    1 
ATOM 636  H H42    . C   A 1 20 ? 0.747   0.474   3.601   1.00 0.00 ? 20 C   B H42    1 
ATOM 637  H H5     . C   A 1 20 ? 2.364   -1.293  3.360   1.00 0.00 ? 20 C   B H5     1 
ATOM 638  H H6     . C   A 1 20 ? 4.216   -2.566  4.205   1.00 0.00 ? 20 C   B H6     1 
ATOM 639  P P      . U   A 1 21 ? 4.472   -6.791  8.481   1.00 0.00 ? 21 U   B P      1 
ATOM 640  O OP1    . U   A 1 21 ? 5.260   -8.014  8.951   1.00 0.00 ? 21 U   B OP1    1 
ATOM 641  O OP2    . U   A 1 21 ? 3.602   -7.192  7.287   1.00 0.00 ? 21 U   B OP2    1 
ATOM 642  O "O5'"  . U   A 1 21 ? 3.516   -6.291  9.693   1.00 0.00 ? 21 U   B "O5'"  1 
ATOM 643  C "C5'"  . U   A 1 21 ? 3.104   -4.932  9.787   1.00 0.00 ? 21 U   B "C5'"  1 
ATOM 644  C "C4'"  . U   A 1 21 ? 1.975   -4.690  10.789  1.00 0.00 ? 21 U   B "C4'"  1 
ATOM 645  O "O4'"  . U   A 1 21 ? 1.753   -3.263  10.904  1.00 0.00 ? 21 U   B "O4'"  1 
ATOM 646  C "C3'"  . U   A 1 21 ? 0.631   -5.286  10.349  1.00 0.00 ? 21 U   B "C3'"  1 
ATOM 647  O "O3'"  . U   A 1 21 ? 0.483   -6.669  10.715  1.00 0.00 ? 21 U   B "O3'"  1 
ATOM 648  C "C2'"  . U   A 1 21 ? -0.342  -4.346  11.060  1.00 0.00 ? 21 U   B "C2'"  1 
ATOM 649  O "O2'"  . U   A 1 21 ? -0.502  -4.666  12.440  1.00 0.00 ? 21 U   B "O2'"  1 
ATOM 650  C "C1'"  . U   A 1 21 ? 0.335   -2.971  10.919  1.00 0.00 ? 21 U   B "C1'"  1 
ATOM 651  N N1     . U   A 1 21 ? -0.123  -2.240  9.687   1.00 0.00 ? 21 U   B N1     1 
ATOM 652  C C2     . U   A 1 21 ? -1.315  -1.521  9.716   1.00 0.00 ? 21 U   B C2     1 
ATOM 653  O O2     . U   A 1 21 ? -1.996  -1.392  10.736  1.00 0.00 ? 21 U   B O2     1 
ATOM 654  N N3     . U   A 1 21 ? -1.793  -0.934  8.581   1.00 0.00 ? 21 U   B N3     1 
ATOM 655  C C4     . U   A 1 21 ? -1.209  -0.999  7.356   1.00 0.00 ? 21 U   B C4     1 
ATOM 656  O O4     . U   A 1 21 ? -1.698  -0.452  6.371   1.00 0.00 ? 21 U   B O4     1 
ATOM 657  C C5     . U   A 1 21 ? 0.113   -1.775  7.278   1.00 0.00 ? 21 U   B C5     1 
ATOM 658  C C6     . U   A 1 21 ? 0.620   -2.348  8.393   1.00 0.00 ? 21 U   B C6     1 
ATOM 659  H "H5'"  . U   A 1 21 ? 2.788   -4.589  8.786   1.00 0.00 ? 21 U   B "H5'"  1 
ATOM 660  H "H5''" . U   A 1 21 ? 3.974   -4.320  10.084  1.00 0.00 ? 21 U   B "H5''" 1 
ATOM 661  H "H4'"  . U   A 1 21 ? 2.260   -5.087  11.781  1.00 0.00 ? 21 U   B "H4'"  1 
ATOM 662  H "H3'"  . U   A 1 21 ? 0.489   -5.177  9.255   1.00 0.00 ? 21 U   B "H3'"  1 
ATOM 663  H "H2'"  . U   A 1 21 ? -1.332  -4.389  10.581  1.00 0.00 ? 21 U   B "H2'"  1 
ATOM 664  H "HO2'" . U   A 1 21 ? 0.374   -4.611  12.828  1.00 0.00 ? 21 U   B "HO2'" 1 
ATOM 665  H "H1'"  . U   A 1 21 ? 0.120   -2.333  11.799  1.00 0.00 ? 21 U   B "H1'"  1 
ATOM 666  H H3     . U   A 1 21 ? -2.679  -0.423  8.653   1.00 0.00 ? 21 U   B H3     1 
ATOM 667  H H5     . U   A 1 21 ? 0.633   -1.862  6.328   1.00 0.00 ? 21 U   B H5     1 
ATOM 668  H H6     . U   A 1 21 ? 1.562   -2.884  8.329   1.00 0.00 ? 21 U   B H6     1 
ATOM 669  P P      . C   A 1 22 ? -0.650  -7.612  10.031  1.00 0.00 ? 22 C   B P      1 
ATOM 670  O OP1    . C   A 1 22 ? -0.376  -9.076  10.381  1.00 0.00 ? 22 C   B OP1    1 
ATOM 671  O OP2    . C   A 1 22 ? -0.618  -7.442  8.511   1.00 0.00 ? 22 C   B OP2    1 
ATOM 672  O "O5'"  . C   A 1 22 ? -2.112  -7.186  10.572  1.00 0.00 ? 22 C   B "O5'"  1 
ATOM 673  C "C5'"  . C   A 1 22 ? -2.465  -7.273  11.959  1.00 0.00 ? 22 C   B "C5'"  1 
ATOM 674  C "C4'"  . C   A 1 22 ? -3.660  -6.358  12.284  1.00 0.00 ? 22 C   B "C4'"  1 
ATOM 675  O "O4'"  . C   A 1 22 ? -3.442  -5.019  11.789  1.00 0.00 ? 22 C   B "O4'"  1 
ATOM 676  C "C3'"  . C   A 1 22 ? -4.961  -6.811  11.620  1.00 0.00 ? 22 C   B "C3'"  1 
ATOM 677  O "O3'"  . C   A 1 22 ? -5.587  -7.886  12.348  1.00 0.00 ? 22 C   B "O3'"  1 
ATOM 678  C "C2'"  . C   A 1 22 ? -5.762  -5.512  11.625  1.00 0.00 ? 22 C   B "C2'"  1 
ATOM 679  O "O2'"  . C   A 1 22 ? -6.448  -5.313  12.858  1.00 0.00 ? 22 C   B "O2'"  1 
ATOM 680  C "C1'"  . C   A 1 22 ? -4.707  -4.404  11.427  1.00 0.00 ? 22 C   B "C1'"  1 
ATOM 681  N N1     . C   A 1 22 ? -4.701  -3.847  10.036  1.00 0.00 ? 22 C   B N1     1 
ATOM 682  C C2     . C   A 1 22 ? -5.641  -2.877  9.668   1.00 0.00 ? 22 C   B C2     1 
ATOM 683  O O2     . C   A 1 22 ? -6.521  -2.488  10.438  1.00 0.00 ? 22 C   B O2     1 
ATOM 684  N N3     . C   A 1 22 ? -5.560  -2.331  8.313   1.00 0.00 ? 22 C   B N3     1 
ATOM 685  C C4     . C   A 1 22 ? -4.670  -2.720  7.459   1.00 0.00 ? 22 C   B C4     1 
ATOM 686  N N4     . C   A 1 22 ? -4.633  -2.117  6.202   1.00 0.00 ? 22 C   B N4     1 
ATOM 687  C C5     . C   A 1 22 ? -3.756  -3.689  7.750   1.00 0.00 ? 22 C   B C5     1 
ATOM 688  C C6     . C   A 1 22 ? -3.708  -4.268  8.985   1.00 0.00 ? 22 C   B C6     1 
ATOM 689  H "H5'"  . C   A 1 22 ? -1.605  -6.987  12.590  1.00 0.00 ? 22 C   B "H5'"  1 
ATOM 690  H "H5''" . C   A 1 22 ? -2.693  -8.323  12.222  1.00 0.00 ? 22 C   B "H5''" 1 
ATOM 691  H "H4'"  . C   A 1 22 ? -3.794  -6.318  13.383  1.00 0.00 ? 22 C   B "H4'"  1 
ATOM 692  H "H3'"  . C   A 1 22 ? -4.792  -7.114  10.567  1.00 0.00 ? 22 C   B "H3'"  1 
ATOM 693  H "H2'"  . C   A 1 22 ? -6.503  -5.528  10.816  1.00 0.00 ? 22 C   B "H2'"  1 
ATOM 694  H "HO2'" . C   A 1 22 ? -6.898  -4.469  12.777  1.00 0.00 ? 22 C   B "HO2'" 1 
ATOM 695  H "H1'"  . C   A 1 22 ? -4.898  -3.556  12.110  1.00 0.00 ? 22 C   B "H1'"  1 
ATOM 696  H H41    . C   A 1 22 ? -5.317  -1.396  5.950   1.00 0.00 ? 22 C   B H41    1 
ATOM 697  H H42    . C   A 1 22 ? -3.849  -2.391  5.597   1.00 0.00 ? 22 C   B H42    1 
ATOM 698  H H5     . C   A 1 22 ? -3.054  -3.979  6.969   1.00 0.00 ? 22 C   B H5     1 
ATOM 699  H H6     . C   A 1 22 ? -2.940  -5.014  9.190   1.00 0.00 ? 22 C   B H6     1 
ATOM 700  P P      . C   A 1 23 ? -6.607  -8.945  11.659  1.00 0.00 ? 23 C   B P      1 
ATOM 701  O OP1    . C   A 1 23 ? -6.923  -10.063 12.655  1.00 0.00 ? 23 C   B OP1    1 
ATOM 702  O OP2    . C   A 1 23 ? -5.952  -9.554  10.416  1.00 0.00 ? 23 C   B OP2    1 
ATOM 703  O "O5'"  . C   A 1 23 ? -7.974  -8.196  11.230  1.00 0.00 ? 23 C   B "O5'"  1 
ATOM 704  C "C5'"  . C   A 1 23 ? -8.892  -7.658  12.195  1.00 0.00 ? 23 C   B "C5'"  1 
ATOM 705  C "C4'"  . C   A 1 23 ? -9.740  -6.524  11.589  1.00 0.00 ? 23 C   B "C4'"  1 
ATOM 706  O "O4'"  . C   A 1 23 ? -8.886  -5.526  11.003  1.00 0.00 ? 23 C   B "O4'"  1 
ATOM 707  C "C3'"  . C   A 1 23 ? -10.664 -6.975  10.453  1.00 0.00 ? 23 C   B "C3'"  1 
ATOM 708  O "O3'"  . C   A 1 23 ? -11.883 -7.549  10.969  1.00 0.00 ? 23 C   B "O3'"  1 
ATOM 709  C "C2'"  . C   A 1 23 ? -10.865 -5.667  9.683   1.00 0.00 ? 23 C   B "C2'"  1 
ATOM 710  O "O2'"  . C   A 1 23 ? -11.922 -4.880  10.227  1.00 0.00 ? 23 C   B "O2'"  1 
ATOM 711  C "C1'"  . C   A 1 23 ? -9.525  -4.919  9.855   1.00 0.00 ? 23 C   B "C1'"  1 
ATOM 712  N N1     . C   A 1 23 ? -8.664  -4.982  8.625   1.00 0.00 ? 23 C   B N1     1 
ATOM 713  C C2     . C   A 1 23 ? -8.830  -4.045  7.610   1.00 0.00 ? 23 C   B C2     1 
ATOM 714  O O2     . C   A 1 23 ? -9.702  -3.181  7.673   1.00 0.00 ? 23 C   B O2     1 
ATOM 715  N N3     . C   A 1 23 ? -7.944  -4.124  6.446   1.00 0.00 ? 23 C   B N3     1 
ATOM 716  C C4     . C   A 1 23 ? -7.067  -5.068  6.300   1.00 0.00 ? 23 C   B C4     1 
ATOM 717  N N4     . C   A 1 23 ? -6.303  -5.073  5.117   1.00 0.00 ? 23 C   B N4     1 
ATOM 718  C C5     . C   A 1 23 ? -6.873  -6.028  7.255   1.00 0.00 ? 23 C   B C5     1 
ATOM 719  C C6     . C   A 1 23 ? -7.614  -6.034  8.405   1.00 0.00 ? 23 C   B C6     1 
ATOM 720  H "H5'"  . C   A 1 23 ? -8.336  -7.266  13.068  1.00 0.00 ? 23 C   B "H5'"  1 
ATOM 721  H "H5''" . C   A 1 23 ? -9.539  -8.465  12.584  1.00 0.00 ? 23 C   B "H5''" 1 
ATOM 722  H "H4'"  . C   A 1 23 ? -10.341 -6.052  12.390  1.00 0.00 ? 23 C   B "H4'"  1 
ATOM 723  H "H3'"  . C   A 1 23 ? -10.158 -7.701  9.786   1.00 0.00 ? 23 C   B "H3'"  1 
ATOM 724  H "H2'"  . C   A 1 23 ? -11.112 -5.877  8.626   1.00 0.00 ? 23 C   B "H2'"  1 
ATOM 725  H "HO2'" . C   A 1 23 ? -11.918 -4.055  9.736   1.00 0.00 ? 23 C   B "HO2'" 1 
ATOM 726  H "H1'"  . C   A 1 23 ? -9.697  -3.851  10.098  1.00 0.00 ? 23 C   B "H1'"  1 
ATOM 727  H H41    . C   A 1 23 ? -6.464  -4.340  4.417   1.00 0.00 ? 23 C   B H41    1 
ATOM 728  H H42    . C   A 1 23 ? -5.600  -5.807  4.981   1.00 0.00 ? 23 C   B H42    1 
ATOM 729  H H5     . C   A 1 23 ? -6.107  -6.793  7.084   1.00 0.00 ? 23 C   B H5     1 
ATOM 730  H H6     . C   A 1 23 ? -7.442  -6.789  9.169   1.00 0.00 ? 23 C   B H6     1 
ATOM 731  P P      . G   A 1 24 ? -12.898 -8.438  10.069  1.00 0.00 ? 24 G   B P      1 
ATOM 732  O OP1    . G   A 1 24 ? -13.866 -9.185  10.990  1.00 0.00 ? 24 G   B OP1    1 
ATOM 733  O OP2    . G   A 1 24 ? -12.106 -9.458  9.246   1.00 0.00 ? 24 G   B OP2    1 
ATOM 734  O "O5'"  . G   A 1 24 ? -13.729 -7.482  9.070   1.00 0.00 ? 24 G   B "O5'"  1 
ATOM 735  C "C5'"  . G   A 1 24 ? -14.725 -6.554  9.527   1.00 0.00 ? 24 G   B "C5'"  1 
ATOM 736  C "C4'"  . G   A 1 24 ? -15.172 -5.623  8.385   1.00 0.00 ? 24 G   B "C4'"  1 
ATOM 737  O "O4'"  . G   A 1 24 ? -14.043 -4.885  7.862   1.00 0.00 ? 24 G   B "O4'"  1 
ATOM 738  C "C3'"  . G   A 1 24 ? -15.764 -6.382  7.187   1.00 0.00 ? 24 G   B "C3'"  1 
ATOM 739  O "O3'"  . G   A 1 24 ? -17.157 -6.678  7.383   1.00 0.00 ? 24 G   B "O3'"  1 
ATOM 740  C "C2'"  . G   A 1 24 ? -15.491 -5.412  6.037   1.00 0.00 ? 24 G   B "C2'"  1 
ATOM 741  O "O2'"  . G   A 1 24 ? -16.474 -4.384  5.948   1.00 0.00 ? 24 G   B "O2'"  1 
ATOM 742  C "C1'"  . G   A 1 24 ? -14.123 -4.809  6.417   1.00 0.00 ? 24 G   B "C1'"  1 
ATOM 743  N N9     . G   A 1 24 ? -12.981 -5.548  5.780   1.00 0.00 ? 24 G   B N9     1 
ATOM 744  C C8     . G   A 1 24 ? -12.099 -6.483  6.314   1.00 0.00 ? 24 G   B C8     1 
ATOM 745  N N7     . G   A 1 24 ? -11.184 -7.149  5.544   1.00 0.00 ? 24 G   B N7     1 
ATOM 746  C C5     . G   A 1 24 ? -11.512 -6.559  4.346   1.00 0.00 ? 24 G   B C5     1 
ATOM 747  C C6     . G   A 1 24 ? -10.885 -6.886  2.977   1.00 0.00 ? 24 G   B C6     1 
ATOM 748  O O6     . G   A 1 24 ? -10.016 -7.741  2.824   1.00 0.00 ? 24 G   B O6     1 
ATOM 749  N N1     . G   A 1 24 ? -11.378 -6.164  1.936   1.00 0.00 ? 24 G   B N1     1 
ATOM 750  C C2     . G   A 1 24 ? -12.440 -5.150  2.075   1.00 0.00 ? 24 G   B C2     1 
ATOM 751  N N2     . G   A 1 24 ? -12.857 -4.440  0.929   1.00 0.00 ? 24 G   B N2     1 
ATOM 752  N N3     . G   A 1 24 ? -12.981 -4.915  3.232   1.00 0.00 ? 24 G   B N3     1 
ATOM 753  C C4     . G   A 1 24 ? -12.568 -5.588  4.450   1.00 0.00 ? 24 G   B C4     1 
ATOM 754  H "H5'"  . G   A 1 24 ? -14.327 -5.954  10.366  1.00 0.00 ? 24 G   B "H5'"  1 
ATOM 755  H "H5''" . G   A 1 24 ? -15.593 -7.108  9.932   1.00 0.00 ? 24 G   B "H5''" 1 
ATOM 756  H "H4'"  . G   A 1 24 ? -15.917 -4.900  8.772   1.00 0.00 ? 24 G   B "H4'"  1 
ATOM 757  H "H3'"  . G   A 1 24 ? -15.203 -7.317  6.987   1.00 0.00 ? 24 G   B "H3'"  1 
ATOM 758  H "H2'"  . G   A 1 24 ? -15.477 -5.951  5.072   1.00 0.00 ? 24 G   B "H2'"  1 
ATOM 759  H "HO2'" . G   A 1 24 ? -17.307 -4.830  5.776   1.00 0.00 ? 24 G   B "HO2'" 1 
ATOM 760  H "H1'"  . G   A 1 24 ? -14.065 -3.750  6.102   1.00 0.00 ? 24 G   B "H1'"  1 
ATOM 761  H H8     . G   A 1 24 ? -12.139 -6.724  7.362   1.00 0.00 ? 24 G   B H8     1 
ATOM 762  H H1     . G   A 1 24 ? -10.952 -6.376  1.027   1.00 0.00 ? 24 G   B H1     1 
ATOM 763  H H21    . G   A 1 24 ? -12.414 -4.647  0.026   1.00 0.00 ? 24 G   B H21    1 
ATOM 764  H H22    . G   A 1 24 ? -13.590 -3.729  1.022   1.00 0.00 ? 24 G   B H22    1 
ATOM 765  P P      . A   A 1 25 ? -17.889 -7.931  6.658   1.00 0.00 ? 25 A   B P      1 
ATOM 766  O OP1    . A   A 1 25 ? -19.291 -8.110  7.248   1.00 0.00 ? 25 A   B OP1    1 
ATOM 767  O OP2    . A   A 1 25 ? -17.081 -9.210  6.893   1.00 0.00 ? 25 A   B OP2    1 
ATOM 768  O "O5'"  . A   A 1 25 ? -17.997 -7.652  5.070   1.00 0.00 ? 25 A   B "O5'"  1 
ATOM 769  C "C5'"  . A   A 1 25 ? -18.839 -6.616  4.543   1.00 0.00 ? 25 A   B "C5'"  1 
ATOM 770  C "C4'"  . A   A 1 25 ? -18.485 -6.288  3.083   1.00 0.00 ? 25 A   B "C4'"  1 
ATOM 771  O "O4'"  . A   A 1 25 ? -17.093 -5.916  2.972   1.00 0.00 ? 25 A   B "O4'"  1 
ATOM 772  C "C3'"  . A   A 1 25 ? -18.656 -7.471  2.119   1.00 0.00 ? 25 A   B "C3'"  1 
ATOM 773  O "O3'"  . A   A 1 25 ? -20.027 -7.681  1.735   1.00 0.00 ? 25 A   B "O3'"  1 
ATOM 774  C "C2'"  . A   A 1 25 ? -17.753 -7.030  0.966   1.00 0.00 ? 25 A   B "C2'"  1 
ATOM 775  O "O2'"  . A   A 1 25 ? -18.389 -6.088  0.105   1.00 0.00 ? 25 A   B "O2'"  1 
ATOM 776  C "C1'"  . A   A 1 25 ? -16.570 -6.367  1.698   1.00 0.00 ? 25 A   B "C1'"  1 
ATOM 777  N N9     . A   A 1 25 ? -15.430 -7.326  1.880   1.00 0.00 ? 25 A   B N9     1 
ATOM 778  C C8     . A   A 1 25 ? -15.051 -8.107  2.970   1.00 0.00 ? 25 A   B C8     1 
ATOM 779  N N7     . A   A 1 25 ? -14.013 -9.010  2.902   1.00 0.00 ? 25 A   B N7     1 
ATOM 780  C C5     . A   A 1 25 ? -13.654 -8.778  1.582   1.00 0.00 ? 25 A   B C5     1 
ATOM 781  C C6     . A   A 1 25 ? -12.597 -9.359  0.794   1.00 0.00 ? 25 A   B C6     1 
ATOM 782  N N6     . A   A 1 25 ? -11.803 -10.300 1.288   1.00 0.00 ? 25 A   B N6     1 
ATOM 783  N N1     . A   A 1 25 ? -12.407 -8.967  -0.451  1.00 0.00 ? 25 A   B N1     1 
ATOM 784  C C2     . A   A 1 25 ? -13.184 -8.049  -0.983  1.00 0.00 ? 25 A   B C2     1 
ATOM 785  N N3     . A   A 1 25 ? -14.192 -7.414  -0.446  1.00 0.00 ? 25 A   B N3     1 
ATOM 786  C C4     . A   A 1 25 ? -14.492 -7.763  0.947   1.00 0.00 ? 25 A   B C4     1 
ATOM 787  H "H5'"  . A   A 1 25 ? -18.737 -5.700  5.155   1.00 0.00 ? 25 A   B "H5'"  1 
ATOM 788  H "H5''" . A   A 1 25 ? -19.899 -6.920  4.624   1.00 0.00 ? 25 A   B "H5''" 1 
ATOM 789  H "H4'"  . A   A 1 25 ? -19.111 -5.439  2.744   1.00 0.00 ? 25 A   B "H4'"  1 
ATOM 790  H "H3'"  . A   A 1 25 ? -18.243 -8.402  2.554   1.00 0.00 ? 25 A   B "H3'"  1 
ATOM 791  H "H2'"  . A   A 1 25 ? -17.457 -7.900  0.353   1.00 0.00 ? 25 A   B "H2'"  1 
ATOM 792  H "HO2'" . A   A 1 25 ? -18.661 -5.359  0.667   1.00 0.00 ? 25 A   B "HO2'" 1 
ATOM 793  H "H1'"  . A   A 1 25 ? -16.199 -5.493  1.129   1.00 0.00 ? 25 A   B "H1'"  1 
ATOM 794  H H8     . A   A 1 25 ? -15.570 -7.996  3.910   1.00 0.00 ? 25 A   B H8     1 
ATOM 795  H H61    . A   A 1 25 ? -11.077 -10.664 0.662   1.00 0.00 ? 25 A   B H61    1 
ATOM 796  H H62    . A   A 1 25 ? -11.978 -10.586 2.258   1.00 0.00 ? 25 A   B H62    1 
ATOM 797  H H2     . A   A 1 25 ? -12.968 -7.798  -2.011  1.00 0.00 ? 25 A   B H2     1 
ATOM 798  P P      . G   A 1 26 ? -20.541 -9.077  1.074   1.00 0.00 ? 26 G   B P      1 
ATOM 799  O OP1    . G   A 1 26 ? -22.071 -9.095  1.061   1.00 0.00 ? 26 G   B OP1    1 
ATOM 800  O OP2    . G   A 1 26 ? -20.035 -10.260 1.904   1.00 0.00 ? 26 G   B OP2    1 
ATOM 801  O "O5'"  . G   A 1 26 ? -19.983 -9.210  -0.439  1.00 0.00 ? 26 G   B "O5'"  1 
ATOM 802  C "C5'"  . G   A 1 26 ? -20.426 -8.334  -1.484  1.00 0.00 ? 26 G   B "C5'"  1 
ATOM 803  C "C4'"  . G   A 1 26 ? -19.473 -8.343  -2.690  1.00 0.00 ? 26 G   B "C4'"  1 
ATOM 804  O "O4'"  . G   A 1 26 ? -18.130 -8.046  -2.249  1.00 0.00 ? 26 G   B "O4'"  1 
ATOM 805  C "C3'"  . G   A 1 26 ? -19.387 -9.698  -3.411  1.00 0.00 ? 26 G   B "C3'"  1 
ATOM 806  O "O3'"  . G   A 1 26 ? -20.439 -9.876  -4.379  1.00 0.00 ? 26 G   B "O3'"  1 
ATOM 807  C "C2'"  . G   A 1 26 ? -17.996 -9.612  -4.041  1.00 0.00 ? 26 G   B "C2'"  1 
ATOM 808  O "O2'"  . G   A 1 26 ? -18.001 -8.892  -5.271  1.00 0.00 ? 26 G   B "O2'"  1 
ATOM 809  C "C1'"  . G   A 1 26 ? -17.179 -8.846  -2.987  1.00 0.00 ? 26 G   B "C1'"  1 
ATOM 810  N N9     . G   A 1 26 ? -16.434 -9.784  -2.083  1.00 0.00 ? 26 G   B N9     1 
ATOM 811  C C8     . G   A 1 26 ? -16.725 -10.252 -0.807  1.00 0.00 ? 26 G   B C8     1 
ATOM 812  N N7     . G   A 1 26 ? -15.928 -11.182 -0.177  1.00 0.00 ? 26 G   B N7     1 
ATOM 813  C C5     . G   A 1 26 ? -15.004 -11.334 -1.190  1.00 0.00 ? 26 G   B C5     1 
ATOM 814  C C6     . G   A 1 26 ? -13.769 -12.263 -1.181  1.00 0.00 ? 26 G   B C6     1 
ATOM 815  O O6     . G   A 1 26 ? -13.462 -12.974 -0.228  1.00 0.00 ? 26 G   B O6     1 
ATOM 816  N N1     . G   A 1 26 ? -13.025 -12.242 -2.317  1.00 0.00 ? 26 G   B N1     1 
ATOM 817  C C2     . G   A 1 26 ? -13.337 -11.386 -3.473  1.00 0.00 ? 26 G   B C2     1 
ATOM 818  N N2     . G   A 1 26 ? -12.497 -11.435 -4.601  1.00 0.00 ? 26 G   B N2     1 
ATOM 819  N N3     . G   A 1 26 ? -14.371 -10.605 -3.462  1.00 0.00 ? 26 G   B N3     1 
ATOM 820  C C4     . G   A 1 26 ? -15.280 -10.515 -2.339  1.00 0.00 ? 26 G   B C4     1 
ATOM 821  H "H5'"  . G   A 1 26 ? -20.493 -7.302  -1.093  1.00 0.00 ? 26 G   B "H5'"  1 
ATOM 822  H "H5''" . G   A 1 26 ? -21.447 -8.619  -1.795  1.00 0.00 ? 26 G   B "H5''" 1 
ATOM 823  H "H4'"  . G   A 1 26 ? -19.791 -7.566  -3.412  1.00 0.00 ? 26 G   B "H4'"  1 
ATOM 824  H "H3'"  . G   A 1 26 ? -19.393 -10.536 -2.686  1.00 0.00 ? 26 G   B "H3'"  1 
ATOM 825  H "H2'"  . G   A 1 26 ? -17.606 -10.624 -4.240  1.00 0.00 ? 26 G   B "H2'"  1 
ATOM 826  H "HO2'" . G   A 1 26 ? -18.369 -8.027  -5.071  1.00 0.00 ? 26 G   B "HO2'" 1 
ATOM 827  H "H1'"  . G   A 1 26 ? -16.443 -8.177  -3.473  1.00 0.00 ? 26 G   B "H1'"  1 
ATOM 828  H H8     . G   A 1 26 ? -17.596 -9.875  -0.288  1.00 0.00 ? 26 G   B H8     1 
ATOM 829  H H1     . G   A 1 26 ? -12.208 -12.862 -2.308  1.00 0.00 ? 26 G   B H1     1 
ATOM 830  H H21    . G   A 1 26 ? -11.684 -12.061 -4.591  1.00 0.00 ? 26 G   B H21    1 
ATOM 831  H H22    . G   A 1 26 ? -12.714 -10.842 -5.410  1.00 0.00 ? 26 G   B H22    1 
ATOM 832  P P      . C   A 1 27 ? -20.905 -11.343 -4.907  1.00 0.00 ? 27 C   B P      1 
ATOM 833  O OP1    . C   A 1 27 ? -22.120 -11.185 -5.825  1.00 0.00 ? 27 C   B OP1    1 
ATOM 834  O OP2    . C   A 1 27 ? -21.292 -12.216 -3.712  1.00 0.00 ? 27 C   B OP2    1 
ATOM 835  O "O5'"  . C   A 1 27 ? -19.698 -12.060 -5.718  1.00 0.00 ? 27 C   B "O5'"  1 
ATOM 836  C "C5'"  . C   A 1 27 ? -19.233 -11.589 -6.992  1.00 0.00 ? 27 C   B "C5'"  1 
ATOM 837  C "C4'"  . C   A 1 27 ? -17.846 -12.164 -7.342  1.00 0.00 ? 27 C   B "C4'"  1 
ATOM 838  O "O4'"  . C   A 1 27 ? -16.911 -11.919 -6.268  1.00 0.00 ? 27 C   B "O4'"  1 
ATOM 839  C "C3'"  . C   A 1 27 ? -17.831 -13.685 -7.539  1.00 0.00 ? 27 C   B "C3'"  1 
ATOM 840  O "O3'"  . C   A 1 27 ? -18.268 -14.074 -8.855  1.00 0.00 ? 27 C   B "O3'"  1 
ATOM 841  C "C2'"  . C   A 1 27 ? -16.360 -14.006 -7.270  1.00 0.00 ? 27 C   B "C2'"  1 
ATOM 842  O "O2'"  . C   A 1 27 ? -15.539 -13.782 -8.413  1.00 0.00 ? 27 C   B "O2'"  1 
ATOM 843  C "C1'"  . C   A 1 27 ? -15.971 -13.019 -6.152  1.00 0.00 ? 27 C   B "C1'"  1 
ATOM 844  N N1     . C   A 1 27 ? -15.999 -13.662 -4.798  1.00 0.00 ? 27 C   B N1     1 
ATOM 845  C C2     . C   A 1 27 ? -14.957 -14.494 -4.391  1.00 0.00 ? 27 C   B C2     1 
ATOM 846  O O2     . C   A 1 27 ? -13.982 -14.707 -5.114  1.00 0.00 ? 27 C   B O2     1 
ATOM 847  N N3     . C   A 1 27 ? -15.054 -15.111 -3.060  1.00 0.00 ? 27 C   B N3     1 
ATOM 848  C C4     . C   A 1 27 ? -16.043 -14.875 -2.251  1.00 0.00 ? 27 C   B C4     1 
ATOM 849  N N4     . C   A 1 27 ? -16.017 -15.472 -0.974  1.00 0.00 ? 27 C   B N4     1 
ATOM 850  C C5     . C   A 1 27 ? -17.087 -14.069 -2.609  1.00 0.00 ? 27 C   B C5     1 
ATOM 851  C C6     . C   A 1 27 ? -17.129 -13.468 -3.834  1.00 0.00 ? 27 C   B C6     1 
ATOM 852  H "H5'"  . C   A 1 27 ? -19.176 -10.486 -6.984  1.00 0.00 ? 27 C   B "H5'"  1 
ATOM 853  H "H5''" . C   A 1 27 ? -19.968 -11.851 -7.776  1.00 0.00 ? 27 C   B "H5''" 1 
ATOM 854  H "H4'"  . C   A 1 27 ? -17.471 -11.670 -8.260  1.00 0.00 ? 27 C   B "H4'"  1 
ATOM 855  H "H3'"  . C   A 1 27 ? -18.448 -14.193 -6.771  1.00 0.00 ? 27 C   B "H3'"  1 
ATOM 856  H "H2'"  . C   A 1 27 ? -16.250 -15.064 -6.976  1.00 0.00 ? 27 C   B "H2'"  1 
ATOM 857  H "HO2'" . C   A 1 27 ? -15.847 -14.395 -9.085  1.00 0.00 ? 27 C   B "HO2'" 1 
ATOM 858  H "H1'"  . C   A 1 27 ? -14.950 -12.619 -6.315  1.00 0.00 ? 27 C   B "H1'"  1 
ATOM 859  H H41    . C   A 1 27 ? -15.224 -16.070 -0.720  1.00 0.00 ? 27 C   B H41    1 
ATOM 860  H H42    . C   A 1 27 ? -16.792 -15.294 -0.326  1.00 0.00 ? 27 C   B H42    1 
ATOM 861  H H5     . C   A 1 27 ? -17.915 -13.883 -1.924  1.00 0.00 ? 27 C   B H5     1 
ATOM 862  H H6     . C   A 1 27 ? -17.983 -12.851 -4.102  1.00 0.00 ? 27 C   B H6     1 
ATOM 863  P P      . C   A 1 28 ? -18.752 -15.587 -9.199  1.00 0.00 ? 28 C   B P      1 
ATOM 864  O OP1    . C   A 1 28 ? -19.253 -15.640 -10.645 1.00 0.00 ? 28 C   B OP1    1 
ATOM 865  O OP2    . C   A 1 28 ? -19.894 -15.984 -8.260  1.00 0.00 ? 28 C   B OP2    1 
ATOM 866  O "O5'"  . C   A 1 28 ? -17.522 -16.624 -9.007  1.00 0.00 ? 28 C   B "O5'"  1 
ATOM 867  C "C5'"  . C   A 1 28 ? -16.398 -16.660 -9.901  1.00 0.00 ? 28 C   B "C5'"  1 
ATOM 868  C "C4'"  . C   A 1 28 ? -15.234 -17.482 -9.313  1.00 0.00 ? 28 C   B "C4'"  1 
ATOM 869  O "O4'"  . C   A 1 28 ? -14.891 -17.011 -7.995  1.00 0.00 ? 28 C   B "O4'"  1 
ATOM 870  C "C3'"  . C   A 1 28 ? -15.563 -18.967 -9.126  1.00 0.00 ? 28 C   B "C3'"  1 
ATOM 871  O "O3'"  . C   A 1 28 ? -15.413 -19.703 -10.342 1.00 0.00 ? 28 C   B "O3'"  1 
ATOM 872  C "C2'"  . C   A 1 28 ? -14.566 -19.385 -8.047  1.00 0.00 ? 28 C   B "C2'"  1 
ATOM 873  O "O2'"  . C   A 1 28 ? -13.310 -19.777 -8.595  1.00 0.00 ? 28 C   B "O2'"  1 
ATOM 874  C "C1'"  . C   A 1 28 ? -14.382 -18.107 -7.192  1.00 0.00 ? 28 C   B "C1'"  1 
ATOM 875  N N1     . C   A 1 28 ? -15.084 -18.205 -5.871  1.00 0.00 ? 28 C   B N1     1 
ATOM 876  C C2     . C   A 1 28 ? -14.482 -18.864 -4.800  1.00 0.00 ? 28 C   B C2     1 
ATOM 877  O O2     . C   A 1 28 ? -13.347 -19.337 -4.883  1.00 0.00 ? 28 C   B O2     1 
ATOM 878  N N3     . C   A 1 28 ? -15.254 -18.993 -3.556  1.00 0.00 ? 28 C   B N3     1 
ATOM 879  C C4     . C   A 1 28 ? -16.448 -18.502 -3.420  1.00 0.00 ? 28 C   B C4     1 
ATOM 880  N N4     . C   A 1 28 ? -17.094 -18.673 -2.176  1.00 0.00 ? 28 C   B N4     1 
ATOM 881  C C5     . C   A 1 28 ? -17.075 -17.839 -4.441  1.00 0.00 ? 28 C   B C5     1 
ATOM 882  C C6     . C   A 1 28 ? -16.470 -17.673 -5.653  1.00 0.00 ? 28 C   B C6     1 
ATOM 883  H "H5'"  . C   A 1 28 ? -16.051 -15.633 -10.112 1.00 0.00 ? 28 C   B "H5'"  1 
ATOM 884  H "H5''" . C   A 1 28 ? -16.710 -17.078 -10.876 1.00 0.00 ? 28 C   B "H5''" 1 
ATOM 885  H "H4'"  . C   A 1 28 ? -14.348 -17.378 -9.970  1.00 0.00 ? 28 C   B "H4'"  1 
ATOM 886  H "H3'"  . C   A 1 28 ? -16.590 -19.108 -8.736  1.00 0.00 ? 28 C   B "H3'"  1 
ATOM 887  H "H2'"  . C   A 1 28 ? -14.966 -20.243 -7.471  1.00 0.00 ? 28 C   B "H2'"  1 
ATOM 888  H "HO2'" . C   A 1 28 ? -12.987 -19.017 -9.085  1.00 0.00 ? 28 C   B "HO2'" 1 
ATOM 889  H "H1'"  . C   A 1 28 ? -13.309 -17.912 -6.997  1.00 0.00 ? 28 C   B "H1'"  1 
ATOM 890  H H41    . C   A 1 28 ? -16.604 -19.173 -1.425  1.00 0.00 ? 28 C   B H41    1 
ATOM 891  H H42    . C   A 1 28 ? -18.039 -18.294 -2.050  1.00 0.00 ? 28 C   B H42    1 
ATOM 892  H H5     . C   A 1 28 ? -18.078 -17.428 -4.307  1.00 0.00 ? 28 C   B H5     1 
ATOM 893  H H6     . C   A 1 28 ? -17.000 -17.158 -6.454  1.00 0.00 ? 28 C   B H6     1 
ATOM 894  N N      . ARG B 2 1  ? 2.600   11.599  -0.963  1.00 0.00 ? 1  ARG A N      1 
ATOM 895  C CA     . ARG B 2 1  ? 3.502   10.537  -0.449  1.00 0.00 ? 1  ARG A CA     1 
ATOM 896  C C      . ARG B 2 1  ? 2.598   9.267   -0.264  1.00 0.00 ? 1  ARG A C      1 
ATOM 897  O O      . ARG B 2 1  ? 1.883   9.220   0.746   1.00 0.00 ? 1  ARG A O      1 
ATOM 898  C CB     . ARG B 2 1  ? 4.192   10.971  0.876   1.00 0.00 ? 1  ARG A CB     1 
ATOM 899  C CG     . ARG B 2 1  ? 5.089   12.228  0.759   1.00 0.00 ? 1  ARG A CG     1 
ATOM 900  C CD     . ARG B 2 1  ? 5.913   12.567  2.017   1.00 0.00 ? 1  ARG A CD     1 
ATOM 901  N NE     . ARG B 2 1  ? 7.228   11.880  2.050   1.00 0.00 ? 1  ARG A NE     1 
ATOM 902  C CZ     . ARG B 2 1  ? 8.174   12.099  2.984   1.00 0.00 ? 1  ARG A CZ     1 
ATOM 903  N NH1    . ARG B 2 1  ? 8.025   12.927  4.015   1.00 0.00 ? 1  ARG A NH1    1 
ATOM 904  N NH2    . ARG B 2 1  ? 9.320   11.457  2.874   1.00 0.00 ? 1  ARG A NH2    1 
ATOM 905  H H1     . ARG B 2 1  ? 3.083   12.505  -0.991  1.00 0.00 ? 1  ARG A H1     1 
ATOM 906  H H2     . ARG B 2 1  ? 1.813   11.731  -0.318  1.00 0.00 ? 1  ARG A H2     1 
ATOM 907  H HA     . ARG B 2 1  ? 4.316   10.357  -1.172  1.00 0.00 ? 1  ARG A HA     1 
ATOM 908  H HB2    . ARG B 2 1  ? 3.440   11.139  1.672   1.00 0.00 ? 1  ARG A HB2    1 
ATOM 909  H HB3    . ARG B 2 1  ? 4.812   10.127  1.237   1.00 0.00 ? 1  ARG A HB3    1 
ATOM 910  H HG2    . ARG B 2 1  ? 5.744   12.151  -0.129  1.00 0.00 ? 1  ARG A HG2    1 
ATOM 911  H HG3    . ARG B 2 1  ? 4.436   13.095  0.544   1.00 0.00 ? 1  ARG A HG3    1 
ATOM 912  H HD2    . ARG B 2 1  ? 6.083   13.659  2.035   1.00 0.00 ? 1  ARG A HD2    1 
ATOM 913  H HD3    . ARG B 2 1  ? 5.338   12.343  2.935   1.00 0.00 ? 1  ARG A HD3    1 
ATOM 914  H HH11   . ARG B 2 1  ? 7.127   13.417  4.082   1.00 0.00 ? 1  ARG A HH11   1 
ATOM 915  H HH12   . ARG B 2 1  ? 8.816   13.000  4.665   1.00 0.00 ? 1  ARG A HH12   1 
ATOM 916  H HH21   . ARG B 2 1  ? 9.422   10.830  2.067   1.00 0.00 ? 1  ARG A HH21   1 
ATOM 917  H HH22   . ARG B 2 1  ? 10.020  11.641  3.601   1.00 0.00 ? 1  ARG A HH22   1 
ATOM 918  N N      . PRO B 2 2  ? 2.535   8.241   -1.174  1.00 0.00 ? 2  PRO A N      1 
ATOM 919  C CA     . PRO B 2 2  ? 1.483   7.177   -1.118  1.00 0.00 ? 2  PRO A CA     1 
ATOM 920  C C      . PRO B 2 2  ? 1.672   6.091   -0.006  1.00 0.00 ? 2  PRO A C      1 
ATOM 921  O O      . PRO B 2 2  ? 2.457   6.252   0.930   1.00 0.00 ? 2  PRO A O      1 
ATOM 922  C CB     . PRO B 2 2  ? 1.543   6.616   -2.560  1.00 0.00 ? 2  PRO A CB     1 
ATOM 923  C CG     . PRO B 2 2  ? 2.962   6.857   -3.036  1.00 0.00 ? 2  PRO A CG     1 
ATOM 924  C CD     . PRO B 2 2  ? 3.260   8.236   -2.465  1.00 0.00 ? 2  PRO A CD     1 
ATOM 925  H HA     . PRO B 2 2  ? 0.489   7.629   -0.933  1.00 0.00 ? 2  PRO A HA     1 
ATOM 926  H HB2    . PRO B 2 2  ? 1.263   5.552   -2.649  1.00 0.00 ? 2  PRO A HB2    1 
ATOM 927  H HB3    . PRO B 2 2  ? 0.839   7.165   -3.212  1.00 0.00 ? 2  PRO A HB3    1 
ATOM 928  H HG2    . PRO B 2 2  ? 3.640   6.092   -2.610  1.00 0.00 ? 2  PRO A HG2    1 
ATOM 929  H HG3    . PRO B 2 2  ? 3.046   6.812   -4.136  1.00 0.00 ? 2  PRO A HG3    1 
ATOM 930  H HD2    . PRO B 2 2  ? 4.345   8.387   -2.365  1.00 0.00 ? 2  PRO A HD2    1 
ATOM 931  H HD3    . PRO B 2 2  ? 2.861   9.011   -3.149  1.00 0.00 ? 2  PRO A HD3    1 
ATOM 932  N N      . ARG B 2 3  ? 0.886   5.005   -0.115  1.00 0.00 ? 3  ARG A N      1 
ATOM 933  C CA     . ARG B 2 3  ? 1.004   3.797   0.746   1.00 0.00 ? 3  ARG A CA     1 
ATOM 934  C C      . ARG B 2 3  ? 1.078   2.575   -0.224  1.00 0.00 ? 3  ARG A C      1 
ATOM 935  O O      . ARG B 2 3  ? 0.050   1.942   -0.478  1.00 0.00 ? 3  ARG A O      1 
ATOM 936  C CB     . ARG B 2 3  ? -0.222  3.707   1.715   1.00 0.00 ? 3  ARG A CB     1 
ATOM 937  C CG     . ARG B 2 3  ? -0.125  4.603   2.972   1.00 0.00 ? 3  ARG A CG     1 
ATOM 938  C CD     . ARG B 2 3  ? -1.365  4.573   3.893   1.00 0.00 ? 3  ARG A CD     1 
ATOM 939  N NE     . ARG B 2 3  ? -2.511  5.332   3.327   1.00 0.00 ? 3  ARG A NE     1 
ATOM 940  C CZ     . ARG B 2 3  ? -3.584  5.743   4.032   1.00 0.00 ? 3  ARG A CZ     1 
ATOM 941  N NH1    . ARG B 2 3  ? -3.758  5.507   5.331   1.00 0.00 ? 3  ARG A NH1    1 
ATOM 942  N NH2    . ARG B 2 3  ? -4.524  6.420   3.396   1.00 0.00 ? 3  ARG A NH2    1 
ATOM 943  H H      . ARG B 2 3  ? 0.403   4.968   -1.020  1.00 0.00 ? 3  ARG A H      1 
ATOM 944  H HA     . ARG B 2 3  ? 1.923   3.836   1.369   1.00 0.00 ? 3  ARG A HA     1 
ATOM 945  H HB2    . ARG B 2 3  ? -1.157  3.934   1.165   1.00 0.00 ? 3  ARG A HB2    1 
ATOM 946  H HB3    . ARG B 2 3  ? -0.363  2.662   2.064   1.00 0.00 ? 3  ARG A HB3    1 
ATOM 947  H HG2    . ARG B 2 3  ? 0.744   4.270   3.567   1.00 0.00 ? 3  ARG A HG2    1 
ATOM 948  H HG3    . ARG B 2 3  ? 0.107   5.647   2.689   1.00 0.00 ? 3  ARG A HG3    1 
ATOM 949  H HD2    . ARG B 2 3  ? -1.664  3.529   4.104   1.00 0.00 ? 3  ARG A HD2    1 
ATOM 950  H HD3    . ARG B 2 3  ? -1.074  5.002   4.872   1.00 0.00 ? 3  ARG A HD3    1 
ATOM 951  H HH11   . ARG B 2 3  ? -3.015  4.983   5.807   1.00 0.00 ? 3  ARG A HH11   1 
ATOM 952  H HH12   . ARG B 2 3  ? -4.618  5.874   5.753   1.00 0.00 ? 3  ARG A HH12   1 
ATOM 953  H HH21   . ARG B 2 3  ? -4.375  6.585   2.394   1.00 0.00 ? 3  ARG A HH21   1 
ATOM 954  H HH22   . ARG B 2 3  ? -5.332  6.717   3.954   1.00 0.00 ? 3  ARG A HH22   1 
ATOM 955  N N      . GLY B 2 4  ? 2.278   2.240   -0.766  1.00 0.00 ? 4  GLY A N      1 
ATOM 956  C CA     . GLY B 2 4  ? 2.506   1.112   -1.718  1.00 0.00 ? 4  GLY A CA     1 
ATOM 957  C C      . GLY B 2 4  ? 1.754   -0.205  -1.469  1.00 0.00 ? 4  GLY A C      1 
ATOM 958  O O      . GLY B 2 4  ? 0.809   -0.544  -2.182  1.00 0.00 ? 4  GLY A O      1 
ATOM 959  H H      . GLY B 2 4  ? 3.056   2.877   -0.559  1.00 0.00 ? 4  GLY A H      1 
ATOM 960  H HA2    . GLY B 2 4  ? 2.299   1.458   -2.743  1.00 0.00 ? 4  GLY A HA2    1 
ATOM 961  H HA3    . GLY B 2 4  ? 3.589   0.892   -1.697  1.00 0.00 ? 4  GLY A HA3    1 
ATOM 962  N N      . THR B 2 5  ? 2.197   -0.914  -0.432  1.00 0.00 ? 5  THR A N      1 
ATOM 963  C CA     . THR B 2 5  ? 1.448   -2.077  0.122   1.00 0.00 ? 5  THR A CA     1 
ATOM 964  C C      . THR B 2 5  ? 0.510   -1.524  1.256   1.00 0.00 ? 5  THR A C      1 
ATOM 965  O O      . THR B 2 5  ? 0.568   -0.353  1.659   1.00 0.00 ? 5  THR A O      1 
ATOM 966  C CB     . THR B 2 5  ? 2.398   -3.182  0.696   1.00 0.00 ? 5  THR A CB     1 
ATOM 967  O OG1    . THR B 2 5  ? 3.247   -2.650  1.697   1.00 0.00 ? 5  THR A OG1    1 
ATOM 968  C CG2    . THR B 2 5  ? 3.317   -3.800  -0.352  1.00 0.00 ? 5  THR A CG2    1 
ATOM 969  H H      . THR B 2 5  ? 3.022   -0.492  0.005   1.00 0.00 ? 5  THR A H      1 
ATOM 970  H HA     . THR B 2 5  ? 0.840   -2.545  -0.676  1.00 0.00 ? 5  THR A HA     1 
ATOM 971  H HB     . THR B 2 5  ? 1.775   -3.986  1.132   1.00 0.00 ? 5  THR A HB     1 
ATOM 972  H HG1    . THR B 2 5  ? 2.668   -2.265  2.358   1.00 0.00 ? 5  THR A HG1    1 
ATOM 973  H HG21   . THR B 2 5  ? 2.728   -4.274  -1.153  1.00 0.00 ? 5  THR A HG21   1 
ATOM 974  H HG22   . THR B 2 5  ? 3.975   -3.036  -0.799  1.00 0.00 ? 5  THR A HG22   1 
ATOM 975  H HG23   . THR B 2 5  ? 3.958   -4.571  0.114   1.00 0.00 ? 5  THR A HG23   1 
ATOM 976  N N      . ARG B 2 6  ? -0.364  -2.396  1.776   1.00 0.00 ? 6  ARG A N      1 
ATOM 977  C CA     . ARG B 2 6  ? -1.158  -2.103  3.007   1.00 0.00 ? 6  ARG A CA     1 
ATOM 978  C C      . ARG B 2 6  ? -0.954  -3.213  4.107   1.00 0.00 ? 6  ARG A C      1 
ATOM 979  O O      . ARG B 2 6  ? -1.870  -3.457  4.895   1.00 0.00 ? 6  ARG A O      1 
ATOM 980  C CB     . ARG B 2 6  ? -2.647  -1.957  2.563   1.00 0.00 ? 6  ARG A CB     1 
ATOM 981  C CG     . ARG B 2 6  ? -3.421  -0.796  3.210   1.00 0.00 ? 6  ARG A CG     1 
ATOM 982  C CD     . ARG B 2 6  ? -4.947  -0.901  3.012   1.00 0.00 ? 6  ARG A CD     1 
ATOM 983  N NE     . ARG B 2 6  ? -5.351  -0.818  1.584   1.00 0.00 ? 6  ARG A NE     1 
ATOM 984  C CZ     . ARG B 2 6  ? -6.554  -0.417  1.141   1.00 0.00 ? 6  ARG A CZ     1 
ATOM 985  N NH1    . ARG B 2 6  ? -7.525  0.016   1.929   1.00 0.00 ? 6  ARG A NH1    1 
ATOM 986  N NH2    . ARG B 2 6  ? -6.788  -0.457  -0.153  1.00 0.00 ? 6  ARG A NH2    1 
ATOM 987  H H      . ARG B 2 6  ? -0.329  -3.336  1.367   1.00 0.00 ? 6  ARG A H      1 
ATOM 988  H HA     . ARG B 2 6  ? -0.830  -1.153  3.472   1.00 0.00 ? 6  ARG A HA     1 
ATOM 989  H HB2    . ARG B 2 6  ? -2.749  -1.836  1.466   1.00 0.00 ? 6  ARG A HB2    1 
ATOM 990  H HB3    . ARG B 2 6  ? -3.202  -2.885  2.785   1.00 0.00 ? 6  ARG A HB3    1 
ATOM 991  H HG2    . ARG B 2 6  ? -3.211  -0.779  4.294   1.00 0.00 ? 6  ARG A HG2    1 
ATOM 992  H HG3    . ARG B 2 6  ? -3.040  0.169   2.827   1.00 0.00 ? 6  ARG A HG3    1 
ATOM 993  H HD2    . ARG B 2 6  ? -5.309  -1.861  3.430   1.00 0.00 ? 6  ARG A HD2    1 
ATOM 994  H HD3    . ARG B 2 6  ? -5.432  -0.118  3.621   1.00 0.00 ? 6  ARG A HD3    1 
ATOM 995  H HH11   . ARG B 2 6  ? -7.322  0.042   2.935   1.00 0.00 ? 6  ARG A HH11   1 
ATOM 996  H HH12   . ARG B 2 6  ? -8.399  0.296   1.469   1.00 0.00 ? 6  ARG A HH12   1 
ATOM 997  H HH21   . ARG B 2 6  ? -6.023  -0.797  -0.748  1.00 0.00 ? 6  ARG A HH21   1 
ATOM 998  H HH22   . ARG B 2 6  ? -7.714  -0.146  -0.462  1.00 0.00 ? 6  ARG A HH22   1 
ATOM 999  N N      . GLY B 2 7  ? 0.238   -3.850  4.207   1.00 0.00 ? 7  GLY A N      1 
ATOM 1000 C CA     . GLY B 2 7  ? 0.561   -4.828  5.269   1.00 0.00 ? 7  GLY A CA     1 
ATOM 1001 C C      . GLY B 2 7  ? 0.111   -6.270  4.988   1.00 0.00 ? 7  GLY A C      1 
ATOM 1002 O O      . GLY B 2 7  ? -1.056  -6.528  4.678   1.00 0.00 ? 7  GLY A O      1 
ATOM 1003 H H      . GLY B 2 7  ? 0.934   -3.573  3.506   1.00 0.00 ? 7  GLY A H      1 
ATOM 1004 H HA2    . GLY B 2 7  ? 1.662   -4.788  5.398   1.00 0.00 ? 7  GLY A HA2    1 
ATOM 1005 H HA3    . GLY B 2 7  ? 0.136   -4.522  6.236   1.00 0.00 ? 7  GLY A HA3    1 
ATOM 1006 N N      . LYS B 2 8  ? 1.079   -7.200  5.114   1.00 0.00 ? 8  LYS A N      1 
ATOM 1007 C CA     . LYS B 2 8  ? 0.962   -8.641  4.715   1.00 0.00 ? 8  LYS A CA     1 
ATOM 1008 C C      . LYS B 2 8  ? 0.437   -8.846  3.241   1.00 0.00 ? 8  LYS A C      1 
ATOM 1009 O O      . LYS B 2 8  ? -0.358  -9.751  2.966   1.00 0.00 ? 8  LYS A O      1 
ATOM 1010 C CB     . LYS B 2 8  ? 0.083   -9.356  5.794   1.00 0.00 ? 8  LYS A CB     1 
ATOM 1011 C CG     . LYS B 2 8  ? 0.226   -10.894 5.848   1.00 0.00 ? 8  LYS A CG     1 
ATOM 1012 C CD     . LYS B 2 8  ? -0.561  -11.528 7.012   1.00 0.00 ? 8  LYS A CD     1 
ATOM 1013 C CE     . LYS B 2 8  ? -0.416  -13.060 7.056   1.00 0.00 ? 8  LYS A CE     1 
ATOM 1014 N NZ     . LYS B 2 8  ? -1.159  -13.640 8.189   1.00 0.00 ? 8  LYS A NZ     1 
ATOM 1015 H H      . LYS B 2 8  ? 1.987   -6.811  5.391   1.00 0.00 ? 8  LYS A H      1 
ATOM 1016 H HA     . LYS B 2 8  ? 1.981   -9.074  4.728   1.00 0.00 ? 8  LYS A HA     1 
ATOM 1017 H HB2    . LYS B 2 8  ? 0.370   -8.986  6.796   1.00 0.00 ? 8  LYS A HB2    1 
ATOM 1018 H HB3    . LYS B 2 8  ? -0.983  -9.080  5.674   1.00 0.00 ? 8  LYS A HB3    1 
ATOM 1019 H HG2    . LYS B 2 8  ? -0.107  -11.342 4.894   1.00 0.00 ? 8  LYS A HG2    1 
ATOM 1020 H HG3    . LYS B 2 8  ? 1.297   -11.157 5.944   1.00 0.00 ? 8  LYS A HG3    1 
ATOM 1021 H HD2    . LYS B 2 8  ? -0.215  -11.091 7.969   1.00 0.00 ? 8  LYS A HD2    1 
ATOM 1022 H HD3    . LYS B 2 8  ? -1.630  -11.255 6.922   1.00 0.00 ? 8  LYS A HD3    1 
ATOM 1023 H HE2    . LYS B 2 8  ? -0.784  -13.509 6.114   1.00 0.00 ? 8  LYS A HE2    1 
ATOM 1024 H HE3    . LYS B 2 8  ? 0.649   -13.345 7.141   1.00 0.00 ? 8  LYS A HE3    1 
ATOM 1025 H HZ1    . LYS B 2 8  ? -1.037  -14.659 8.204   1.00 0.00 ? 8  LYS A HZ1    1 
ATOM 1026 H HZ2    . LYS B 2 8  ? -0.768  -13.303 9.075   1.00 0.00 ? 8  LYS A HZ2    1 
ATOM 1027 N N      . GLY B 2 9  ? 0.952   -8.045  2.284   1.00 0.00 ? 9  GLY A N      1 
ATOM 1028 C CA     . GLY B 2 9  ? 0.676   -8.249  0.839   1.00 0.00 ? 9  GLY A CA     1 
ATOM 1029 C C      . GLY B 2 9  ? -0.678  -7.744  0.290   1.00 0.00 ? 9  GLY A C      1 
ATOM 1030 O O      . GLY B 2 9  ? -1.365  -8.472  -0.431  1.00 0.00 ? 9  GLY A O      1 
ATOM 1031 H H      . GLY B 2 9  ? 1.471   -7.224  2.644   1.00 0.00 ? 9  GLY A H      1 
ATOM 1032 H HA2    . GLY B 2 9  ? 1.481   -7.747  0.270   1.00 0.00 ? 9  GLY A HA2    1 
ATOM 1033 H HA3    . GLY B 2 9  ? 0.798   -9.320  0.585   1.00 0.00 ? 9  GLY A HA3    1 
ATOM 1034 N N      . ARG B 2 10 ? -1.014  -6.486  0.607   1.00 0.00 ? 10 ARG A N      1 
ATOM 1035 C CA     . ARG B 2 10 ? -2.154  -5.745  -0.006  1.00 0.00 ? 10 ARG A CA     1 
ATOM 1036 C C      . ARG B 2 10 ? -1.572  -4.707  -1.038  1.00 0.00 ? 10 ARG A C      1 
ATOM 1037 O O      . ARG B 2 10 ? -0.348  -4.610  -1.206  1.00 0.00 ? 10 ARG A O      1 
ATOM 1038 C CB     . ARG B 2 10 ? -2.952  -5.071  1.147   1.00 0.00 ? 10 ARG A CB     1 
ATOM 1039 C CG     . ARG B 2 10 ? -3.632  -5.929  2.252   1.00 0.00 ? 10 ARG A CG     1 
ATOM 1040 C CD     . ARG B 2 10 ? -4.939  -6.653  1.874   1.00 0.00 ? 10 ARG A CD     1 
ATOM 1041 N NE     . ARG B 2 10 ? -4.759  -7.800  0.944   1.00 0.00 ? 10 ARG A NE     1 
ATOM 1042 C CZ     . ARG B 2 10 ? -4.384  -9.043  1.305   1.00 0.00 ? 10 ARG A CZ     1 
ATOM 1043 N NH1    . ARG B 2 10 ? -4.106  -9.403  2.556   1.00 0.00 ? 10 ARG A NH1    1 
ATOM 1044 N NH2    . ARG B 2 10 ? -4.281  -9.959  0.359   1.00 0.00 ? 10 ARG A NH2    1 
ATOM 1045 H H      . ARG B 2 10 ? -0.331  -6.008  1.203   1.00 0.00 ? 10 ARG A H      1 
ATOM 1046 H HA     . ARG B 2 10 ? -2.830  -6.430  -0.552  1.00 0.00 ? 10 ARG A HA     1 
ATOM 1047 H HB2    . ARG B 2 10 ? -2.234  -4.420  1.666   1.00 0.00 ? 10 ARG A HB2    1 
ATOM 1048 H HB3    . ARG B 2 10 ? -3.711  -4.384  0.727   1.00 0.00 ? 10 ARG A HB3    1 
ATOM 1049 H HG2    . ARG B 2 10 ? -2.918  -6.647  2.698   1.00 0.00 ? 10 ARG A HG2    1 
ATOM 1050 H HG3    . ARG B 2 10 ? -3.882  -5.255  3.096   1.00 0.00 ? 10 ARG A HG3    1 
ATOM 1051 H HD2    . ARG B 2 10 ? -5.457  -6.986  2.797   1.00 0.00 ? 10 ARG A HD2    1 
ATOM 1052 H HD3    . ARG B 2 10 ? -5.643  -5.926  1.426   1.00 0.00 ? 10 ARG A HD3    1 
ATOM 1053 H HH11   . ARG B 2 10 ? -4.187  -8.673  3.274   1.00 0.00 ? 10 ARG A HH11   1 
ATOM 1054 H HH12   . ARG B 2 10 ? -3.828  -10.380 2.703   1.00 0.00 ? 10 ARG A HH12   1 
ATOM 1055 H HH21   . ARG B 2 10 ? -4.500  -9.658  -0.597  1.00 0.00 ? 10 ARG A HH21   1 
ATOM 1056 H HH22   . ARG B 2 10 ? -3.994  -10.898 0.658   1.00 0.00 ? 10 ARG A HH22   1 
ATOM 1057 N N      . ARG B 2 11 ? -2.415  -3.954  -1.784  1.00 0.00 ? 11 ARG A N      1 
ATOM 1058 C CA     . ARG B 2 11 ? -1.915  -2.993  -2.820  1.00 0.00 ? 11 ARG A CA     1 
ATOM 1059 C C      . ARG B 2 11 ? -2.879  -1.777  -2.913  1.00 0.00 ? 11 ARG A C      1 
ATOM 1060 O O      . ARG B 2 11 ? -4.068  -1.915  -3.220  1.00 0.00 ? 11 ARG A O      1 
ATOM 1061 C CB     . ARG B 2 11 ? -1.825  -3.646  -4.233  1.00 0.00 ? 11 ARG A CB     1 
ATOM 1062 C CG     . ARG B 2 11 ? -0.848  -4.832  -4.384  1.00 0.00 ? 11 ARG A CG     1 
ATOM 1063 C CD     . ARG B 2 11 ? -0.704  -5.317  -5.841  1.00 0.00 ? 11 ARG A CD     1 
ATOM 1064 N NE     . ARG B 2 11 ? 0.147   -6.529  -5.950  1.00 0.00 ? 11 ARG A NE     1 
ATOM 1065 C CZ     . ARG B 2 11 ? 1.488   -6.529  -6.092  1.00 0.00 ? 11 ARG A CZ     1 
ATOM 1066 N NH1    . ARG B 2 11 ? 2.234   -5.427  -6.143  1.00 0.00 ? 11 ARG A NH1    1 
ATOM 1067 N NH2    . ARG B 2 11 ? 2.100   -7.695  -6.184  1.00 0.00 ? 11 ARG A NH2    1 
ATOM 1068 H H      . ARG B 2 11 ? -3.408  -4.008  -1.540  1.00 0.00 ? 11 ARG A H      1 
ATOM 1069 H HA     . ARG B 2 11 ? -0.897  -2.643  -2.534  1.00 0.00 ? 11 ARG A HA     1 
ATOM 1070 H HB2    . ARG B 2 11 ? -2.830  -3.960  -4.573  1.00 0.00 ? 11 ARG A HB2    1 
ATOM 1071 H HB3    . ARG B 2 11 ? -1.515  -2.864  -4.954  1.00 0.00 ? 11 ARG A HB3    1 
ATOM 1072 H HG2    . ARG B 2 11 ? 0.145   -4.543  -3.990  1.00 0.00 ? 11 ARG A HG2    1 
ATOM 1073 H HG3    . ARG B 2 11 ? -1.194  -5.671  -3.752  1.00 0.00 ? 11 ARG A HG3    1 
ATOM 1074 H HD2    . ARG B 2 11 ? -1.702  -5.564  -6.248  1.00 0.00 ? 11 ARG A HD2    1 
ATOM 1075 H HD3    . ARG B 2 11 ? -0.322  -4.502  -6.487  1.00 0.00 ? 11 ARG A HD3    1 
ATOM 1076 H HH11   . ARG B 2 11 ? 1.739   -4.531  -6.067  1.00 0.00 ? 11 ARG A HH11   1 
ATOM 1077 H HH12   . ARG B 2 11 ? 3.245   -5.562  -6.254  1.00 0.00 ? 11 ARG A HH12   1 
ATOM 1078 H HH21   . ARG B 2 11 ? 1.506   -8.530  -6.143  1.00 0.00 ? 11 ARG A HH21   1 
ATOM 1079 H HH22   . ARG B 2 11 ? 3.120   -7.672  -6.293  1.00 0.00 ? 11 ARG A HH22   1 
ATOM 1080 N N      . ILE B 2 12 ? -2.313  -0.577  -2.693  1.00 0.00 ? 12 ILE A N      1 
ATOM 1081 C CA     . ILE B 2 12 ? -2.995  0.736   -2.938  1.00 0.00 ? 12 ILE A CA     1 
ATOM 1082 C C      . ILE B 2 12 ? -1.888  1.811   -3.277  1.00 0.00 ? 12 ILE A C      1 
ATOM 1083 O O      . ILE B 2 12 ? -0.684  1.601   -3.098  1.00 0.00 ? 12 ILE A O      1 
ATOM 1084 C CB     . ILE B 2 12 ? -3.922  1.021   -1.681  1.00 0.00 ? 12 ILE A CB     1 
ATOM 1085 C CG1    . ILE B 2 12 ? -5.098  1.997   -2.022  1.00 0.00 ? 12 ILE A CG1    1 
ATOM 1086 C CG2    . ILE B 2 12 ? -3.125  1.534   -0.448  1.00 0.00 ? 12 ILE A CG2    1 
ATOM 1087 C CD1    . ILE B 2 12 ? -4.900  3.519   -2.104  1.00 0.00 ? 12 ILE A CD1    1 
ATOM 1088 H H      . ILE B 2 12 ? -1.339  -0.641  -2.379  1.00 0.00 ? 12 ILE A H      1 
ATOM 1089 H HA     . ILE B 2 12 ? -3.621  0.638   -3.848  1.00 0.00 ? 12 ILE A HA     1 
ATOM 1090 H HB     . ILE B 2 12 ? -4.422  0.080   -1.385  1.00 0.00 ? 12 ILE A HB     1 
ATOM 1091 H HG12   . ILE B 2 12 ? -5.598  1.665   -2.949  1.00 0.00 ? 12 ILE A HG12   1 
ATOM 1092 H HG13   . ILE B 2 12 ? -5.876  1.838   -1.255  1.00 0.00 ? 12 ILE A HG13   1 
ATOM 1093 H HG21   . ILE B 2 12 ? -2.371  0.796   -0.121  1.00 0.00 ? 12 ILE A HG21   1 
ATOM 1094 H HG22   . ILE B 2 12 ? -2.595  2.486   -0.631  1.00 0.00 ? 12 ILE A HG22   1 
ATOM 1095 H HG23   . ILE B 2 12 ? -3.784  1.697   0.423   1.00 0.00 ? 12 ILE A HG23   1 
ATOM 1096 H HD11   . ILE B 2 12 ? -4.089  3.881   -1.453  1.00 0.00 ? 12 ILE A HD11   1 
ATOM 1097 H HD12   . ILE B 2 12 ? -4.691  3.850   -3.133  1.00 0.00 ? 12 ILE A HD12   1 
ATOM 1098 H HD13   . ILE B 2 12 ? -5.804  4.068   -1.787  1.00 0.00 ? 12 ILE A HD13   1 
ATOM 1099 N N      . ARG B 2 13 ? -2.299  2.973   -3.813  1.00 0.00 ? 13 ARG A N      1 
ATOM 1100 C CA     . ARG B 2 13 ? -1.405  4.156   -3.977  1.00 0.00 ? 13 ARG A CA     1 
ATOM 1101 C C      . ARG B 2 13 ? -2.229  5.402   -3.532  1.00 0.00 ? 13 ARG A C      1 
ATOM 1102 O O      . ARG B 2 13 ? -3.161  5.826   -4.222  1.00 0.00 ? 13 ARG A O      1 
ATOM 1103 C CB     . ARG B 2 13 ? -0.897  4.259   -5.447  1.00 0.00 ? 13 ARG A CB     1 
ATOM 1104 C CG     . ARG B 2 13 ? 0.217   5.312   -5.642  1.00 0.00 ? 13 ARG A CG     1 
ATOM 1105 C CD     . ARG B 2 13 ? 0.882   5.306   -7.029  1.00 0.00 ? 13 ARG A CD     1 
ATOM 1106 N NE     . ARG B 2 13 ? 1.896   6.388   -7.106  1.00 0.00 ? 13 ARG A NE     1 
ATOM 1107 C CZ     . ARG B 2 13 ? 2.839   6.501   -8.061  1.00 0.00 ? 13 ARG A CZ     1 
ATOM 1108 N NH1    . ARG B 2 13 ? 2.980   5.644   -9.071  1.00 0.00 ? 13 ARG A NH1    1 
ATOM 1109 N NH2    . ARG B 2 13 ? 3.677   7.519   -7.989  1.00 0.00 ? 13 ARG A NH2    1 
ATOM 1110 H H      . ARG B 2 13 ? -3.320  3.066   -3.855  1.00 0.00 ? 13 ARG A H      1 
ATOM 1111 H HA     . ARG B 2 13 ? -0.517  4.051   -3.319  1.00 0.00 ? 13 ARG A HA     1 
ATOM 1112 H HB2    . ARG B 2 13 ? -0.496  3.276   -5.759  1.00 0.00 ? 13 ARG A HB2    1 
ATOM 1113 H HB3    . ARG B 2 13 ? -1.736  4.466   -6.139  1.00 0.00 ? 13 ARG A HB3    1 
ATOM 1114 H HG2    . ARG B 2 13 ? -0.193  6.317   -5.425  1.00 0.00 ? 13 ARG A HG2    1 
ATOM 1115 H HG3    . ARG B 2 13 ? 1.005   5.135   -4.887  1.00 0.00 ? 13 ARG A HG3    1 
ATOM 1116 H HD2    . ARG B 2 13 ? 1.355   4.320   -7.205  1.00 0.00 ? 13 ARG A HD2    1 
ATOM 1117 H HD3    . ARG B 2 13 ? 0.126   5.442   -7.826  1.00 0.00 ? 13 ARG A HD3    1 
ATOM 1118 H HH11   . ARG B 2 13 ? 2.324   4.856   -9.102  1.00 0.00 ? 13 ARG A HH11   1 
ATOM 1119 H HH12   . ARG B 2 13 ? 3.748   5.830   -9.726  1.00 0.00 ? 13 ARG A HH12   1 
ATOM 1120 H HH21   . ARG B 2 13 ? 3.545   8.169   -7.206  1.00 0.00 ? 13 ARG A HH21   1 
ATOM 1121 H HH22   . ARG B 2 13 ? 4.390   7.578   -8.723  1.00 0.00 ? 13 ARG A HH22   1 
ATOM 1122 N N      . ARG B 2 14 ? -1.867  5.953   -2.350  1.00 0.00 ? 14 ARG A N      1 
ATOM 1123 C CA     . ARG B 2 14 ? -2.515  7.123   -1.673  1.00 0.00 ? 14 ARG A CA     1 
ATOM 1124 C C      . ARG B 2 14 ? -3.872  6.664   -1.078  1.00 0.00 ? 14 ARG A C      1 
ATOM 1125 O O      . ARG B 2 14 ? -3.880  6.212   0.089   1.00 0.00 ? 14 ARG A O      1 
ATOM 1126 C CB     . ARG B 2 14 ? -2.709  8.374   -2.592  1.00 0.00 ? 14 ARG A CB     1 
ATOM 1127 C CG     . ARG B 2 14 ? -1.416  8.974   -3.192  1.00 0.00 ? 14 ARG A CG     1 
ATOM 1128 C CD     . ARG B 2 14 ? -1.591  10.357  -3.849  1.00 0.00 ? 14 ARG A CD     1 
ATOM 1129 N NE     . ARG B 2 14 ? -1.725  11.435  -2.835  1.00 0.00 ? 14 ARG A NE     1 
ATOM 1130 C CZ     . ARG B 2 14 ? -1.936  12.733  -3.118  1.00 0.00 ? 14 ARG A CZ     1 
ATOM 1131 N NH1    . ARG B 2 14 ? -2.065  13.215  -4.353  1.00 0.00 ? 14 ARG A NH1    1 
ATOM 1132 N NH2    . ARG B 2 14 ? -2.018  13.579  -2.108  1.00 0.00 ? 14 ARG A NH2    1 
ATOM 1133 O OXT    . ARG B 2 14 ? -4.923  6.732   -1.760  1.00 0.00 ? 14 ARG A OXT    1 
ATOM 1134 H H      . ARG B 2 14 ? -1.082  5.469   -1.902  1.00 0.00 ? 14 ARG A H      1 
ATOM 1135 H HA     . ARG B 2 14 ? -1.870  7.417   -0.824  1.00 0.00 ? 14 ARG A HA     1 
ATOM 1136 H HB2    . ARG B 2 14 ? -3.423  8.167   -3.411  1.00 0.00 ? 14 ARG A HB2    1 
ATOM 1137 H HB3    . ARG B 2 14 ? -3.204  9.157   -1.987  1.00 0.00 ? 14 ARG A HB3    1 
ATOM 1138 H HG2    . ARG B 2 14 ? -0.623  9.028   -2.423  1.00 0.00 ? 14 ARG A HG2    1 
ATOM 1139 H HG3    . ARG B 2 14 ? -1.030  8.276   -3.958  1.00 0.00 ? 14 ARG A HG3    1 
ATOM 1140 H HD2    . ARG B 2 14 ? -0.708  10.567  -4.481  1.00 0.00 ? 14 ARG A HD2    1 
ATOM 1141 H HD3    . ARG B 2 14 ? -2.461  10.350  -4.532  1.00 0.00 ? 14 ARG A HD3    1 
ATOM 1142 H HH11   . ARG B 2 14 ? -2.003  12.536  -5.121  1.00 0.00 ? 14 ARG A HH11   1 
ATOM 1143 H HH12   . ARG B 2 14 ? -2.223  14.225  -4.437  1.00 0.00 ? 14 ARG A HH12   1 
ATOM 1144 H HH21   . ARG B 2 14 ? -1.913  13.181  -1.168  1.00 0.00 ? 14 ARG A HH21   1 
ATOM 1145 H HH22   . ARG B 2 14 ? -2.173  14.565  -2.344  1.00 0.00 ? 14 ARG A HH22   1 
# 
